data_6EUR
#
_entry.id   6EUR
#
_cell.length_a   91.420
_cell.length_b   99.460
_cell.length_c   166.200
_cell.angle_alpha   90.00
_cell.angle_beta   90.00
_cell.angle_gamma   90.00
#
_symmetry.space_group_name_H-M   'P 21 21 21'
#
loop_
_entity.id
_entity.type
_entity.pdbx_description
1 polymer 'L-lysine 4-hydroxylase'
2 non-polymer 'FE (III) ION'
3 non-polymer '2-OXOGLUTARIC ACID'
4 non-polymer GLYCEROL
5 water water
#
_entity_poly.entity_id   1
_entity_poly.type   'polypeptide(L)'
_entity_poly.pdbx_seq_one_letter_code
;MKSQSIMSVERSAETSLTLEIPTSPLIIKITQQERNILSNVGNLLVKAFGNYENPDYIASLHLHAFQLLPERITRILSQF
GSDFSAEQYGAIVFQGLIEVDQDDLGPTPPNWQGADYGKLNKYGFICSLLHGAVPSKPVQYYAQRKGGGLLHAVIPDEKM
AATQTGSGSKTDLFVHTEDAFLSNQADFLSFLYLRNEERVPSTLYSIRSHGKMNPVMKKLFEPIYQCPKDANYNDEDVAN
SGPTASVLYGNRELPFIRFDAAEQIFNENAGQTSEALGNLMDFWDEAKTLINSDYIPNSGDLIFVNNHLCAHGRSAFIAG
QRIENGEIIKCERRQMLRMMSKTSLIHIRSVTRTDDPYFIMEEHLGKIFDLD
;
_entity_poly.pdbx_strand_id   A,B,C,D
#
# COMPACT_ATOMS: atom_id res chain seq x y z
N LEU A 19 26.50 1.87 28.44
CA LEU A 19 25.10 2.13 28.77
C LEU A 19 24.82 3.59 29.08
N GLU A 20 23.82 4.16 28.38
CA GLU A 20 23.31 5.49 28.64
C GLU A 20 22.03 5.31 29.48
N ILE A 21 22.17 5.38 30.83
CA ILE A 21 21.10 5.30 31.81
C ILE A 21 20.13 6.49 31.59
N PRO A 22 18.82 6.25 31.34
CA PRO A 22 17.90 7.38 31.12
C PRO A 22 17.53 8.06 32.42
N THR A 23 17.71 9.39 32.48
CA THR A 23 17.37 10.15 33.70
C THR A 23 16.19 11.10 33.49
N SER A 24 15.75 11.23 32.23
N SER A 24 15.75 11.24 32.22
CA SER A 24 14.65 12.14 31.86
CA SER A 24 14.67 12.16 31.83
C SER A 24 13.79 11.54 30.71
C SER A 24 13.79 11.55 30.70
N PRO A 25 12.50 11.94 30.56
CA PRO A 25 11.69 11.40 29.45
C PRO A 25 12.08 11.95 28.09
N LEU A 26 11.67 11.27 27.00
CA LEU A 26 11.88 11.76 25.65
C LEU A 26 10.90 12.94 25.46
N ILE A 27 11.40 14.09 24.94
CA ILE A 27 10.60 15.28 24.66
C ILE A 27 10.37 15.36 23.18
N ILE A 28 9.10 15.39 22.75
CA ILE A 28 8.71 15.51 21.34
C ILE A 28 8.01 16.83 21.19
N LYS A 29 8.54 17.70 20.35
CA LYS A 29 7.89 18.99 20.08
C LYS A 29 6.94 18.76 18.90
N ILE A 30 5.62 18.75 19.17
CA ILE A 30 4.61 18.58 18.13
C ILE A 30 4.59 19.83 17.24
N THR A 31 4.52 19.64 15.91
CA THR A 31 4.54 20.75 14.94
C THR A 31 3.12 21.29 14.73
N GLN A 32 3.01 22.47 14.11
CA GLN A 32 1.74 23.09 13.78
C GLN A 32 0.92 22.21 12.84
N GLN A 33 1.56 21.60 11.81
CA GLN A 33 0.90 20.71 10.86
C GLN A 33 0.34 19.48 11.57
N GLU A 34 1.13 18.86 12.47
CA GLU A 34 0.69 17.72 13.27
C GLU A 34 -0.51 18.05 14.14
N ARG A 35 -0.46 19.22 14.81
CA ARG A 35 -1.51 19.77 15.66
C ARG A 35 -2.80 19.95 14.85
N ASN A 36 -2.70 20.52 13.64
CA ASN A 36 -3.82 20.72 12.73
C ASN A 36 -4.43 19.40 12.19
N ILE A 37 -3.60 18.39 11.90
CA ILE A 37 -4.07 17.05 11.50
C ILE A 37 -4.90 16.44 12.65
N LEU A 38 -4.34 16.40 13.87
CA LEU A 38 -5.00 15.86 15.06
C LEU A 38 -6.37 16.49 15.31
N SER A 39 -6.44 17.83 15.20
CA SER A 39 -7.68 18.60 15.37
C SER A 39 -8.73 18.23 14.33
N ASN A 40 -8.37 18.19 13.03
CA ASN A 40 -9.29 17.82 11.96
C ASN A 40 -9.78 16.38 12.12
N VAL A 41 -8.86 15.45 12.40
CA VAL A 41 -9.14 14.03 12.65
C VAL A 41 -10.06 13.83 13.89
N GLY A 42 -9.82 14.65 14.93
CA GLY A 42 -10.65 14.64 16.13
C GLY A 42 -12.08 15.03 15.78
N ASN A 43 -12.25 16.16 15.04
CA ASN A 43 -13.56 16.68 14.57
C ASN A 43 -14.34 15.66 13.72
N LEU A 44 -13.62 15.03 12.78
CA LEU A 44 -14.09 13.99 11.86
C LEU A 44 -14.68 12.79 12.61
N LEU A 45 -13.92 12.28 13.63
CA LEU A 45 -14.31 11.14 14.47
C LEU A 45 -15.54 11.45 15.31
N VAL A 46 -15.65 12.71 15.81
CA VAL A 46 -16.80 13.20 16.56
C VAL A 46 -18.06 13.11 15.67
N LYS A 47 -17.98 13.64 14.44
CA LYS A 47 -19.06 13.60 13.44
C LYS A 47 -19.43 12.17 13.06
N ALA A 48 -18.42 11.32 12.78
CA ALA A 48 -18.59 9.91 12.41
C ALA A 48 -19.13 8.99 13.52
N PHE A 49 -18.61 9.09 14.77
CA PHE A 49 -18.96 8.16 15.85
C PHE A 49 -19.67 8.74 17.05
N GLY A 50 -19.86 10.05 17.07
CA GLY A 50 -20.53 10.69 18.19
C GLY A 50 -19.63 10.87 19.39
N ASN A 51 -19.16 9.75 19.99
CA ASN A 51 -18.27 9.76 21.16
C ASN A 51 -17.24 8.63 21.12
N TYR A 52 -16.11 8.80 21.84
CA TYR A 52 -14.97 7.87 21.88
C TYR A 52 -15.26 6.54 22.57
N GLU A 53 -16.45 6.41 23.20
CA GLU A 53 -16.87 5.19 23.86
C GLU A 53 -17.82 4.38 22.97
N ASN A 54 -18.02 4.83 21.71
CA ASN A 54 -18.83 4.14 20.73
C ASN A 54 -18.22 2.75 20.46
N PRO A 55 -19.01 1.66 20.65
CA PRO A 55 -18.46 0.30 20.46
C PRO A 55 -17.90 0.04 19.06
N ASP A 56 -18.44 0.71 18.02
CA ASP A 56 -17.96 0.59 16.64
C ASP A 56 -16.57 1.19 16.49
N TYR A 57 -16.34 2.35 17.10
CA TYR A 57 -15.07 3.04 17.09
C TYR A 57 -14.01 2.26 17.88
N ILE A 58 -14.37 1.78 19.08
CA ILE A 58 -13.48 1.02 19.96
C ILE A 58 -13.03 -0.30 19.29
N ALA A 59 -13.94 -0.96 18.58
CA ALA A 59 -13.72 -2.21 17.85
C ALA A 59 -12.73 -2.03 16.70
N SER A 60 -12.75 -0.86 16.04
CA SER A 60 -11.82 -0.58 14.94
C SER A 60 -10.77 0.48 15.31
N LEU A 61 -10.42 0.57 16.62
CA LEU A 61 -9.52 1.57 17.18
C LEU A 61 -8.15 1.66 16.53
N HIS A 62 -7.40 0.57 16.52
CA HIS A 62 -6.05 0.46 15.94
C HIS A 62 -6.01 0.84 14.46
N LEU A 63 -7.05 0.47 13.73
CA LEU A 63 -7.22 0.88 12.34
C LEU A 63 -7.34 2.39 12.25
N HIS A 64 -8.13 3.04 13.13
CA HIS A 64 -8.29 4.50 13.14
C HIS A 64 -6.99 5.21 13.55
N ALA A 65 -6.26 4.65 14.53
CA ALA A 65 -4.99 5.16 15.07
C ALA A 65 -3.92 5.19 13.98
N PHE A 66 -3.64 4.03 13.33
CA PHE A 66 -2.61 3.92 12.31
C PHE A 66 -3.00 4.68 11.05
N GLN A 67 -4.30 4.86 10.77
CA GLN A 67 -4.72 5.59 9.56
C GLN A 67 -4.86 7.09 9.72
N LEU A 68 -5.29 7.53 10.88
CA LEU A 68 -5.60 8.94 11.13
C LEU A 68 -4.52 9.75 11.83
N LEU A 69 -3.58 9.13 12.57
CA LEU A 69 -2.57 9.92 13.30
C LEU A 69 -1.44 10.45 12.42
N PRO A 70 -0.82 11.63 12.73
CA PRO A 70 0.41 12.04 11.98
C PRO A 70 1.45 10.93 12.13
N GLU A 71 2.07 10.51 11.01
CA GLU A 71 2.98 9.37 10.91
C GLU A 71 4.10 9.36 11.95
N ARG A 72 4.67 10.53 12.30
CA ARG A 72 5.74 10.60 13.29
C ARG A 72 5.24 10.15 14.67
N ILE A 73 3.98 10.50 15.03
CA ILE A 73 3.35 10.08 16.29
C ILE A 73 3.18 8.53 16.34
N THR A 74 2.69 7.98 15.27
CA THR A 74 2.50 6.55 15.10
C THR A 74 3.84 5.77 15.27
N ARG A 75 4.92 6.27 14.64
CA ARG A 75 6.25 5.70 14.70
C ARG A 75 6.83 5.72 16.09
N ILE A 76 6.70 6.85 16.79
CA ILE A 76 7.16 7.05 18.16
C ILE A 76 6.46 6.07 19.12
N LEU A 77 5.13 6.01 19.08
CA LEU A 77 4.31 5.17 19.97
C LEU A 77 4.45 3.65 19.70
N SER A 78 4.61 3.22 18.43
CA SER A 78 4.85 1.82 18.00
C SER A 78 6.19 1.34 18.56
N GLN A 79 7.25 2.16 18.41
CA GLN A 79 8.59 1.92 18.93
C GLN A 79 8.54 1.78 20.46
N PHE A 80 7.84 2.72 21.12
CA PHE A 80 7.69 2.78 22.58
C PHE A 80 6.96 1.58 23.19
N GLY A 81 5.93 1.10 22.51
CA GLY A 81 5.09 0.02 22.99
C GLY A 81 5.80 -1.29 23.29
N SER A 82 6.83 -1.60 22.51
CA SER A 82 7.59 -2.84 22.66
C SER A 82 9.02 -2.58 23.16
N ASP A 83 9.34 -1.34 23.61
CA ASP A 83 10.67 -0.97 24.07
C ASP A 83 10.82 -1.07 25.58
N PHE A 84 11.52 -2.11 26.05
CA PHE A 84 11.74 -2.33 27.49
C PHE A 84 13.23 -2.39 27.80
N SER A 85 14.05 -1.87 26.88
CA SER A 85 15.51 -1.87 26.93
C SER A 85 16.05 -0.98 28.06
N ALA A 86 17.36 -1.10 28.31
CA ALA A 86 18.08 -0.34 29.35
C ALA A 86 18.02 1.19 29.14
N GLU A 87 17.94 1.63 27.87
CA GLU A 87 17.93 3.04 27.46
C GLU A 87 16.56 3.69 27.53
N GLN A 88 15.50 2.88 27.66
CA GLN A 88 14.12 3.35 27.68
C GLN A 88 13.66 3.90 29.06
N TYR A 89 13.35 5.22 29.12
CA TYR A 89 12.85 5.86 30.32
C TYR A 89 11.43 5.35 30.73
N GLY A 90 10.54 5.17 29.74
CA GLY A 90 9.19 4.71 30.02
C GLY A 90 8.16 5.82 30.02
N ALA A 91 8.57 7.02 29.59
CA ALA A 91 7.71 8.18 29.48
C ALA A 91 8.14 9.05 28.30
N ILE A 92 7.15 9.70 27.66
CA ILE A 92 7.28 10.65 26.56
C ILE A 92 6.43 11.85 26.88
N VAL A 93 7.00 13.06 26.66
CA VAL A 93 6.31 14.34 26.73
C VAL A 93 6.07 14.80 25.30
N PHE A 94 4.80 14.86 24.89
CA PHE A 94 4.37 15.40 23.60
C PHE A 94 4.00 16.85 23.87
N GLN A 95 4.96 17.77 23.62
CA GLN A 95 4.81 19.21 23.83
C GLN A 95 3.92 19.81 22.75
N GLY A 96 2.90 20.56 23.16
CA GLY A 96 1.94 21.20 22.26
C GLY A 96 1.20 20.25 21.33
N LEU A 97 0.69 19.14 21.88
CA LEU A 97 -0.06 18.15 21.11
C LEU A 97 -1.39 18.75 20.60
N ILE A 98 -2.04 19.56 21.44
CA ILE A 98 -3.31 20.20 21.12
C ILE A 98 -3.28 21.68 21.51
N GLU A 99 -4.13 22.47 20.85
CA GLU A 99 -4.30 23.88 21.17
C GLU A 99 -5.53 23.94 22.08
N VAL A 100 -5.37 24.45 23.30
CA VAL A 100 -6.53 24.59 24.16
C VAL A 100 -6.99 26.07 24.11
N ASP A 101 -8.24 26.30 23.67
CA ASP A 101 -8.83 27.65 23.74
C ASP A 101 -9.37 27.74 25.18
N GLN A 102 -8.68 28.49 26.02
CA GLN A 102 -8.99 28.65 27.45
C GLN A 102 -10.36 29.26 27.73
N ASP A 103 -10.78 30.27 26.92
CA ASP A 103 -12.09 30.93 27.06
C ASP A 103 -13.24 29.98 26.67
N ASP A 104 -13.06 29.18 25.62
CA ASP A 104 -14.05 28.19 25.20
C ASP A 104 -14.22 27.15 26.30
N LEU A 105 -13.08 26.66 26.89
CA LEU A 105 -13.06 25.65 27.97
C LEU A 105 -13.80 26.17 29.20
N GLY A 106 -13.78 27.50 29.38
CA GLY A 106 -14.44 28.21 30.47
C GLY A 106 -13.84 27.87 31.81
N PRO A 107 -14.45 28.30 32.94
CA PRO A 107 -13.87 27.96 34.25
C PRO A 107 -13.81 26.46 34.56
N THR A 108 -12.79 26.05 35.36
CA THR A 108 -12.61 24.67 35.84
C THR A 108 -13.74 24.35 36.85
N PRO A 109 -14.45 23.20 36.66
CA PRO A 109 -15.53 22.85 37.61
C PRO A 109 -15.01 22.69 39.07
N PRO A 110 -15.86 22.78 40.12
CA PRO A 110 -15.33 22.64 41.49
C PRO A 110 -14.69 21.28 41.81
N ASN A 111 -15.03 20.23 41.05
CA ASN A 111 -14.51 18.86 41.19
C ASN A 111 -14.64 18.09 39.86
N TRP A 112 -14.13 16.84 39.78
CA TRP A 112 -14.21 16.02 38.55
C TRP A 112 -15.67 15.68 38.12
N GLN A 113 -16.64 15.68 39.06
N GLN A 113 -16.65 15.66 39.06
CA GLN A 113 -18.05 15.38 38.82
CA GLN A 113 -18.05 15.33 38.71
C GLN A 113 -18.75 16.46 37.95
C GLN A 113 -18.75 16.45 37.92
N GLY A 114 -18.21 17.67 38.00
CA GLY A 114 -18.71 18.81 37.24
C GLY A 114 -18.14 18.94 35.83
N ALA A 115 -17.26 18.02 35.41
CA ALA A 115 -16.61 18.04 34.10
C ALA A 115 -17.60 17.80 32.94
N ASP A 116 -17.52 18.63 31.87
CA ASP A 116 -18.42 18.54 30.72
C ASP A 116 -17.76 17.70 29.65
N TYR A 117 -18.00 16.37 29.70
CA TYR A 117 -17.40 15.43 28.76
C TYR A 117 -17.87 15.64 27.32
N GLY A 118 -18.94 16.41 27.13
CA GLY A 118 -19.42 16.83 25.82
C GLY A 118 -18.42 17.78 25.18
N LYS A 119 -17.79 18.62 26.01
CA LYS A 119 -16.75 19.56 25.57
C LYS A 119 -15.36 18.91 25.44
N LEU A 120 -15.12 17.76 26.14
CA LEU A 120 -13.86 16.97 26.17
C LEU A 120 -13.86 15.78 25.18
N ASN A 121 -14.97 15.58 24.49
CA ASN A 121 -15.21 14.52 23.52
C ASN A 121 -14.10 14.38 22.46
N LYS A 122 -13.72 15.50 21.82
CA LYS A 122 -12.64 15.55 20.81
C LYS A 122 -11.30 15.12 21.42
N TYR A 123 -11.01 15.55 22.66
CA TYR A 123 -9.79 15.19 23.38
C TYR A 123 -9.74 13.68 23.68
N GLY A 124 -10.88 13.09 24.03
CA GLY A 124 -11.02 11.66 24.27
C GLY A 124 -10.70 10.84 23.04
N PHE A 125 -11.13 11.32 21.86
CA PHE A 125 -10.83 10.70 20.56
C PHE A 125 -9.33 10.73 20.30
N ILE A 126 -8.70 11.92 20.48
CA ILE A 126 -7.25 12.12 20.26
C ILE A 126 -6.43 11.22 21.16
N CYS A 127 -6.76 11.16 22.44
CA CYS A 127 -6.07 10.32 23.44
C CYS A 127 -6.20 8.85 23.14
N SER A 128 -7.40 8.40 22.75
CA SER A 128 -7.63 6.98 22.42
C SER A 128 -6.83 6.54 21.22
N LEU A 129 -6.61 7.45 20.22
CA LEU A 129 -5.78 7.18 19.04
C LEU A 129 -4.34 6.94 19.44
N LEU A 130 -3.80 7.76 20.36
CA LEU A 130 -2.44 7.59 20.86
C LEU A 130 -2.27 6.20 21.51
N HIS A 131 -3.18 5.79 22.43
CA HIS A 131 -3.18 4.44 23.02
C HIS A 131 -3.29 3.33 21.91
N GLY A 132 -4.21 3.50 20.97
CA GLY A 132 -4.43 2.55 19.87
C GLY A 132 -3.24 2.36 18.95
N ALA A 133 -2.26 3.30 18.93
CA ALA A 133 -1.05 3.19 18.08
C ALA A 133 0.12 2.49 18.78
N VAL A 134 -0.01 2.25 20.10
CA VAL A 134 1.02 1.56 20.88
C VAL A 134 1.29 0.13 20.29
N PRO A 135 0.32 -0.76 19.95
CA PRO A 135 -1.16 -0.69 20.13
C PRO A 135 -1.60 -1.11 21.54
N SER A 136 -2.59 -0.42 22.08
CA SER A 136 -3.11 -0.68 23.42
C SER A 136 -4.56 -0.28 23.41
N LYS A 137 -5.38 -0.93 24.25
CA LYS A 137 -6.83 -0.70 24.26
C LYS A 137 -7.28 0.02 25.49
N PRO A 138 -7.93 1.21 25.37
CA PRO A 138 -8.42 1.92 26.57
C PRO A 138 -9.38 1.07 27.40
N VAL A 139 -9.22 1.14 28.73
CA VAL A 139 -10.00 0.36 29.69
C VAL A 139 -10.46 1.28 30.84
N GLN A 140 -11.43 0.81 31.61
CA GLN A 140 -11.86 1.50 32.82
C GLN A 140 -11.87 0.52 33.98
N TYR A 141 -11.68 1.02 35.21
CA TYR A 141 -11.58 0.24 36.43
C TYR A 141 -12.68 0.59 37.39
N TYR A 142 -13.34 -0.43 37.98
CA TYR A 142 -14.34 -0.18 39.02
C TYR A 142 -13.64 0.45 40.25
N ALA A 143 -12.37 0.12 40.48
CA ALA A 143 -11.51 0.63 41.56
C ALA A 143 -11.33 2.16 41.45
N GLN A 144 -11.46 2.72 40.24
CA GLN A 144 -11.30 4.14 39.94
C GLN A 144 -12.65 4.74 39.54
N ARG A 145 -13.36 5.39 40.49
CA ARG A 145 -14.65 6.08 40.30
C ARG A 145 -15.79 5.19 39.83
N LYS A 146 -15.78 3.90 40.23
CA LYS A 146 -16.78 2.88 39.82
C LYS A 146 -16.81 2.79 38.28
N GLY A 147 -15.64 3.01 37.67
CA GLY A 147 -15.42 3.01 36.24
C GLY A 147 -15.09 4.40 35.75
N GLY A 148 -16.09 5.28 35.79
CA GLY A 148 -15.94 6.68 35.44
C GLY A 148 -15.63 7.02 33.99
N GLY A 149 -15.73 6.03 33.12
CA GLY A 149 -15.49 6.17 31.70
C GLY A 149 -14.04 6.01 31.32
N LEU A 150 -13.77 5.98 29.97
CA LEU A 150 -12.40 5.82 29.45
C LEU A 150 -11.52 7.04 29.65
N LEU A 151 -12.12 8.20 29.89
CA LEU A 151 -11.42 9.47 30.06
C LEU A 151 -11.84 10.11 31.35
N HIS A 152 -10.87 10.39 32.22
CA HIS A 152 -11.13 10.98 33.53
C HIS A 152 -10.60 12.40 33.59
N ALA A 153 -11.42 13.34 34.06
CA ALA A 153 -10.98 14.71 34.30
C ALA A 153 -10.39 14.68 35.73
N VAL A 154 -9.15 15.14 35.87
CA VAL A 154 -8.39 15.22 37.13
C VAL A 154 -8.35 16.73 37.54
N ILE A 155 -9.23 17.09 38.48
CA ILE A 155 -9.44 18.48 38.93
C ILE A 155 -9.19 18.63 40.46
N PRO A 156 -8.48 19.68 40.93
CA PRO A 156 -8.30 19.85 42.39
C PRO A 156 -9.60 20.25 43.10
N ASP A 157 -10.09 19.37 43.99
CA ASP A 157 -11.31 19.57 44.77
C ASP A 157 -10.85 20.23 46.07
N GLU A 158 -11.40 21.40 46.42
CA GLU A 158 -11.06 22.08 47.68
C GLU A 158 -11.32 21.19 48.93
N LYS A 159 -12.39 20.36 48.89
CA LYS A 159 -12.80 19.41 49.95
C LYS A 159 -11.78 18.23 50.12
N MET A 160 -10.81 18.13 49.19
CA MET A 160 -9.78 17.09 49.20
C MET A 160 -8.38 17.66 48.92
N ALA A 161 -8.12 18.90 49.39
CA ALA A 161 -6.88 19.64 49.20
C ALA A 161 -5.60 18.91 49.70
N ALA A 162 -5.60 18.43 50.96
CA ALA A 162 -4.44 17.74 51.52
C ALA A 162 -4.49 16.19 51.40
N THR A 163 -5.34 15.65 50.47
CA THR A 163 -5.45 14.20 50.23
C THR A 163 -4.41 13.71 49.22
N GLN A 164 -4.05 12.43 49.31
CA GLN A 164 -3.10 11.77 48.42
C GLN A 164 -3.84 11.11 47.22
N THR A 165 -4.50 11.97 46.41
CA THR A 165 -5.30 11.60 45.23
C THR A 165 -5.09 12.63 44.09
N GLY A 166 -5.70 12.36 42.94
CA GLY A 166 -5.69 13.24 41.77
C GLY A 166 -6.47 14.51 42.02
N SER A 167 -7.51 14.41 42.90
CA SER A 167 -8.39 15.49 43.36
C SER A 167 -7.71 16.40 44.40
N GLY A 168 -6.48 16.06 44.78
CA GLY A 168 -5.68 16.81 45.75
C GLY A 168 -4.86 17.92 45.15
N SER A 169 -4.22 18.74 46.03
CA SER A 169 -3.40 19.89 45.61
C SER A 169 -2.28 20.25 46.59
N LYS A 170 -2.67 20.72 47.79
CA LYS A 170 -1.88 21.27 48.93
C LYS A 170 -0.63 20.48 49.33
N THR A 171 -0.66 19.15 49.11
CA THR A 171 0.43 18.24 49.45
C THR A 171 1.02 17.57 48.22
N ASP A 172 2.30 17.15 48.35
CA ASP A 172 3.04 16.45 47.29
C ASP A 172 2.36 15.11 47.00
N LEU A 173 2.11 14.84 45.71
CA LEU A 173 1.59 13.55 45.30
C LEU A 173 2.84 12.71 44.98
N PHE A 174 3.25 11.83 45.93
CA PHE A 174 4.44 10.96 45.84
C PHE A 174 4.40 10.14 44.58
N VAL A 175 5.60 9.84 44.02
CA VAL A 175 5.68 9.04 42.80
C VAL A 175 5.07 7.63 43.04
N HIS A 176 4.27 7.21 42.06
CA HIS A 176 3.58 5.93 42.10
C HIS A 176 3.27 5.47 40.67
N THR A 177 3.24 4.15 40.48
CA THR A 177 2.75 3.55 39.24
C THR A 177 1.22 3.47 39.54
N GLU A 178 0.38 3.55 38.54
CA GLU A 178 -1.08 3.52 38.71
C GLU A 178 -1.57 2.14 39.13
N ASP A 179 -2.42 2.10 40.18
CA ASP A 179 -3.09 0.93 40.75
C ASP A 179 -2.15 -0.25 41.08
N ALA A 180 -1.13 0.03 41.95
CA ALA A 180 -0.12 -0.94 42.38
C ALA A 180 -0.74 -2.14 43.13
N PHE A 181 -1.97 -1.94 43.65
CA PHE A 181 -2.79 -2.92 44.36
C PHE A 181 -3.55 -3.91 43.45
N LEU A 182 -3.53 -3.69 42.13
CA LEU A 182 -4.20 -4.55 41.15
C LEU A 182 -3.18 -5.36 40.35
N SER A 183 -3.45 -6.65 40.13
CA SER A 183 -2.62 -7.55 39.32
C SER A 183 -2.71 -7.15 37.83
N ASN A 184 -3.84 -6.52 37.44
CA ASN A 184 -4.12 -6.09 36.08
C ASN A 184 -4.17 -4.56 35.95
N GLN A 185 -3.20 -3.86 36.57
CA GLN A 185 -3.06 -2.40 36.52
C GLN A 185 -2.82 -1.98 35.06
N ALA A 186 -3.08 -0.70 34.72
CA ALA A 186 -2.88 -0.21 33.34
C ALA A 186 -1.47 -0.51 32.83
N ASP A 187 -1.36 -0.74 31.52
CA ASP A 187 -0.10 -0.95 30.84
C ASP A 187 0.46 0.43 30.44
N PHE A 188 -0.43 1.29 29.92
CA PHE A 188 -0.12 2.63 29.47
C PHE A 188 -1.07 3.66 29.99
N LEU A 189 -0.53 4.87 30.25
CA LEU A 189 -1.28 6.04 30.73
C LEU A 189 -0.95 7.23 29.87
N SER A 190 -1.96 8.08 29.66
CA SER A 190 -1.78 9.39 29.02
C SER A 190 -2.35 10.44 29.98
N PHE A 191 -1.64 11.56 30.12
CA PHE A 191 -2.06 12.70 30.95
C PHE A 191 -2.05 13.92 30.05
N LEU A 192 -3.24 14.38 29.65
CA LEU A 192 -3.40 15.54 28.80
C LEU A 192 -3.66 16.79 29.66
N TYR A 193 -2.73 17.76 29.64
CA TYR A 193 -2.86 18.97 30.45
C TYR A 193 -3.63 20.03 29.71
N LEU A 194 -4.82 20.35 30.18
CA LEU A 194 -5.61 21.40 29.54
C LEU A 194 -5.25 22.73 30.15
N ARG A 195 -4.80 22.71 31.41
CA ARG A 195 -4.55 23.91 32.22
C ARG A 195 -3.58 23.56 33.36
N ASN A 196 -2.53 24.38 33.56
CA ASN A 196 -1.50 24.24 34.60
C ASN A 196 -0.89 25.62 34.84
N GLU A 197 -1.77 26.58 35.12
CA GLU A 197 -1.42 27.98 35.36
C GLU A 197 -0.74 28.17 36.71
N GLU A 198 -0.87 27.18 37.63
CA GLU A 198 -0.20 27.18 38.94
C GLU A 198 1.28 26.79 38.77
N ARG A 199 1.68 26.34 37.56
N ARG A 199 1.65 26.30 37.56
CA ARG A 199 3.04 25.92 37.21
CA ARG A 199 2.97 25.86 37.14
C ARG A 199 3.51 24.78 38.13
C ARG A 199 3.50 24.77 38.07
N VAL A 200 2.67 23.75 38.25
CA VAL A 200 2.92 22.59 39.06
C VAL A 200 3.85 21.67 38.27
N PRO A 201 5.01 21.30 38.85
CA PRO A 201 5.89 20.34 38.17
C PRO A 201 5.30 18.92 38.17
N SER A 202 5.48 18.20 37.07
CA SER A 202 5.05 16.80 36.99
C SER A 202 6.29 16.00 37.38
N THR A 203 6.16 15.13 38.36
CA THR A 203 7.29 14.32 38.79
C THR A 203 7.22 12.94 38.13
N LEU A 204 8.37 12.45 37.70
CA LEU A 204 8.49 11.16 37.03
C LEU A 204 9.62 10.39 37.64
N TYR A 205 9.46 9.08 37.74
CA TYR A 205 10.49 8.21 38.27
C TYR A 205 10.53 6.90 37.47
N SER A 206 11.67 6.60 36.86
CA SER A 206 11.85 5.39 36.07
C SER A 206 12.73 4.36 36.78
N ILE A 207 12.31 3.08 36.76
CA ILE A 207 13.10 1.95 37.28
C ILE A 207 14.45 1.83 36.49
N ARG A 208 14.45 2.30 35.24
CA ARG A 208 15.62 2.30 34.37
C ARG A 208 16.70 3.32 34.76
N SER A 209 16.32 4.36 35.54
CA SER A 209 17.23 5.39 36.04
C SER A 209 18.26 4.81 37.04
N HIS A 210 18.00 3.61 37.57
CA HIS A 210 18.88 2.87 38.49
C HIS A 210 20.05 2.23 37.77
N GLY A 211 19.88 1.98 36.47
CA GLY A 211 20.87 1.30 35.64
C GLY A 211 20.88 -0.18 35.91
N LYS A 212 22.08 -0.77 35.90
CA LYS A 212 22.36 -2.19 36.17
C LYS A 212 21.73 -2.67 37.50
N MET A 213 21.17 -3.88 37.45
CA MET A 213 20.56 -4.60 38.55
C MET A 213 21.52 -4.63 39.75
N ASN A 214 21.04 -4.24 40.94
CA ASN A 214 21.89 -4.17 42.14
C ASN A 214 21.27 -4.86 43.37
N PRO A 215 22.02 -5.04 44.49
CA PRO A 215 21.46 -5.80 45.64
C PRO A 215 20.19 -5.22 46.27
N VAL A 216 20.04 -3.89 46.24
CA VAL A 216 18.88 -3.22 46.80
C VAL A 216 17.64 -3.57 45.97
N MET A 217 17.76 -3.47 44.64
CA MET A 217 16.71 -3.82 43.68
C MET A 217 16.33 -5.30 43.70
N LYS A 218 17.30 -6.21 43.80
CA LYS A 218 17.07 -7.67 43.79
C LYS A 218 16.07 -8.19 44.83
N LYS A 219 16.05 -7.58 46.01
CA LYS A 219 15.16 -7.98 47.12
C LYS A 219 13.70 -7.71 46.79
N LEU A 220 13.43 -6.78 45.83
CA LEU A 220 12.10 -6.37 45.42
C LEU A 220 11.38 -7.38 44.53
N PHE A 221 12.11 -8.40 44.03
CA PHE A 221 11.55 -9.48 43.23
C PHE A 221 10.83 -10.50 44.12
N GLU A 222 11.07 -10.47 45.45
CA GLU A 222 10.46 -11.38 46.42
C GLU A 222 8.98 -11.00 46.60
N PRO A 223 8.03 -11.96 46.51
CA PRO A 223 6.60 -11.58 46.63
C PRO A 223 6.13 -11.37 48.06
N ILE A 224 6.91 -10.62 48.86
CA ILE A 224 6.74 -10.37 50.29
C ILE A 224 6.19 -8.98 50.67
N TYR A 225 5.74 -8.20 49.70
CA TYR A 225 5.30 -6.82 49.91
C TYR A 225 3.80 -6.61 49.89
N GLN A 226 3.31 -5.75 50.80
CA GLN A 226 1.91 -5.36 50.84
C GLN A 226 1.68 -4.26 49.79
N CYS A 227 0.61 -4.37 48.99
CA CYS A 227 0.22 -3.37 48.00
C CYS A 227 -1.19 -2.90 48.44
N PRO A 228 -1.35 -2.04 49.47
CA PRO A 228 -2.71 -1.67 49.94
C PRO A 228 -3.60 -1.00 48.91
N LYS A 229 -4.92 -1.34 48.93
CA LYS A 229 -5.95 -0.78 48.04
C LYS A 229 -6.42 0.58 48.51
N SER A 241 -5.16 -11.47 57.06
CA SER A 241 -4.44 -10.35 56.47
C SER A 241 -4.74 -10.25 54.96
N GLY A 242 -3.85 -9.59 54.19
CA GLY A 242 -4.00 -9.41 52.76
C GLY A 242 -2.93 -10.08 51.90
N PRO A 243 -3.16 -10.24 50.57
CA PRO A 243 -2.14 -10.87 49.70
C PRO A 243 -0.93 -9.96 49.45
N THR A 244 0.24 -10.57 49.28
CA THR A 244 1.49 -9.86 49.02
C THR A 244 1.92 -10.03 47.56
N ALA A 245 2.73 -9.09 47.04
CA ALA A 245 3.25 -9.18 45.68
C ALA A 245 4.69 -8.65 45.62
N SER A 246 5.36 -8.89 44.48
CA SER A 246 6.71 -8.41 44.21
C SER A 246 6.60 -6.98 43.73
N VAL A 247 7.57 -6.14 44.08
CA VAL A 247 7.63 -4.76 43.61
C VAL A 247 8.23 -4.80 42.21
N LEU A 248 9.24 -5.65 42.00
CA LEU A 248 9.90 -5.84 40.71
C LEU A 248 9.48 -7.18 40.13
N TYR A 249 9.21 -7.21 38.82
CA TYR A 249 8.79 -8.41 38.12
C TYR A 249 9.23 -8.34 36.65
N GLY A 250 8.84 -9.30 35.82
CA GLY A 250 9.25 -9.33 34.43
C GLY A 250 10.66 -9.87 34.30
N ASN A 251 11.47 -9.26 33.41
CA ASN A 251 12.85 -9.65 33.22
C ASN A 251 13.70 -9.32 34.46
N ARG A 252 14.56 -10.26 34.86
CA ARG A 252 15.43 -10.16 36.02
C ARG A 252 16.48 -9.05 35.93
N GLU A 253 16.97 -8.77 34.73
CA GLU A 253 17.99 -7.76 34.51
C GLU A 253 17.42 -6.41 34.24
N LEU A 254 16.33 -6.35 33.47
CA LEU A 254 15.61 -5.15 33.03
C LEU A 254 14.16 -5.28 33.49
N PRO A 255 13.88 -5.06 34.79
CA PRO A 255 12.52 -5.34 35.29
C PRO A 255 11.42 -4.30 35.04
N PHE A 256 10.21 -4.72 35.39
CA PHE A 256 9.00 -3.91 35.45
C PHE A 256 8.76 -3.61 36.95
N ILE A 257 8.04 -2.54 37.25
CA ILE A 257 7.79 -2.08 38.61
C ILE A 257 6.30 -1.85 38.91
N ARG A 258 5.95 -2.14 40.14
CA ARG A 258 4.65 -1.92 40.79
C ARG A 258 5.03 -1.22 42.10
N PHE A 259 4.84 0.11 42.18
CA PHE A 259 5.27 0.86 43.36
C PHE A 259 4.41 2.07 43.71
N ASP A 260 4.11 2.23 45.00
CA ASP A 260 3.36 3.34 45.54
C ASP A 260 4.01 3.72 46.88
N ALA A 261 4.88 4.74 46.88
CA ALA A 261 5.60 5.18 48.09
C ALA A 261 4.66 5.54 49.27
N ALA A 262 3.59 6.29 49.00
CA ALA A 262 2.61 6.74 49.97
C ALA A 262 1.84 5.58 50.62
N GLU A 263 1.39 4.65 49.79
CA GLU A 263 0.61 3.49 50.21
C GLU A 263 1.44 2.35 50.81
N GLN A 264 2.65 2.09 50.29
CA GLN A 264 3.49 0.99 50.77
C GLN A 264 4.51 1.35 51.84
N ILE A 265 5.04 2.59 51.81
CA ILE A 265 6.06 3.01 52.77
C ILE A 265 5.50 3.96 53.84
N PHE A 266 5.02 5.14 53.43
CA PHE A 266 4.52 6.20 54.32
C PHE A 266 3.05 6.04 54.68
N ASN A 267 2.71 4.86 55.21
CA ASN A 267 1.38 4.46 55.61
C ASN A 267 1.56 3.60 56.84
N GLU A 268 1.04 4.08 57.99
CA GLU A 268 1.13 3.37 59.27
C GLU A 268 0.38 2.04 59.21
N ASN A 269 -0.71 2.01 58.42
CA ASN A 269 -1.58 0.85 58.24
C ASN A 269 -1.15 -0.09 57.09
N ALA A 270 0.01 0.15 56.46
CA ALA A 270 0.50 -0.67 55.33
C ALA A 270 0.62 -2.17 55.69
N GLY A 271 0.96 -2.46 56.94
CA GLY A 271 1.10 -3.80 57.48
C GLY A 271 2.28 -4.58 56.91
N GLN A 272 3.37 -3.87 56.57
CA GLN A 272 4.57 -4.51 56.04
C GLN A 272 5.34 -5.22 57.15
N THR A 273 6.02 -6.34 56.81
CA THR A 273 6.88 -7.06 57.74
C THR A 273 8.12 -6.18 57.95
N SER A 274 8.91 -6.45 59.00
CA SER A 274 10.12 -5.68 59.26
C SER A 274 11.11 -5.79 58.10
N GLU A 275 11.23 -7.01 57.52
CA GLU A 275 12.08 -7.31 56.39
C GLU A 275 11.61 -6.52 55.15
N ALA A 276 10.31 -6.58 54.79
CA ALA A 276 9.75 -5.89 53.63
C ALA A 276 9.85 -4.37 53.71
N LEU A 277 9.50 -3.79 54.88
CA LEU A 277 9.57 -2.34 55.09
C LEU A 277 11.01 -1.84 54.92
N GLY A 278 11.97 -2.59 55.49
CA GLY A 278 13.39 -2.31 55.39
C GLY A 278 13.83 -2.25 53.94
N ASN A 279 13.47 -3.29 53.16
CA ASN A 279 13.77 -3.40 51.73
C ASN A 279 13.21 -2.23 50.93
N LEU A 280 11.95 -1.86 51.20
CA LEU A 280 11.21 -0.75 50.60
C LEU A 280 11.87 0.58 50.92
N MET A 281 12.35 0.73 52.16
CA MET A 281 13.04 1.91 52.67
C MET A 281 14.39 2.08 52.03
N ASP A 282 15.18 0.99 51.93
CA ASP A 282 16.49 0.97 51.27
C ASP A 282 16.32 1.34 49.81
N PHE A 283 15.22 0.86 49.18
CA PHE A 283 14.84 1.13 47.81
C PHE A 283 14.45 2.62 47.59
N TRP A 284 13.55 3.16 48.43
CA TRP A 284 13.12 4.56 48.44
C TRP A 284 14.31 5.49 48.58
N ASP A 285 15.28 5.15 49.43
CA ASP A 285 16.51 5.95 49.57
C ASP A 285 17.28 6.10 48.24
N GLU A 286 17.41 5.01 47.47
CA GLU A 286 18.09 4.98 46.19
C GLU A 286 17.24 5.68 45.14
N ALA A 287 15.93 5.32 45.09
CA ALA A 287 14.95 5.84 44.12
C ALA A 287 14.65 7.34 44.22
N LYS A 288 14.56 7.94 45.44
CA LYS A 288 14.23 9.36 45.59
C LYS A 288 15.25 10.33 44.93
N THR A 289 16.52 9.93 44.81
CA THR A 289 17.55 10.75 44.18
C THR A 289 17.41 10.76 42.65
N LEU A 290 16.63 9.81 42.11
CA LEU A 290 16.42 9.62 40.68
C LEU A 290 15.11 10.24 40.15
N ILE A 291 14.25 10.76 41.06
CA ILE A 291 12.98 11.42 40.71
C ILE A 291 13.28 12.68 39.89
N ASN A 292 12.62 12.81 38.75
CA ASN A 292 12.77 13.94 37.83
C ASN A 292 11.54 14.86 37.96
N SER A 293 11.78 16.08 38.49
CA SER A 293 10.75 17.12 38.71
C SER A 293 10.98 18.35 37.81
N ASP A 294 11.84 18.20 36.78
CA ASP A 294 12.22 19.27 35.86
C ASP A 294 11.10 19.78 34.96
N TYR A 295 10.19 18.88 34.54
CA TYR A 295 9.13 19.24 33.61
C TYR A 295 7.88 19.83 34.25
N ILE A 296 7.55 21.06 33.80
CA ILE A 296 6.33 21.79 34.19
C ILE A 296 5.42 21.83 32.95
N PRO A 297 4.37 20.99 32.88
CA PRO A 297 3.52 20.96 31.68
C PRO A 297 2.80 22.25 31.37
N ASN A 298 2.69 22.55 30.07
CA ASN A 298 1.93 23.70 29.59
C ASN A 298 0.63 23.16 29.03
N SER A 299 -0.35 24.05 28.88
CA SER A 299 -1.62 23.74 28.28
C SER A 299 -1.41 23.13 26.89
N GLY A 300 -1.99 21.95 26.68
CA GLY A 300 -1.86 21.23 25.41
C GLY A 300 -0.78 20.18 25.36
N ASP A 301 -0.04 20.01 26.46
CA ASP A 301 0.99 18.98 26.57
C ASP A 301 0.39 17.69 27.03
N LEU A 302 0.94 16.58 26.52
CA LEU A 302 0.51 15.25 26.90
C LEU A 302 1.72 14.42 27.36
N ILE A 303 1.61 13.80 28.53
CA ILE A 303 2.63 12.88 29.03
C ILE A 303 2.12 11.46 28.83
N PHE A 304 2.85 10.65 28.05
CA PHE A 304 2.54 9.23 27.73
C PHE A 304 3.50 8.34 28.51
N VAL A 305 2.97 7.42 29.30
CA VAL A 305 3.72 6.61 30.26
C VAL A 305 3.49 5.11 30.08
N ASN A 306 4.59 4.33 30.19
CA ASN A 306 4.60 2.89 30.30
C ASN A 306 4.52 2.69 31.81
N ASN A 307 3.32 2.31 32.30
CA ASN A 307 2.99 2.14 33.71
C ASN A 307 3.75 0.96 34.40
N HIS A 308 4.51 0.18 33.63
CA HIS A 308 5.37 -0.90 34.10
C HIS A 308 6.81 -0.44 34.26
N LEU A 309 7.15 0.77 33.78
CA LEU A 309 8.52 1.29 33.86
C LEU A 309 8.66 2.58 34.63
N CYS A 310 7.63 3.42 34.58
CA CYS A 310 7.71 4.78 35.08
C CYS A 310 6.56 5.11 36.02
N ALA A 311 6.92 5.57 37.24
CA ALA A 311 6.03 6.10 38.26
C ALA A 311 5.83 7.61 37.99
N HIS A 312 4.72 8.16 38.44
CA HIS A 312 4.36 9.56 38.27
C HIS A 312 3.85 10.16 39.58
N GLY A 313 3.86 11.47 39.64
CA GLY A 313 3.37 12.29 40.74
C GLY A 313 3.37 13.74 40.30
N ARG A 314 3.21 14.63 41.24
CA ARG A 314 3.26 16.09 41.04
C ARG A 314 3.45 16.76 42.39
N SER A 315 4.19 17.87 42.40
CA SER A 315 4.47 18.64 43.61
C SER A 315 3.21 19.28 44.20
N ALA A 316 3.33 19.78 45.42
CA ALA A 316 2.29 20.50 46.14
C ALA A 316 2.01 21.84 45.43
N PHE A 317 0.77 22.34 45.55
CA PHE A 317 0.34 23.62 44.98
C PHE A 317 -0.94 24.11 45.60
N ILE A 318 -1.22 25.41 45.48
CA ILE A 318 -2.49 25.98 45.93
C ILE A 318 -3.27 26.15 44.64
N ALA A 319 -4.40 25.44 44.51
CA ALA A 319 -5.25 25.49 43.31
C ALA A 319 -5.74 26.92 43.01
N GLY A 320 -5.59 27.34 41.76
CA GLY A 320 -6.02 28.67 41.32
C GLY A 320 -5.06 29.81 41.59
N GLN A 321 -3.79 29.52 41.97
CA GLN A 321 -2.78 30.54 42.20
C GLN A 321 -1.32 30.08 41.97
N ARG A 322 -0.45 31.05 41.63
N ARG A 322 -0.44 31.05 41.66
CA ARG A 322 1.00 30.93 41.47
CA ARG A 322 1.00 30.91 41.44
C ARG A 322 1.68 32.13 42.16
C ARG A 322 1.71 32.15 42.07
N ILE A 323 2.94 31.98 42.59
CA ILE A 323 3.67 33.09 43.25
C ILE A 323 4.84 33.54 42.34
N GLU A 324 4.86 34.85 42.03
CA GLU A 324 5.88 35.44 41.16
C GLU A 324 6.34 36.79 41.71
N ASN A 325 7.67 36.90 41.92
CA ASN A 325 8.43 38.03 42.47
C ASN A 325 7.81 38.57 43.78
N GLY A 326 7.44 37.61 44.65
CA GLY A 326 6.86 37.85 45.98
C GLY A 326 5.40 38.25 46.01
N GLU A 327 4.68 38.06 44.90
CA GLU A 327 3.27 38.39 44.76
C GLU A 327 2.45 37.16 44.36
N ILE A 328 1.18 37.11 44.80
CA ILE A 328 0.22 36.04 44.48
C ILE A 328 -0.50 36.45 43.20
N ILE A 329 -0.42 35.56 42.22
CA ILE A 329 -1.07 35.70 40.93
C ILE A 329 -2.23 34.69 40.87
N LYS A 330 -3.48 35.22 40.80
CA LYS A 330 -4.68 34.40 40.72
C LYS A 330 -4.82 33.87 39.29
N CYS A 331 -5.29 32.64 39.15
CA CYS A 331 -5.44 32.00 37.85
C CYS A 331 -6.55 30.95 37.86
N GLU A 332 -6.88 30.41 36.68
CA GLU A 332 -7.84 29.33 36.55
C GLU A 332 -7.25 28.03 37.12
N ARG A 333 -8.10 27.16 37.70
CA ARG A 333 -7.63 25.95 38.36
C ARG A 333 -7.18 24.85 37.40
N ARG A 334 -6.17 24.07 37.85
CA ARG A 334 -5.54 22.98 37.13
C ARG A 334 -6.56 21.96 36.61
N GLN A 335 -6.35 21.53 35.38
CA GLN A 335 -7.23 20.58 34.72
C GLN A 335 -6.45 19.68 33.79
N MET A 336 -6.48 18.39 34.09
CA MET A 336 -5.78 17.36 33.33
C MET A 336 -6.76 16.24 32.99
N LEU A 337 -6.60 15.60 31.83
CA LEU A 337 -7.42 14.45 31.40
C LEU A 337 -6.57 13.19 31.35
N ARG A 338 -7.02 12.15 32.08
CA ARG A 338 -6.34 10.87 32.14
C ARG A 338 -7.07 9.69 31.36
N MET A 339 -6.29 8.90 30.64
CA MET A 339 -6.74 7.71 29.94
C MET A 339 -5.74 6.57 30.17
N MET A 340 -6.29 5.37 30.45
CA MET A 340 -5.55 4.15 30.78
C MET A 340 -5.84 3.07 29.76
N SER A 341 -4.85 2.22 29.48
CA SER A 341 -5.06 1.17 28.49
C SER A 341 -4.32 -0.14 28.81
N LYS A 342 -4.84 -1.25 28.24
CA LYS A 342 -4.26 -2.59 28.34
C LYS A 342 -3.98 -3.12 26.94
N THR A 343 -2.79 -3.72 26.74
CA THR A 343 -2.34 -4.29 25.46
C THR A 343 -3.04 -5.61 25.11
N SER A 344 -3.60 -6.30 26.11
CA SER A 344 -4.32 -7.55 25.89
C SER A 344 -5.66 -7.65 26.65
N LEU A 345 -6.76 -7.89 25.92
CA LEU A 345 -8.07 -8.12 26.52
C LEU A 345 -8.21 -9.57 27.02
N ILE A 346 -7.39 -10.46 26.47
CA ILE A 346 -7.36 -11.88 26.77
C ILE A 346 -6.91 -12.19 28.20
N HIS A 347 -5.71 -11.72 28.60
N HIS A 347 -5.76 -11.65 28.61
CA HIS A 347 -5.10 -11.92 29.92
CA HIS A 347 -5.10 -11.94 29.87
C HIS A 347 -6.03 -11.47 31.06
C HIS A 347 -5.73 -11.21 31.09
N ILE A 348 -6.75 -10.35 30.86
CA ILE A 348 -7.60 -9.67 31.85
C ILE A 348 -9.03 -10.21 31.85
N ARG A 349 -9.37 -11.16 30.92
CA ARG A 349 -10.73 -11.65 30.75
C ARG A 349 -11.39 -12.23 32.01
N SER A 350 -10.62 -12.88 32.91
CA SER A 350 -11.22 -13.42 34.15
C SER A 350 -11.66 -12.31 35.13
N VAL A 351 -11.16 -11.06 34.98
CA VAL A 351 -11.52 -9.94 35.87
C VAL A 351 -12.43 -8.87 35.21
N THR A 352 -12.80 -9.02 33.93
CA THR A 352 -13.65 -8.02 33.27
C THR A 352 -15.13 -8.40 33.32
N ARG A 353 -16.03 -7.43 33.06
CA ARG A 353 -17.48 -7.68 33.03
C ARG A 353 -17.78 -8.60 31.87
N THR A 354 -18.75 -9.51 32.04
CA THR A 354 -19.17 -10.45 31.00
C THR A 354 -19.57 -9.74 29.70
N ASP A 355 -20.36 -8.67 29.81
N ASP A 355 -20.36 -8.66 29.87
CA ASP A 355 -20.83 -7.94 28.65
CA ASP A 355 -20.94 -7.78 28.86
C ASP A 355 -19.94 -6.74 28.29
C ASP A 355 -19.97 -6.71 28.34
N ASP A 356 -18.82 -6.54 29.01
CA ASP A 356 -17.83 -5.49 28.69
C ASP A 356 -16.37 -5.94 28.98
N PRO A 357 -15.65 -6.48 27.95
CA PRO A 357 -14.26 -6.92 28.16
C PRO A 357 -13.22 -5.81 28.38
N TYR A 358 -13.67 -4.53 28.43
CA TYR A 358 -12.82 -3.35 28.66
C TYR A 358 -13.05 -2.79 30.06
N PHE A 359 -13.93 -3.42 30.85
CA PHE A 359 -14.28 -2.95 32.19
C PHE A 359 -13.72 -3.90 33.26
N ILE A 360 -12.62 -3.48 33.92
CA ILE A 360 -11.95 -4.28 34.95
C ILE A 360 -12.61 -4.14 36.31
N MET A 361 -13.08 -5.31 36.82
CA MET A 361 -13.81 -5.50 38.09
C MET A 361 -12.94 -5.97 39.24
N GLU A 362 -11.61 -6.04 39.03
CA GLU A 362 -10.64 -6.42 40.05
C GLU A 362 -10.59 -5.36 41.18
N GLU A 363 -10.56 -5.83 42.44
CA GLU A 363 -10.48 -5.02 43.64
C GLU A 363 -9.08 -4.98 44.27
N HIS A 364 -8.45 -6.15 44.45
CA HIS A 364 -7.13 -6.24 45.09
C HIS A 364 -6.40 -7.53 44.73
N LEU A 365 -5.23 -7.43 44.10
CA LEU A 365 -4.33 -8.50 43.67
C LEU A 365 -5.02 -9.85 43.39
N GLY A 366 -5.91 -9.87 42.39
CA GLY A 366 -6.61 -11.07 41.99
C GLY A 366 -8.07 -11.14 42.41
N LYS A 367 -8.39 -10.56 43.60
CA LYS A 367 -9.73 -10.52 44.16
C LYS A 367 -10.59 -9.54 43.37
N ILE A 368 -11.82 -9.97 43.05
CA ILE A 368 -12.81 -9.21 42.28
C ILE A 368 -13.79 -8.57 43.25
N PHE A 369 -14.30 -7.35 42.93
CA PHE A 369 -15.30 -6.65 43.75
C PHE A 369 -16.52 -7.54 43.97
N ASP A 370 -16.90 -7.72 45.24
CA ASP A 370 -18.07 -8.52 45.63
C ASP A 370 -19.22 -7.52 45.70
N LEU A 371 -19.97 -7.40 44.61
CA LEU A 371 -21.05 -6.42 44.55
C LEU A 371 -22.44 -6.98 44.92
N ASP A 372 -23.05 -7.80 44.02
CA ASP A 372 -24.39 -8.39 44.22
C ASP A 372 -24.42 -9.44 45.33
N GLU B 20 -26.66 -17.70 15.79
CA GLU B 20 -26.41 -17.46 17.21
C GLU B 20 -25.27 -18.36 17.77
N ILE B 21 -25.52 -19.68 18.14
CA ILE B 21 -24.46 -20.61 18.58
C ILE B 21 -23.61 -20.90 17.32
N PRO B 22 -22.30 -20.54 17.31
CA PRO B 22 -21.50 -20.79 16.10
C PRO B 22 -21.10 -22.25 15.97
N THR B 23 -21.38 -22.87 14.82
CA THR B 23 -21.03 -24.27 14.61
C THR B 23 -19.93 -24.43 13.55
N SER B 24 -19.58 -23.33 12.86
CA SER B 24 -18.59 -23.31 11.79
C SER B 24 -17.79 -21.99 11.75
N PRO B 25 -16.56 -21.98 11.17
CA PRO B 25 -15.80 -20.71 11.11
C PRO B 25 -16.34 -19.74 10.06
N LEU B 26 -15.94 -18.47 10.14
CA LEU B 26 -16.29 -17.47 9.14
C LEU B 26 -15.41 -17.77 7.91
N ILE B 27 -16.03 -17.80 6.72
CA ILE B 27 -15.34 -18.04 5.44
C ILE B 27 -15.22 -16.70 4.73
N ILE B 28 -13.99 -16.29 4.42
CA ILE B 28 -13.71 -15.07 3.66
C ILE B 28 -13.13 -15.48 2.33
N LYS B 29 -13.81 -15.12 1.23
CA LYS B 29 -13.32 -15.40 -0.10
C LYS B 29 -12.44 -14.22 -0.52
N ILE B 30 -11.11 -14.41 -0.52
CA ILE B 30 -10.17 -13.35 -0.92
C ILE B 30 -10.34 -13.11 -2.44
N THR B 31 -10.38 -11.84 -2.86
CA THR B 31 -10.55 -11.46 -4.28
C THR B 31 -9.20 -11.45 -5.00
N GLN B 32 -9.23 -11.45 -6.34
CA GLN B 32 -8.03 -11.40 -7.18
C GLN B 32 -7.22 -10.14 -6.91
N GLN B 33 -7.91 -8.98 -6.77
N GLN B 33 -7.93 -8.98 -6.75
CA GLN B 33 -7.22 -7.71 -6.51
CA GLN B 33 -7.32 -7.68 -6.44
C GLN B 33 -6.56 -7.70 -5.11
C GLN B 33 -6.54 -7.80 -5.13
N GLU B 34 -7.19 -8.32 -4.07
CA GLU B 34 -6.59 -8.48 -2.72
C GLU B 34 -5.35 -9.38 -2.77
N ARG B 35 -5.47 -10.52 -3.48
CA ARG B 35 -4.42 -11.50 -3.69
C ARG B 35 -3.20 -10.85 -4.36
N ASN B 36 -3.43 -10.03 -5.41
CA ASN B 36 -2.38 -9.36 -6.17
C ASN B 36 -1.69 -8.28 -5.35
N ILE B 37 -2.42 -7.51 -4.52
CA ILE B 37 -1.84 -6.49 -3.62
C ILE B 37 -0.95 -7.19 -2.56
N LEU B 38 -1.46 -8.25 -1.87
CA LEU B 38 -0.69 -9.01 -0.87
C LEU B 38 0.63 -9.53 -1.46
N SER B 39 0.59 -10.10 -2.70
CA SER B 39 1.75 -10.62 -3.41
C SER B 39 2.79 -9.52 -3.70
N ASN B 40 2.34 -8.37 -4.24
CA ASN B 40 3.24 -7.25 -4.49
C ASN B 40 3.85 -6.74 -3.19
N VAL B 41 3.01 -6.53 -2.16
CA VAL B 41 3.42 -6.09 -0.81
C VAL B 41 4.46 -7.07 -0.22
N GLY B 42 4.22 -8.37 -0.36
CA GLY B 42 5.10 -9.46 0.05
C GLY B 42 6.46 -9.36 -0.60
N ASN B 43 6.50 -9.24 -1.94
CA ASN B 43 7.74 -9.06 -2.72
C ASN B 43 8.51 -7.80 -2.30
N LEU B 44 7.78 -6.69 -2.07
CA LEU B 44 8.33 -5.40 -1.68
C LEU B 44 8.95 -5.50 -0.28
N LEU B 45 8.26 -6.20 0.64
CA LEU B 45 8.76 -6.40 1.99
C LEU B 45 10.04 -7.25 2.00
N VAL B 46 10.13 -8.27 1.13
CA VAL B 46 11.31 -9.13 0.96
C VAL B 46 12.51 -8.26 0.53
N LYS B 47 12.33 -7.41 -0.49
CA LYS B 47 13.34 -6.46 -0.98
C LYS B 47 13.76 -5.48 0.09
N ALA B 48 12.78 -4.89 0.81
CA ALA B 48 12.99 -3.90 1.86
C ALA B 48 13.66 -4.41 3.12
N PHE B 49 13.22 -5.57 3.66
CA PHE B 49 13.72 -6.07 4.95
C PHE B 49 14.48 -7.39 4.91
N GLY B 50 14.58 -8.00 3.75
CA GLY B 50 15.28 -9.28 3.62
C GLY B 50 14.43 -10.42 4.09
N ASN B 51 14.10 -10.47 5.38
CA ASN B 51 13.28 -11.54 5.96
C ASN B 51 12.34 -11.02 7.06
N TYR B 52 11.25 -11.74 7.32
CA TYR B 52 10.20 -11.41 8.30
C TYR B 52 10.65 -11.42 9.72
N GLU B 53 11.87 -11.92 10.01
CA GLU B 53 12.44 -11.93 11.36
C GLU B 53 13.38 -10.75 11.61
N ASN B 54 13.46 -9.80 10.61
CA ASN B 54 14.25 -8.59 10.70
C ASN B 54 13.73 -7.75 11.86
N PRO B 55 14.61 -7.40 12.84
CA PRO B 55 14.16 -6.60 14.00
C PRO B 55 13.51 -5.26 13.66
N ASP B 56 13.92 -4.62 12.54
CA ASP B 56 13.35 -3.36 12.08
C ASP B 56 11.92 -3.53 11.62
N TYR B 57 11.65 -4.62 10.89
CA TYR B 57 10.33 -4.96 10.39
C TYR B 57 9.39 -5.34 11.54
N ILE B 58 9.87 -6.20 12.47
CA ILE B 58 9.11 -6.65 13.62
C ILE B 58 8.69 -5.48 14.53
N ALA B 59 9.59 -4.50 14.69
CA ALA B 59 9.36 -3.30 15.49
C ALA B 59 8.26 -2.43 14.88
N SER B 60 8.14 -2.41 13.56
CA SER B 60 7.14 -1.57 12.90
C SER B 60 6.03 -2.39 12.26
N LEU B 61 5.82 -3.63 12.77
CA LEU B 61 4.88 -4.59 12.22
C LEU B 61 3.44 -4.09 12.13
N HIS B 62 2.90 -3.50 13.18
CA HIS B 62 1.52 -3.05 13.23
C HIS B 62 1.25 -1.93 12.23
N LEU B 63 2.25 -1.04 12.05
CA LEU B 63 2.23 0.05 11.08
C LEU B 63 2.11 -0.51 9.66
N HIS B 64 2.91 -1.54 9.30
CA HIS B 64 2.85 -2.15 7.96
C HIS B 64 1.55 -2.88 7.74
N ALA B 65 1.06 -3.57 8.77
CA ALA B 65 -0.18 -4.35 8.74
C ALA B 65 -1.42 -3.46 8.52
N PHE B 66 -1.56 -2.35 9.27
CA PHE B 66 -2.71 -1.45 9.10
C PHE B 66 -2.60 -0.58 7.85
N GLN B 67 -1.38 -0.33 7.36
CA GLN B 67 -1.23 0.49 6.16
C GLN B 67 -1.18 -0.28 4.86
N LEU B 68 -0.54 -1.45 4.82
CA LEU B 68 -0.32 -2.18 3.57
C LEU B 68 -1.30 -3.28 3.27
N LEU B 69 -1.95 -3.88 4.27
CA LEU B 69 -2.93 -4.94 3.99
C LEU B 69 -4.20 -4.40 3.35
N PRO B 70 -4.84 -5.18 2.42
CA PRO B 70 -6.17 -4.76 1.91
C PRO B 70 -7.11 -4.53 3.10
N GLU B 71 -7.72 -3.32 3.15
CA GLU B 71 -8.55 -2.82 4.25
C GLU B 71 -9.63 -3.78 4.77
N ARG B 72 -10.23 -4.60 3.89
CA ARG B 72 -11.25 -5.55 4.29
C ARG B 72 -10.68 -6.60 5.28
N ILE B 73 -9.48 -7.11 5.01
CA ILE B 73 -8.77 -8.09 5.84
C ILE B 73 -8.45 -7.49 7.21
N THR B 74 -7.93 -6.24 7.21
CA THR B 74 -7.61 -5.49 8.42
C THR B 74 -8.86 -5.34 9.34
N ARG B 75 -10.01 -5.00 8.77
CA ARG B 75 -11.30 -4.83 9.46
C ARG B 75 -11.77 -6.14 10.08
N ILE B 76 -11.68 -7.24 9.33
CA ILE B 76 -12.02 -8.59 9.77
C ILE B 76 -11.18 -9.01 10.99
N LEU B 77 -9.86 -8.91 10.88
CA LEU B 77 -8.88 -9.30 11.90
C LEU B 77 -8.91 -8.44 13.18
N SER B 78 -9.15 -7.11 13.04
CA SER B 78 -9.30 -6.15 14.16
C SER B 78 -10.53 -6.48 14.99
N GLN B 79 -11.66 -6.75 14.31
CA GLN B 79 -12.94 -7.13 14.91
C GLN B 79 -12.74 -8.44 15.69
N PHE B 80 -12.08 -9.41 15.04
CA PHE B 80 -11.82 -10.75 15.56
C PHE B 80 -10.94 -10.78 16.79
N GLY B 81 -9.93 -9.94 16.82
CA GLY B 81 -8.96 -9.90 17.92
C GLY B 81 -9.52 -9.64 19.30
N SER B 82 -10.56 -8.82 19.39
CA SER B 82 -11.19 -8.46 20.65
C SER B 82 -12.60 -9.06 20.78
N ASP B 83 -12.98 -10.03 19.91
CA ASP B 83 -14.30 -10.62 19.94
C ASP B 83 -14.30 -11.96 20.67
N PHE B 84 -14.88 -11.97 21.89
CA PHE B 84 -14.97 -13.16 22.73
C PHE B 84 -16.44 -13.46 23.07
N SER B 85 -17.35 -12.87 22.30
CA SER B 85 -18.79 -13.00 22.47
C SER B 85 -19.30 -14.42 22.19
N ALA B 86 -20.57 -14.67 22.53
CA ALA B 86 -21.26 -15.93 22.34
C ALA B 86 -21.33 -16.37 20.87
N GLU B 87 -21.40 -15.42 19.93
CA GLU B 87 -21.53 -15.62 18.49
C GLU B 87 -20.20 -15.91 17.79
N GLN B 88 -19.09 -15.66 18.45
CA GLN B 88 -17.75 -15.83 17.90
C GLN B 88 -17.24 -17.28 17.93
N TYR B 89 -17.00 -17.87 16.74
CA TYR B 89 -16.46 -19.22 16.62
C TYR B 89 -15.00 -19.33 17.11
N GLY B 90 -14.17 -18.35 16.78
CA GLY B 90 -12.76 -18.34 17.15
C GLY B 90 -11.83 -18.77 16.01
N ALA B 91 -12.39 -18.91 14.80
CA ALA B 91 -11.62 -19.24 13.60
C ALA B 91 -12.21 -18.56 12.38
N ILE B 92 -11.32 -18.16 11.44
CA ILE B 92 -11.67 -17.58 10.14
C ILE B 92 -10.89 -18.30 9.07
N VAL B 93 -11.56 -18.63 7.97
CA VAL B 93 -10.93 -19.22 6.79
C VAL B 93 -10.76 -18.11 5.75
N PHE B 94 -9.51 -17.84 5.35
CA PHE B 94 -9.22 -16.89 4.27
C PHE B 94 -8.95 -17.76 3.03
N GLN B 95 -9.99 -17.97 2.21
CA GLN B 95 -9.94 -18.77 0.97
C GLN B 95 -9.19 -18.01 -0.12
N GLY B 96 -8.19 -18.68 -0.73
CA GLY B 96 -7.35 -18.12 -1.78
C GLY B 96 -6.64 -16.85 -1.37
N LEU B 97 -5.99 -16.86 -0.21
CA LEU B 97 -5.24 -15.69 0.28
C LEU B 97 -4.01 -15.46 -0.62
N ILE B 98 -3.33 -16.55 -1.02
CA ILE B 98 -2.13 -16.50 -1.84
C ILE B 98 -2.23 -17.48 -3.01
N GLU B 99 -1.48 -17.22 -4.08
CA GLU B 99 -1.35 -18.11 -5.23
C GLU B 99 -0.03 -18.85 -5.01
N VAL B 100 -0.09 -20.17 -4.84
CA VAL B 100 1.11 -20.95 -4.63
C VAL B 100 1.52 -21.51 -5.99
N ASP B 101 2.71 -21.12 -6.45
CA ASP B 101 3.26 -21.65 -7.69
C ASP B 101 4.10 -22.86 -7.29
N GLN B 102 3.58 -24.06 -7.60
CA GLN B 102 4.17 -25.33 -7.22
C GLN B 102 5.62 -25.53 -7.71
N ASP B 103 5.97 -24.90 -8.87
CA ASP B 103 7.31 -24.97 -9.47
C ASP B 103 8.39 -24.33 -8.58
N ASP B 104 8.18 -23.06 -8.14
CA ASP B 104 9.09 -22.29 -7.27
C ASP B 104 9.22 -22.91 -5.88
N LEU B 105 8.12 -23.54 -5.39
CA LEU B 105 8.07 -24.24 -4.10
C LEU B 105 8.84 -25.57 -4.19
N GLY B 106 8.85 -26.19 -5.38
CA GLY B 106 9.50 -27.45 -5.66
C GLY B 106 8.87 -28.61 -4.91
N PRO B 107 9.47 -29.84 -4.94
CA PRO B 107 8.85 -30.95 -4.17
C PRO B 107 8.89 -30.72 -2.66
N THR B 108 7.95 -31.35 -1.91
CA THR B 108 7.88 -31.24 -0.46
C THR B 108 9.09 -31.98 0.14
N PRO B 109 9.86 -31.33 1.07
CA PRO B 109 11.02 -32.01 1.68
C PRO B 109 10.63 -33.27 2.46
N PRO B 110 11.54 -34.25 2.72
CA PRO B 110 11.12 -35.46 3.46
C PRO B 110 10.59 -35.21 4.87
N ASN B 111 10.97 -34.07 5.51
CA ASN B 111 10.54 -33.66 6.85
C ASN B 111 10.62 -32.12 6.96
N TRP B 112 10.18 -31.53 8.12
CA TRP B 112 10.23 -30.08 8.34
C TRP B 112 11.66 -29.52 8.34
N GLN B 113 12.63 -30.37 8.70
CA GLN B 113 14.05 -30.05 8.76
C GLN B 113 14.65 -29.69 7.39
N GLY B 114 14.08 -30.23 6.31
CA GLY B 114 14.50 -29.99 4.93
C GLY B 114 13.87 -28.80 4.24
N ALA B 115 13.04 -28.01 4.96
CA ALA B 115 12.36 -26.82 4.42
C ALA B 115 13.36 -25.66 4.11
N ASP B 116 13.14 -24.90 3.02
CA ASP B 116 14.02 -23.77 2.67
C ASP B 116 13.48 -22.44 3.36
N TYR B 117 13.14 -21.25 2.73
CA TYR B 117 13.16 -20.66 1.37
C TYR B 117 13.50 -19.14 1.61
N GLY B 118 13.42 -18.20 0.64
CA GLY B 118 12.99 -18.30 -0.76
C GLY B 118 11.59 -17.74 -0.93
N LYS B 119 10.64 -18.63 -1.28
CA LYS B 119 9.22 -18.28 -1.38
C LYS B 119 8.64 -18.21 0.05
N LEU B 120 9.13 -19.12 0.97
CA LEU B 120 8.74 -19.19 2.39
C LEU B 120 8.94 -17.86 3.08
N ASN B 121 9.91 -17.09 2.59
CA ASN B 121 10.23 -15.76 3.07
C ASN B 121 9.06 -14.78 2.82
N LYS B 122 8.53 -14.75 1.59
CA LYS B 122 7.39 -13.94 1.19
C LYS B 122 6.13 -14.31 2.00
N TYR B 123 5.87 -15.62 2.14
CA TYR B 123 4.74 -16.19 2.88
C TYR B 123 4.79 -15.78 4.35
N GLY B 124 5.99 -15.78 4.95
CA GLY B 124 6.23 -15.37 6.32
C GLY B 124 5.87 -13.91 6.54
N PHE B 125 6.17 -13.05 5.55
CA PHE B 125 5.82 -11.64 5.57
C PHE B 125 4.30 -11.45 5.55
N ILE B 126 3.61 -12.16 4.64
CA ILE B 126 2.16 -12.10 4.50
C ILE B 126 1.47 -12.56 5.78
N CYS B 127 1.89 -13.69 6.35
CA CYS B 127 1.36 -14.24 7.60
C CYS B 127 1.56 -13.29 8.78
N SER B 128 2.76 -12.69 8.89
CA SER B 128 3.04 -11.74 9.98
C SER B 128 2.18 -10.49 9.93
N LEU B 129 1.81 -10.05 8.71
CA LEU B 129 0.93 -8.90 8.51
C LEU B 129 -0.46 -9.21 9.05
N LEU B 130 -0.98 -10.44 8.78
CA LEU B 130 -2.27 -10.86 9.31
C LEU B 130 -2.26 -10.82 10.86
N HIS B 131 -1.22 -11.40 11.53
CA HIS B 131 -1.07 -11.35 13.00
C HIS B 131 -0.95 -9.89 13.49
N GLY B 132 -0.15 -9.08 12.77
CA GLY B 132 0.05 -7.65 13.05
C GLY B 132 -1.20 -6.79 13.04
N ALA B 133 -2.29 -7.25 12.38
CA ALA B 133 -3.55 -6.52 12.24
C ALA B 133 -4.63 -6.97 13.25
N VAL B 134 -4.34 -7.99 14.07
CA VAL B 134 -5.23 -8.44 15.13
C VAL B 134 -5.46 -7.32 16.21
N PRO B 135 -4.46 -6.53 16.72
CA PRO B 135 -2.99 -6.64 16.57
C PRO B 135 -2.40 -7.72 17.51
N SER B 136 -1.40 -8.43 17.03
CA SER B 136 -0.74 -9.49 17.78
C SER B 136 0.68 -9.57 17.25
N LYS B 137 1.60 -9.98 18.10
CA LYS B 137 3.01 -10.03 17.74
C LYS B 137 3.52 -11.47 17.58
N PRO B 138 4.07 -11.85 16.39
CA PRO B 138 4.61 -13.21 16.22
C PRO B 138 5.71 -13.55 17.21
N VAL B 139 5.65 -14.78 17.73
CA VAL B 139 6.58 -15.24 18.77
C VAL B 139 7.07 -16.65 18.39
N GLN B 140 8.18 -17.08 19.02
CA GLN B 140 8.65 -18.44 18.88
C GLN B 140 8.82 -19.06 20.28
N TYR B 141 8.70 -20.38 20.36
CA TYR B 141 8.77 -21.13 21.61
C TYR B 141 9.93 -22.08 21.62
N TYR B 142 10.71 -22.12 22.72
CA TYR B 142 11.78 -23.10 22.84
C TYR B 142 11.13 -24.50 22.89
N ALA B 143 9.89 -24.61 23.43
CA ALA B 143 9.10 -25.84 23.55
C ALA B 143 8.82 -26.47 22.18
N GLN B 144 8.74 -25.62 21.14
CA GLN B 144 8.48 -26.00 19.75
C GLN B 144 9.75 -25.86 18.91
N ARG B 145 10.47 -26.98 18.70
CA ARG B 145 11.67 -27.12 17.87
C ARG B 145 12.83 -26.19 18.30
N LYS B 146 13.01 -25.99 19.64
CA LYS B 146 14.04 -25.11 20.26
C LYS B 146 14.00 -23.69 19.63
N GLY B 147 12.79 -23.27 19.31
CA GLY B 147 12.47 -22.03 18.61
C GLY B 147 11.89 -22.34 17.24
N GLY B 148 12.78 -22.72 16.31
CA GLY B 148 12.47 -23.07 14.92
C GLY B 148 12.15 -21.89 14.01
N GLY B 149 12.14 -20.67 14.58
CA GLY B 149 11.80 -19.47 13.84
C GLY B 149 10.34 -19.09 13.99
N LEU B 150 9.98 -17.90 13.46
CA LEU B 150 8.61 -17.32 13.50
C LEU B 150 7.61 -18.05 12.59
N LEU B 151 8.13 -18.83 11.63
CA LEU B 151 7.33 -19.58 10.68
C LEU B 151 7.82 -21.03 10.62
N HIS B 152 6.91 -21.98 10.87
CA HIS B 152 7.24 -23.40 10.91
C HIS B 152 6.58 -24.13 9.79
N ALA B 153 7.38 -24.95 9.07
CA ALA B 153 6.86 -25.80 8.00
C ALA B 153 6.37 -27.07 8.67
N VAL B 154 5.12 -27.42 8.43
CA VAL B 154 4.46 -28.62 8.93
C VAL B 154 4.39 -29.58 7.73
N ILE B 155 5.21 -30.65 7.79
CA ILE B 155 5.37 -31.64 6.72
C ILE B 155 5.23 -33.09 7.26
N PRO B 156 4.50 -34.02 6.54
CA PRO B 156 4.42 -35.41 7.02
C PRO B 156 5.75 -36.14 6.81
N ASP B 157 6.34 -36.61 7.92
CA ASP B 157 7.63 -37.30 7.90
C ASP B 157 7.48 -38.72 7.40
N GLU B 158 8.11 -38.98 6.24
CA GLU B 158 8.11 -40.24 5.48
C GLU B 158 8.47 -41.47 6.31
N LYS B 159 7.69 -42.56 6.12
CA LYS B 159 7.79 -43.87 6.80
C LYS B 159 7.64 -43.78 8.35
N MET B 160 7.57 -42.55 8.90
CA MET B 160 7.44 -42.26 10.34
C MET B 160 6.26 -41.30 10.57
N ALA B 161 5.09 -41.64 10.01
CA ALA B 161 3.88 -40.81 10.10
C ALA B 161 2.81 -41.33 11.09
N ALA B 162 3.20 -42.23 12.00
CA ALA B 162 2.31 -42.78 13.01
C ALA B 162 2.60 -42.17 14.39
N THR B 163 2.99 -40.88 14.40
CA THR B 163 3.35 -40.12 15.60
C THR B 163 2.42 -38.94 15.91
N GLN B 164 2.48 -38.45 17.16
CA GLN B 164 1.72 -37.33 17.71
C GLN B 164 2.66 -36.11 17.76
N THR B 165 2.85 -35.43 16.61
CA THR B 165 3.76 -34.29 16.49
C THR B 165 3.30 -33.19 15.53
N GLY B 166 2.56 -33.58 14.49
CA GLY B 166 2.11 -32.69 13.43
C GLY B 166 2.77 -33.10 12.12
N SER B 167 3.86 -33.89 12.25
CA SER B 167 4.66 -34.47 11.18
C SER B 167 4.23 -35.93 10.88
N GLY B 168 2.96 -36.24 11.18
N GLY B 168 -0.32 -35.82 6.32
CA GLY B 168 2.35 -37.54 10.96
CA GLY B 168 -1.76 -35.78 6.46
C GLY B 168 1.25 -37.49 9.92
C GLY B 168 -2.47 -36.91 5.75
N SER B 169 0.55 -38.62 9.71
N SER B 169 -3.19 -37.75 6.52
CA SER B 169 -0.56 -38.73 8.73
CA SER B 169 -3.96 -38.89 6.02
C SER B 169 -1.49 -39.93 8.94
C SER B 169 -5.28 -39.08 6.77
N LYS B 170 -0.92 -41.15 9.08
N LYS B 170 -6.40 -38.77 6.07
CA LYS B 170 -1.66 -42.41 9.24
CA LYS B 170 -7.80 -38.87 6.51
C LYS B 170 -2.69 -42.41 10.37
C LYS B 170 -8.22 -37.87 7.61
N THR B 171 -2.25 -42.13 11.61
N THR B 171 -9.56 -37.64 7.71
CA THR B 171 -3.10 -42.06 12.80
CA THR B 171 -10.22 -36.77 8.68
C THR B 171 -3.45 -40.58 13.11
C THR B 171 -9.79 -37.12 10.14
N ASP B 172 -4.18 -40.34 14.24
N ASP B 172 -9.68 -36.10 10.98
CA ASP B 172 -4.62 -39.02 14.75
CA ASP B 172 -9.18 -36.27 12.33
C ASP B 172 -5.44 -38.19 13.68
C ASP B 172 -10.19 -36.50 13.42
N LEU B 173 -5.68 -36.85 13.84
N LEU B 173 -9.79 -37.42 14.30
CA LEU B 173 -5.26 -35.94 14.92
CA LEU B 173 -10.35 -37.76 15.59
C LEU B 173 -6.48 -35.43 15.71
C LEU B 173 -9.35 -36.94 16.41
N PHE B 174 -6.53 -35.71 17.03
N PHE B 174 -9.77 -36.33 17.51
CA PHE B 174 -7.59 -35.27 17.96
CA PHE B 174 -8.92 -35.45 18.34
C PHE B 174 -7.63 -33.74 18.00
C PHE B 174 -8.61 -34.08 17.67
N VAL B 175 -8.71 -33.09 18.52
CA VAL B 175 -8.60 -31.64 18.44
C VAL B 175 -7.81 -31.19 19.67
N HIS B 176 -7.04 -30.12 19.51
CA HIS B 176 -6.29 -29.55 20.60
C HIS B 176 -6.03 -28.08 20.36
N THR B 177 -5.96 -27.32 21.44
CA THR B 177 -5.51 -25.95 21.39
C THR B 177 -3.96 -26.10 21.43
N GLU B 178 -3.22 -25.19 20.81
CA GLU B 178 -1.76 -25.26 20.76
C GLU B 178 -1.12 -24.99 22.14
N ASP B 179 -0.16 -25.86 22.51
CA ASP B 179 0.64 -25.81 23.73
C ASP B 179 -0.19 -25.65 25.01
N ALA B 180 -1.15 -26.61 25.23
CA ALA B 180 -2.04 -26.66 26.40
C ALA B 180 -1.26 -26.78 27.71
N PHE B 181 0.01 -27.24 27.63
CA PHE B 181 0.95 -27.44 28.73
C PHE B 181 1.68 -26.17 29.16
N LEU B 182 1.54 -25.06 28.39
CA LEU B 182 2.17 -23.77 28.68
C LEU B 182 1.16 -22.76 29.19
N SER B 183 1.53 -21.96 30.20
N SER B 183 1.54 -21.98 30.20
CA SER B 183 0.70 -20.90 30.77
CA SER B 183 0.72 -20.92 30.77
C SER B 183 0.64 -19.72 29.80
C SER B 183 0.65 -19.72 29.81
N ASN B 184 1.66 -19.58 28.93
CA ASN B 184 1.77 -18.51 27.93
C ASN B 184 1.69 -19.07 26.51
N GLN B 185 0.72 -19.96 26.27
CA GLN B 185 0.47 -20.55 24.95
C GLN B 185 0.07 -19.44 23.96
N ALA B 186 0.20 -19.67 22.64
CA ALA B 186 -0.14 -18.68 21.65
C ALA B 186 -1.56 -18.15 21.85
N ASP B 187 -1.75 -16.86 21.54
CA ASP B 187 -3.06 -16.21 21.57
C ASP B 187 -3.75 -16.49 20.22
N PHE B 188 -2.96 -16.37 19.13
CA PHE B 188 -3.41 -16.55 17.75
C PHE B 188 -2.50 -17.43 16.95
N LEU B 189 -3.10 -18.23 16.05
CA LEU B 189 -2.40 -19.12 15.15
C LEU B 189 -2.88 -18.89 13.74
N SER B 190 -1.97 -19.05 12.78
CA SER B 190 -2.32 -19.04 11.38
C SER B 190 -1.76 -20.35 10.81
N PHE B 191 -2.55 -21.00 9.91
CA PHE B 191 -2.15 -22.21 9.21
C PHE B 191 -2.30 -21.92 7.71
N LEU B 192 -1.19 -21.71 7.02
CA LEU B 192 -1.16 -21.46 5.60
C LEU B 192 -0.94 -22.79 4.83
N TYR B 193 -1.92 -23.19 4.04
CA TYR B 193 -1.84 -24.43 3.28
C TYR B 193 -1.19 -24.21 1.95
N LEU B 194 -0.01 -24.82 1.81
CA LEU B 194 0.80 -24.75 0.59
C LEU B 194 0.38 -25.87 -0.36
N ARG B 195 0.16 -27.09 0.21
CA ARG B 195 -0.27 -28.29 -0.48
C ARG B 195 -1.24 -29.11 0.38
N ASN B 196 -2.32 -29.58 -0.24
CA ASN B 196 -3.31 -30.47 0.37
C ASN B 196 -4.00 -31.28 -0.73
N GLU B 197 -3.16 -31.91 -1.57
CA GLU B 197 -3.56 -32.72 -2.71
C GLU B 197 -4.17 -34.07 -2.27
N GLU B 198 -3.93 -34.47 -1.00
CA GLU B 198 -4.51 -35.68 -0.40
C GLU B 198 -5.98 -35.39 0.03
N ARG B 199 -6.41 -34.10 -0.02
CA ARG B 199 -7.76 -33.59 0.30
C ARG B 199 -8.15 -33.86 1.77
N VAL B 200 -7.17 -33.66 2.68
CA VAL B 200 -7.29 -33.85 4.14
C VAL B 200 -8.16 -32.74 4.75
N PRO B 201 -9.23 -33.05 5.48
CA PRO B 201 -10.03 -31.97 6.06
C PRO B 201 -9.35 -31.38 7.30
N SER B 202 -9.56 -30.12 7.52
CA SER B 202 -9.05 -29.47 8.72
C SER B 202 -10.16 -29.51 9.75
N THR B 203 -9.88 -30.07 10.93
CA THR B 203 -10.92 -30.20 11.94
C THR B 203 -10.80 -29.05 12.92
N LEU B 204 -11.94 -28.47 13.27
CA LEU B 204 -12.02 -27.33 14.18
C LEU B 204 -13.03 -27.60 15.25
N TYR B 205 -12.73 -27.15 16.46
CA TYR B 205 -13.64 -27.31 17.58
C TYR B 205 -13.66 -26.03 18.43
N SER B 206 -14.82 -25.40 18.55
CA SER B 206 -14.99 -24.18 19.33
C SER B 206 -15.72 -24.43 20.65
N ILE B 207 -15.22 -23.84 21.75
CA ILE B 207 -15.85 -23.88 23.07
C ILE B 207 -17.24 -23.19 23.00
N ARG B 208 -17.39 -22.25 22.07
CA ARG B 208 -18.64 -21.51 21.81
C ARG B 208 -19.75 -22.34 21.17
N SER B 209 -19.40 -23.47 20.53
CA SER B 209 -20.34 -24.40 19.88
C SER B 209 -21.24 -25.11 20.92
N HIS B 210 -20.84 -25.08 22.20
CA HIS B 210 -21.58 -25.65 23.34
C HIS B 210 -22.77 -24.78 23.75
N GLY B 211 -22.70 -23.49 23.43
CA GLY B 211 -23.71 -22.51 23.81
C GLY B 211 -23.56 -22.13 25.27
N LYS B 212 -24.70 -22.02 25.98
CA LYS B 212 -24.79 -21.68 27.40
C LYS B 212 -24.01 -22.67 28.30
N MET B 213 -23.34 -22.09 29.29
CA MET B 213 -22.57 -22.75 30.32
C MET B 213 -23.43 -23.81 31.02
N ASN B 214 -22.91 -25.05 31.16
CA ASN B 214 -23.69 -26.15 31.73
C ASN B 214 -22.93 -26.94 32.84
N PRO B 215 -23.57 -27.88 33.61
CA PRO B 215 -22.85 -28.57 34.71
C PRO B 215 -21.62 -29.39 34.33
N VAL B 216 -21.60 -29.97 33.11
CA VAL B 216 -20.46 -30.76 32.61
C VAL B 216 -19.28 -29.80 32.41
N MET B 217 -19.55 -28.67 31.74
N MET B 217 -19.54 -28.65 31.78
CA MET B 217 -18.62 -27.58 31.44
CA MET B 217 -18.58 -27.60 31.48
C MET B 217 -18.00 -26.99 32.72
C MET B 217 -17.99 -26.96 32.73
N LYS B 218 -18.84 -26.64 33.73
CA LYS B 218 -18.46 -26.01 35.00
C LYS B 218 -17.35 -26.71 35.79
N LYS B 219 -17.27 -28.03 35.71
CA LYS B 219 -16.25 -28.80 36.45
C LYS B 219 -14.85 -28.55 35.90
N LEU B 220 -14.75 -28.06 34.64
CA LEU B 220 -13.48 -27.81 33.95
C LEU B 220 -12.76 -26.53 34.39
N PHE B 221 -13.45 -25.69 35.16
CA PHE B 221 -12.92 -24.47 35.76
C PHE B 221 -12.04 -24.79 36.96
N GLU B 222 -12.16 -26.03 37.53
CA GLU B 222 -11.39 -26.48 38.70
C GLU B 222 -9.92 -26.73 38.28
N PRO B 223 -8.92 -26.19 39.00
CA PRO B 223 -7.52 -26.38 38.56
C PRO B 223 -6.93 -27.74 38.92
N ILE B 224 -7.70 -28.82 38.65
CA ILE B 224 -7.42 -30.21 39.02
C ILE B 224 -6.92 -31.12 37.86
N TYR B 225 -6.63 -30.54 36.69
CA TYR B 225 -6.26 -31.30 35.49
C TYR B 225 -4.79 -31.26 35.15
N GLN B 226 -4.27 -32.40 34.68
CA GLN B 226 -2.91 -32.50 34.18
C GLN B 226 -2.89 -32.03 32.71
N CYS B 227 -1.89 -31.19 32.35
CA CYS B 227 -1.69 -30.72 30.98
C CYS B 227 -0.30 -31.23 30.56
N PRO B 228 -0.16 -32.55 30.17
CA PRO B 228 1.19 -33.06 29.84
C PRO B 228 1.90 -32.37 28.69
N LYS B 229 3.22 -32.19 28.84
CA LYS B 229 4.14 -31.57 27.87
C LYS B 229 4.73 -32.58 26.90
N GLY B 242 3.48 -33.34 38.83
CA GLY B 242 3.47 -32.14 38.01
C GLY B 242 2.39 -31.14 38.37
N PRO B 243 2.49 -29.85 37.91
CA PRO B 243 1.43 -28.88 38.23
C PRO B 243 0.13 -29.11 37.45
N THR B 244 -1.00 -28.78 38.09
CA THR B 244 -2.33 -28.94 37.49
C THR B 244 -2.89 -27.58 37.07
N ALA B 245 -3.82 -27.58 36.11
CA ALA B 245 -4.46 -26.35 35.64
C ALA B 245 -5.93 -26.60 35.31
N SER B 246 -6.69 -25.52 35.09
CA SER B 246 -8.08 -25.55 34.69
C SER B 246 -8.11 -25.73 33.17
N VAL B 247 -9.10 -26.46 32.67
CA VAL B 247 -9.31 -26.62 31.24
C VAL B 247 -10.04 -25.34 30.75
N LEU B 248 -11.01 -24.86 31.54
CA LEU B 248 -11.75 -23.64 31.24
C LEU B 248 -11.29 -22.53 32.14
N TYR B 249 -11.13 -21.32 31.59
CA TYR B 249 -10.69 -20.14 32.35
C TYR B 249 -11.27 -18.87 31.70
N GLY B 250 -10.87 -17.70 32.18
CA GLY B 250 -11.38 -16.42 31.68
C GLY B 250 -12.75 -16.13 32.26
N ASN B 251 -13.67 -15.63 31.42
CA ASN B 251 -15.04 -15.33 31.83
C ASN B 251 -15.80 -16.63 32.14
N ARG B 252 -16.54 -16.62 33.25
CA ARG B 252 -17.32 -17.76 33.72
C ARG B 252 -18.44 -18.22 32.79
N GLU B 253 -19.09 -17.26 32.12
CA GLU B 253 -20.20 -17.55 31.21
C GLU B 253 -19.72 -17.85 29.81
N LEU B 254 -18.72 -17.11 29.32
CA LEU B 254 -18.13 -17.20 27.98
C LEU B 254 -16.65 -17.51 28.13
N PRO B 255 -16.27 -18.77 28.45
CA PRO B 255 -14.87 -19.05 28.76
C PRO B 255 -13.89 -19.21 27.61
N PHE B 256 -12.61 -19.31 28.02
CA PHE B 256 -11.49 -19.63 27.17
C PHE B 256 -11.14 -21.09 27.49
N ILE B 257 -10.46 -21.78 26.57
CA ILE B 257 -10.15 -23.19 26.70
C ILE B 257 -8.65 -23.50 26.47
N ARG B 258 -8.17 -24.52 27.20
CA ARG B 258 -6.84 -25.09 27.16
C ARG B 258 -7.15 -26.59 27.14
N PHE B 259 -7.05 -27.24 25.95
CA PHE B 259 -7.43 -28.66 25.83
C PHE B 259 -6.66 -29.44 24.77
N ASP B 260 -6.27 -30.67 25.13
CA ASP B 260 -5.60 -31.62 24.25
C ASP B 260 -6.19 -33.02 24.54
N ALA B 261 -7.15 -33.49 23.71
CA ALA B 261 -7.82 -34.79 23.92
C ALA B 261 -6.85 -35.99 24.00
N ALA B 262 -5.89 -36.04 23.07
CA ALA B 262 -4.87 -37.10 22.98
C ALA B 262 -3.95 -37.15 24.21
N GLU B 263 -3.47 -35.98 24.64
CA GLU B 263 -2.56 -35.81 25.76
C GLU B 263 -3.23 -35.88 27.12
N GLN B 264 -4.45 -35.35 27.26
CA GLN B 264 -5.15 -35.30 28.56
C GLN B 264 -6.10 -36.48 28.82
N ILE B 265 -6.76 -36.99 27.78
CA ILE B 265 -7.72 -38.08 27.93
C ILE B 265 -7.16 -39.45 27.49
N PHE B 266 -6.83 -39.59 26.20
CA PHE B 266 -6.37 -40.85 25.59
C PHE B 266 -4.86 -41.05 25.72
N ASN B 267 -4.37 -40.98 26.95
CA ASN B 267 -2.97 -41.11 27.32
C ASN B 267 -2.93 -41.84 28.65
N GLU B 268 -2.32 -43.04 28.68
CA GLU B 268 -2.17 -43.85 29.90
C GLU B 268 -1.29 -43.13 30.92
N ASN B 269 -0.29 -42.37 30.43
CA ASN B 269 0.66 -41.61 31.23
C ASN B 269 0.19 -40.21 31.65
N ALA B 270 -1.06 -39.81 31.30
CA ALA B 270 -1.61 -38.49 31.64
C ALA B 270 -1.56 -38.16 33.14
N GLY B 271 -1.74 -39.18 33.99
CA GLY B 271 -1.70 -39.07 35.44
C GLY B 271 -2.84 -38.30 36.06
N GLN B 272 -4.04 -38.45 35.48
CA GLN B 272 -5.25 -37.76 35.94
C GLN B 272 -5.86 -38.48 37.13
N THR B 273 -6.48 -37.70 38.05
CA THR B 273 -7.21 -38.29 39.17
C THR B 273 -8.53 -38.84 38.58
N SER B 274 -9.12 -39.86 39.20
CA SER B 274 -10.37 -40.47 38.71
C SER B 274 -11.47 -39.42 38.50
N GLU B 275 -11.53 -38.42 39.40
CA GLU B 275 -12.45 -37.28 39.34
C GLU B 275 -12.16 -36.48 38.08
N ALA B 276 -10.88 -36.12 37.86
CA ALA B 276 -10.42 -35.31 36.75
C ALA B 276 -10.68 -36.00 35.41
N LEU B 277 -10.33 -37.30 35.30
CA LEU B 277 -10.52 -38.11 34.09
C LEU B 277 -12.00 -38.27 33.71
N GLY B 278 -12.85 -38.55 34.70
CA GLY B 278 -14.28 -38.66 34.49
C GLY B 278 -14.89 -37.39 33.94
N ASN B 279 -14.52 -36.23 34.52
CA ASN B 279 -14.98 -34.89 34.11
C ASN B 279 -14.56 -34.59 32.66
N LEU B 280 -13.29 -34.94 32.34
CA LEU B 280 -12.68 -34.77 31.02
C LEU B 280 -13.41 -35.60 29.96
N MET B 281 -13.80 -36.84 30.33
CA MET B 281 -14.52 -37.79 29.47
C MET B 281 -15.95 -37.33 29.22
N ASP B 282 -16.61 -36.80 30.29
CA ASP B 282 -17.98 -36.26 30.22
C ASP B 282 -18.03 -35.08 29.29
N PHE B 283 -16.98 -34.22 29.36
CA PHE B 283 -16.80 -33.04 28.49
C PHE B 283 -16.52 -33.47 27.06
N TRP B 284 -15.62 -34.47 26.86
CA TRP B 284 -15.31 -34.98 25.53
C TRP B 284 -16.53 -35.62 24.84
N ASP B 285 -17.47 -36.23 25.60
CA ASP B 285 -18.69 -36.82 25.03
C ASP B 285 -19.59 -35.76 24.38
N GLU B 286 -19.62 -34.58 25.01
CA GLU B 286 -20.39 -33.41 24.60
C GLU B 286 -19.66 -32.70 23.45
N ALA B 287 -18.33 -32.46 23.61
CA ALA B 287 -17.46 -31.76 22.67
C ALA B 287 -17.23 -32.47 21.32
N LYS B 288 -17.11 -33.82 21.33
CA LYS B 288 -16.82 -34.58 20.11
C LYS B 288 -17.91 -34.49 19.03
N THR B 289 -19.17 -34.19 19.42
CA THR B 289 -20.31 -34.05 18.51
C THR B 289 -20.32 -32.67 17.84
N LEU B 290 -19.54 -31.74 18.39
CA LEU B 290 -19.45 -30.36 17.93
C LEU B 290 -18.24 -30.08 17.01
N ILE B 291 -17.35 -31.08 16.82
CA ILE B 291 -16.18 -30.98 15.95
C ILE B 291 -16.64 -30.77 14.50
N ASN B 292 -16.09 -29.75 13.83
CA ASN B 292 -16.40 -29.40 12.45
C ASN B 292 -15.25 -29.84 11.54
N SER B 293 -15.52 -30.82 10.66
CA SER B 293 -14.57 -31.40 9.71
C SER B 293 -14.96 -31.08 8.25
N ASP B 294 -15.88 -30.12 8.05
CA ASP B 294 -16.41 -29.75 6.73
C ASP B 294 -15.42 -29.11 5.81
N TYR B 295 -14.48 -28.31 6.35
CA TYR B 295 -13.53 -27.60 5.51
C TYR B 295 -12.29 -28.40 5.11
N ILE B 296 -12.10 -28.53 3.78
CA ILE B 296 -10.95 -29.16 3.15
C ILE B 296 -10.12 -28.03 2.49
N PRO B 297 -8.99 -27.61 3.13
CA PRO B 297 -8.21 -26.50 2.54
C PRO B 297 -7.61 -26.77 1.17
N ASN B 298 -7.57 -25.73 0.35
CA ASN B 298 -6.92 -25.75 -0.95
C ASN B 298 -5.61 -24.98 -0.81
N SER B 299 -4.72 -25.19 -1.77
CA SER B 299 -3.45 -24.50 -1.87
C SER B 299 -3.72 -22.98 -1.88
N GLY B 300 -3.09 -22.29 -0.92
CA GLY B 300 -3.25 -20.85 -0.77
C GLY B 300 -4.28 -20.38 0.24
N ASP B 301 -4.95 -21.33 0.90
CA ASP B 301 -5.90 -21.02 1.96
C ASP B 301 -5.17 -20.84 3.27
N LEU B 302 -5.68 -19.95 4.11
CA LEU B 302 -5.13 -19.73 5.43
C LEU B 302 -6.25 -19.79 6.48
N ILE B 303 -6.03 -20.60 7.52
CA ILE B 303 -6.95 -20.70 8.67
C ILE B 303 -6.34 -19.87 9.82
N PHE B 304 -7.09 -18.85 10.29
CA PHE B 304 -6.71 -17.94 11.38
C PHE B 304 -7.53 -18.30 12.62
N VAL B 305 -6.84 -18.63 13.72
CA VAL B 305 -7.46 -19.15 14.94
C VAL B 305 -7.13 -18.34 16.19
N ASN B 306 -8.15 -18.11 17.02
CA ASN B 306 -8.02 -17.60 18.37
C ASN B 306 -7.82 -18.89 19.18
N ASN B 307 -6.57 -19.12 19.60
CA ASN B 307 -6.13 -20.31 20.34
C ASN B 307 -6.74 -20.47 21.76
N HIS B 308 -7.48 -19.45 22.22
CA HIS B 308 -8.20 -19.48 23.49
C HIS B 308 -9.66 -19.89 23.30
N LEU B 309 -10.13 -19.98 22.03
CA LEU B 309 -11.52 -20.33 21.73
C LEU B 309 -11.70 -21.59 20.91
N CYS B 310 -10.76 -21.83 20.01
CA CYS B 310 -10.88 -22.87 19.02
C CYS B 310 -9.68 -23.82 19.00
N ALA B 311 -9.99 -25.12 19.14
CA ALA B 311 -9.06 -26.24 19.02
C ALA B 311 -9.02 -26.66 17.53
N HIS B 312 -7.91 -27.27 17.14
CA HIS B 312 -7.70 -27.72 15.76
C HIS B 312 -7.14 -29.15 15.75
N GLY B 313 -7.24 -29.76 14.56
CA GLY B 313 -6.69 -31.05 14.16
C GLY B 313 -6.23 -30.97 12.70
N ARG B 314 -5.87 -32.12 12.05
CA ARG B 314 -5.34 -32.11 10.67
C ARG B 314 -6.34 -31.64 9.63
N ILE B 328 -6.52 -43.90 -6.59
CA ILE B 328 -5.15 -43.99 -6.10
C ILE B 328 -4.20 -43.15 -7.01
N ILE B 329 -4.49 -41.85 -7.10
CA ILE B 329 -3.75 -40.86 -7.87
C ILE B 329 -2.63 -40.30 -6.98
N LYS B 330 -1.36 -40.46 -7.45
CA LYS B 330 -0.15 -39.98 -6.77
C LYS B 330 -0.07 -38.46 -6.87
N CYS B 331 0.39 -37.81 -5.79
CA CYS B 331 0.47 -36.36 -5.71
C CYS B 331 1.65 -35.90 -4.85
N GLU B 332 1.88 -34.58 -4.81
CA GLU B 332 2.91 -33.98 -3.97
C GLU B 332 2.42 -34.04 -2.51
N ARG B 333 3.36 -34.23 -1.56
CA ARG B 333 3.03 -34.37 -0.15
C ARG B 333 2.56 -33.07 0.49
N ARG B 334 1.64 -33.21 1.47
CA ARG B 334 1.02 -32.13 2.24
C ARG B 334 2.06 -31.17 2.85
N GLN B 335 1.79 -29.88 2.75
CA GLN B 335 2.67 -28.86 3.28
C GLN B 335 1.86 -27.68 3.80
N MET B 336 2.04 -27.36 5.06
CA MET B 336 1.36 -26.26 5.74
C MET B 336 2.40 -25.42 6.53
N LEU B 337 2.22 -24.10 6.60
CA LEU B 337 3.09 -23.20 7.36
C LEU B 337 2.34 -22.63 8.53
N ARG B 338 2.92 -22.76 9.74
CA ARG B 338 2.33 -22.25 10.96
C ARG B 338 3.08 -21.03 11.54
N MET B 339 2.31 -20.07 12.02
CA MET B 339 2.80 -18.88 12.72
C MET B 339 1.96 -18.67 14.01
N MET B 340 2.63 -18.29 15.10
CA MET B 340 1.96 -18.07 16.40
C MET B 340 2.25 -16.68 16.90
N SER B 341 1.30 -16.11 17.61
CA SER B 341 1.48 -14.77 18.11
C SER B 341 0.89 -14.52 19.48
N LYS B 342 1.41 -13.49 20.18
CA LYS B 342 0.95 -13.03 21.49
C LYS B 342 0.60 -11.55 21.39
N THR B 343 -0.55 -11.16 21.96
CA THR B 343 -1.06 -9.77 21.95
C THR B 343 -0.30 -8.83 22.89
N SER B 344 0.40 -9.40 23.90
CA SER B 344 1.18 -8.60 24.84
C SER B 344 2.58 -9.19 25.12
N LEU B 345 3.62 -8.38 24.87
CA LEU B 345 4.99 -8.73 25.20
C LEU B 345 5.28 -8.51 26.69
N ILE B 346 4.46 -7.65 27.34
CA ILE B 346 4.58 -7.32 28.75
C ILE B 346 4.29 -8.52 29.67
N HIS B 347 3.14 -9.19 29.48
CA HIS B 347 2.70 -10.25 30.40
C HIS B 347 3.53 -11.55 30.27
N ILE B 348 4.25 -11.74 29.15
CA ILE B 348 5.15 -12.88 28.92
C ILE B 348 6.62 -12.53 29.25
N ARG B 349 6.92 -11.28 29.64
CA ARG B 349 8.30 -10.81 29.86
C ARG B 349 9.13 -11.64 30.85
N SER B 350 8.52 -12.22 31.89
CA SER B 350 9.29 -13.04 32.83
C SER B 350 9.74 -14.38 32.23
N VAL B 351 9.15 -14.81 31.09
CA VAL B 351 9.45 -16.09 30.44
C VAL B 351 10.16 -15.96 29.08
N THR B 352 10.49 -14.73 28.65
CA THR B 352 11.18 -14.53 27.38
C THR B 352 12.68 -14.32 27.60
N ARG B 353 13.48 -14.49 26.52
CA ARG B 353 14.93 -14.26 26.57
C ARG B 353 15.18 -12.77 26.85
N THR B 354 16.24 -12.45 27.62
CA THR B 354 16.61 -11.08 27.97
C THR B 354 16.82 -10.21 26.72
N ASP B 355 17.56 -10.76 25.73
CA ASP B 355 17.86 -10.04 24.48
C ASP B 355 16.80 -10.27 23.37
N ASP B 356 15.75 -11.08 23.64
CA ASP B 356 14.67 -11.31 22.68
C ASP B 356 13.28 -11.45 23.36
N PRO B 357 12.50 -10.34 23.48
CA PRO B 357 11.17 -10.42 24.12
C PRO B 357 10.07 -11.17 23.32
N TYR B 358 10.45 -11.73 22.16
CA TYR B 358 9.56 -12.52 21.29
C TYR B 358 9.89 -14.01 21.38
N PHE B 359 10.90 -14.40 22.18
CA PHE B 359 11.32 -15.77 22.33
C PHE B 359 10.94 -16.35 23.71
N ILE B 360 9.88 -17.19 23.74
CA ILE B 360 9.35 -17.79 24.96
C ILE B 360 10.14 -19.03 25.38
N MET B 361 10.73 -18.94 26.60
CA MET B 361 11.57 -19.97 27.21
C MET B 361 10.82 -20.87 28.21
N GLU B 362 9.49 -20.75 28.29
CA GLU B 362 8.64 -21.54 29.18
C GLU B 362 8.57 -23.02 28.71
N GLU B 363 8.71 -23.95 29.68
CA GLU B 363 8.68 -25.38 29.50
C GLU B 363 7.35 -26.05 29.88
N HIS B 364 6.81 -25.77 31.07
CA HIS B 364 5.58 -26.38 31.55
C HIS B 364 4.92 -25.56 32.65
N LEU B 365 3.68 -25.11 32.40
CA LEU B 365 2.81 -24.33 33.29
C LEU B 365 3.56 -23.42 34.31
N GLY B 366 4.32 -22.47 33.76
CA GLY B 366 5.06 -21.49 34.54
C GLY B 366 6.55 -21.74 34.64
N LYS B 367 6.95 -23.04 34.63
CA LYS B 367 8.34 -23.47 34.73
C LYS B 367 9.06 -23.13 33.43
N ILE B 368 10.26 -22.55 33.53
CA ILE B 368 11.13 -22.15 32.43
C ILE B 368 12.18 -23.25 32.20
N PHE B 369 12.59 -23.48 30.93
CA PHE B 369 13.61 -24.44 30.58
C PHE B 369 14.93 -24.15 31.30
N ASP B 370 15.54 -25.23 31.85
CA ASP B 370 16.84 -25.22 32.53
C ASP B 370 17.76 -25.79 31.45
N LEU B 371 18.61 -24.94 30.86
CA LEU B 371 19.48 -25.37 29.74
C LEU B 371 20.95 -25.57 30.09
N ASP B 372 21.54 -24.63 30.90
CA ASP B 372 22.94 -24.61 31.33
C ASP B 372 23.90 -24.43 30.15
N THR C 15 -18.60 35.23 -23.13
CA THR C 15 -17.77 34.13 -22.59
C THR C 15 -18.01 33.98 -21.08
N SER C 16 -18.55 35.06 -20.44
CA SER C 16 -18.86 35.15 -19.01
C SER C 16 -19.93 34.14 -18.53
N LEU C 17 -20.90 33.82 -19.41
CA LEU C 17 -22.09 32.97 -19.16
C LEU C 17 -21.87 31.46 -19.11
N THR C 18 -20.90 30.93 -19.89
CA THR C 18 -20.68 29.50 -20.07
C THR C 18 -20.11 28.79 -18.83
N LEU C 19 -20.67 27.59 -18.57
CA LEU C 19 -20.37 26.71 -17.43
C LEU C 19 -19.32 25.66 -17.70
N GLU C 20 -19.32 25.07 -18.92
CA GLU C 20 -18.32 24.08 -19.29
C GLU C 20 -16.98 24.72 -19.26
N ILE C 21 -16.96 26.07 -19.39
CA ILE C 21 -15.70 26.76 -19.46
C ILE C 21 -14.97 26.70 -18.10
N PRO C 22 -13.87 25.88 -18.02
CA PRO C 22 -13.13 25.82 -16.76
C PRO C 22 -12.26 27.07 -16.57
N THR C 23 -12.39 27.73 -15.41
CA THR C 23 -11.61 28.94 -15.14
C THR C 23 -10.59 28.71 -14.01
N SER C 24 -10.66 27.54 -13.36
CA SER C 24 -9.80 27.16 -12.24
C SER C 24 -9.51 25.65 -12.24
N PRO C 25 -8.39 25.19 -11.61
CA PRO C 25 -8.11 23.75 -11.58
C PRO C 25 -9.02 22.95 -10.64
N LEU C 26 -9.11 21.63 -10.84
CA LEU C 26 -9.86 20.80 -9.90
C LEU C 26 -9.07 20.68 -8.56
N ILE C 27 -9.72 20.94 -7.41
CA ILE C 27 -9.08 20.87 -6.09
C ILE C 27 -9.48 19.56 -5.42
N ILE C 28 -8.49 18.74 -5.07
CA ILE C 28 -8.69 17.47 -4.35
C ILE C 28 -8.10 17.64 -2.97
N LYS C 29 -8.93 17.49 -1.94
CA LYS C 29 -8.45 17.56 -0.56
C LYS C 29 -8.05 16.13 -0.14
N ILE C 30 -6.75 15.87 -0.07
CA ILE C 30 -6.22 14.55 0.32
C ILE C 30 -6.54 14.33 1.82
N THR C 31 -6.96 13.11 2.17
CA THR C 31 -7.30 12.76 3.56
C THR C 31 -6.06 12.28 4.32
N GLN C 32 -6.15 12.22 5.65
CA GLN C 32 -5.06 11.73 6.48
C GLN C 32 -4.71 10.27 6.18
N GLN C 33 -5.75 9.42 5.99
CA GLN C 33 -5.59 8.00 5.64
C GLN C 33 -4.80 7.87 4.31
N GLU C 34 -5.14 8.68 3.29
CA GLU C 34 -4.45 8.71 1.99
C GLU C 34 -2.97 9.11 2.15
N ARG C 35 -2.69 10.16 2.96
CA ARG C 35 -1.31 10.62 3.24
C ARG C 35 -0.50 9.53 3.95
N ASN C 36 -1.15 8.82 4.89
CA ASN C 36 -0.48 7.74 5.62
C ASN C 36 -0.14 6.54 4.71
N ILE C 37 -1.03 6.20 3.76
CA ILE C 37 -0.75 5.13 2.80
C ILE C 37 0.45 5.54 1.91
N LEU C 38 0.42 6.75 1.31
CA LEU C 38 1.48 7.28 0.47
C LEU C 38 2.83 7.27 1.18
N SER C 39 2.86 7.74 2.44
CA SER C 39 4.05 7.80 3.27
C SER C 39 4.64 6.42 3.54
N ASN C 40 3.82 5.45 3.96
CA ASN C 40 4.30 4.08 4.17
C ASN C 40 4.84 3.45 2.87
N VAL C 41 4.10 3.57 1.75
CA VAL C 41 4.48 3.09 0.41
C VAL C 41 5.83 3.72 -0.04
N GLY C 42 5.96 5.03 0.13
CA GLY C 42 7.19 5.76 -0.20
C GLY C 42 8.37 5.24 0.60
N ASN C 43 8.20 5.03 1.92
CA ASN C 43 9.26 4.50 2.79
C ASN C 43 9.67 3.07 2.39
N LEU C 44 8.66 2.23 2.11
CA LEU C 44 8.81 0.84 1.69
C LEU C 44 9.59 0.76 0.34
N LEU C 45 9.24 1.65 -0.63
CA LEU C 45 9.94 1.72 -1.93
C LEU C 45 11.40 2.19 -1.79
N VAL C 46 11.69 3.06 -0.83
CA VAL C 46 13.06 3.51 -0.52
C VAL C 46 13.89 2.29 -0.06
N LYS C 47 13.37 1.52 0.90
CA LYS C 47 13.99 0.32 1.44
C LYS C 47 14.17 -0.75 0.37
N ALA C 48 13.13 -1.00 -0.44
CA ALA C 48 13.11 -1.99 -1.52
C ALA C 48 14.03 -1.66 -2.72
N PHE C 49 14.02 -0.39 -3.22
CA PHE C 49 14.75 -0.03 -4.44
C PHE C 49 15.87 0.95 -4.28
N GLY C 50 16.08 1.47 -3.08
CA GLY C 50 17.13 2.45 -2.85
C GLY C 50 16.73 3.83 -3.30
N ASN C 51 16.52 4.01 -4.62
CA ASN C 51 16.14 5.31 -5.19
C ASN C 51 15.16 5.16 -6.37
N TYR C 52 14.40 6.22 -6.67
CA TYR C 52 13.35 6.27 -7.72
C TYR C 52 13.89 6.16 -9.14
N GLU C 53 15.21 6.23 -9.30
CA GLU C 53 15.86 6.09 -10.62
C GLU C 53 16.39 4.66 -10.85
N ASN C 54 16.06 3.73 -9.91
CA ASN C 54 16.44 2.33 -10.01
C ASN C 54 15.76 1.73 -11.26
N PRO C 55 16.53 1.14 -12.20
CA PRO C 55 15.92 0.57 -13.43
C PRO C 55 14.84 -0.47 -13.19
N ASP C 56 14.95 -1.26 -12.09
CA ASP C 56 13.97 -2.28 -11.70
C ASP C 56 12.66 -1.64 -11.31
N TYR C 57 12.74 -0.51 -10.57
CA TYR C 57 11.58 0.24 -10.14
C TYR C 57 10.91 0.94 -11.31
N ILE C 58 11.67 1.59 -12.17
CA ILE C 58 11.17 2.31 -13.36
C ILE C 58 10.42 1.36 -14.30
N ALA C 59 10.93 0.12 -14.42
CA ALA C 59 10.34 -0.95 -15.24
C ALA C 59 8.97 -1.41 -14.67
N SER C 60 8.82 -1.41 -13.33
CA SER C 60 7.59 -1.84 -12.66
C SER C 60 6.77 -0.68 -12.09
N LEU C 61 6.97 0.57 -12.60
CA LEU C 61 6.32 1.78 -12.11
C LEU C 61 4.80 1.71 -12.06
N HIS C 62 4.18 1.34 -13.20
CA HIS C 62 2.73 1.22 -13.39
C HIS C 62 2.11 0.18 -12.46
N LEU C 63 2.79 -0.96 -12.26
CA LEU C 63 2.34 -1.98 -11.30
C LEU C 63 2.21 -1.42 -9.89
N HIS C 64 3.28 -0.75 -9.39
CA HIS C 64 3.27 -0.14 -8.06
C HIS C 64 2.31 1.00 -7.96
N ALA C 65 2.15 1.78 -9.04
CA ALA C 65 1.20 2.91 -9.05
C ALA C 65 -0.27 2.46 -8.97
N PHE C 66 -0.68 1.51 -9.82
CA PHE C 66 -2.07 1.06 -9.81
C PHE C 66 -2.41 0.17 -8.62
N GLN C 67 -1.44 -0.57 -8.09
CA GLN C 67 -1.72 -1.43 -6.94
C GLN C 67 -1.58 -0.75 -5.58
N LEU C 68 -0.57 0.13 -5.40
CA LEU C 68 -0.26 0.68 -4.08
C LEU C 68 -0.80 2.06 -3.78
N LEU C 69 -1.10 2.88 -4.79
CA LEU C 69 -1.63 4.23 -4.52
C LEU C 69 -3.06 4.16 -3.97
N PRO C 70 -3.46 5.12 -3.07
CA PRO C 70 -4.87 5.18 -2.65
C PRO C 70 -5.77 5.28 -3.89
N GLU C 71 -6.74 4.37 -3.99
CA GLU C 71 -7.58 4.18 -5.18
C GLU C 71 -8.24 5.47 -5.74
N ARG C 72 -8.62 6.42 -4.86
CA ARG C 72 -9.24 7.67 -5.30
C ARG C 72 -8.28 8.49 -6.16
N ILE C 73 -6.99 8.60 -5.76
CA ILE C 73 -5.91 9.28 -6.49
C ILE C 73 -5.68 8.61 -7.89
N THR C 74 -5.63 7.27 -7.93
CA THR C 74 -5.48 6.48 -9.14
C THR C 74 -6.62 6.76 -10.15
N ARG C 75 -7.87 6.81 -9.65
CA ARG C 75 -9.08 7.07 -10.45
C ARG C 75 -9.08 8.46 -11.01
N ILE C 76 -8.68 9.47 -10.22
CA ILE C 76 -8.58 10.87 -10.62
C ILE C 76 -7.57 11.04 -11.76
N LEU C 77 -6.34 10.50 -11.59
CA LEU C 77 -5.24 10.59 -12.54
C LEU C 77 -5.48 9.81 -13.85
N SER C 78 -6.13 8.63 -13.78
CA SER C 78 -6.47 7.78 -14.95
C SER C 78 -7.50 8.49 -15.83
N GLN C 79 -8.52 9.08 -15.19
CA GLN C 79 -9.59 9.85 -15.82
C GLN C 79 -8.97 11.09 -16.51
N PHE C 80 -8.05 11.79 -15.81
CA PHE C 80 -7.35 12.99 -16.26
C PHE C 80 -6.44 12.77 -17.46
N GLY C 81 -5.74 11.63 -17.47
CA GLY C 81 -4.78 11.30 -18.53
C GLY C 81 -5.33 11.25 -19.93
N SER C 82 -6.59 10.84 -20.07
CA SER C 82 -7.25 10.74 -21.37
C SER C 82 -8.41 11.76 -21.53
N ASP C 83 -8.49 12.76 -20.65
CA ASP C 83 -9.53 13.80 -20.71
C ASP C 83 -9.04 15.08 -21.36
N PHE C 84 -9.49 15.33 -22.59
CA PHE C 84 -9.11 16.53 -23.35
C PHE C 84 -10.36 17.29 -23.76
N SER C 85 -11.47 17.03 -23.05
CA SER C 85 -12.79 17.64 -23.28
C SER C 85 -12.81 19.13 -22.98
N ALA C 86 -13.90 19.80 -23.36
CA ALA C 86 -14.15 21.22 -23.17
C ALA C 86 -14.16 21.64 -21.70
N GLU C 87 -14.58 20.73 -20.80
CA GLU C 87 -14.71 20.96 -19.35
C GLU C 87 -13.41 20.79 -18.58
N GLN C 88 -12.40 20.17 -19.20
CA GLN C 88 -11.12 19.87 -18.58
C GLN C 88 -10.15 21.07 -18.55
N TYR C 89 -9.82 21.54 -17.34
CA TYR C 89 -8.87 22.64 -17.13
C TYR C 89 -7.42 22.26 -17.52
N GLY C 90 -7.00 21.04 -17.19
CA GLY C 90 -5.66 20.56 -17.48
C GLY C 90 -4.73 20.63 -16.29
N ALA C 91 -5.28 20.92 -15.11
CA ALA C 91 -4.53 20.98 -13.86
C ALA C 91 -5.40 20.49 -12.71
N ILE C 92 -4.77 19.81 -11.76
CA ILE C 92 -5.40 19.32 -10.51
C ILE C 92 -4.54 19.79 -9.35
N VAL C 93 -5.17 20.34 -8.30
CA VAL C 93 -4.44 20.64 -7.10
C VAL C 93 -4.72 19.48 -6.10
N PHE C 94 -3.68 18.75 -5.68
CA PHE C 94 -3.80 17.74 -4.61
C PHE C 94 -3.34 18.42 -3.33
N GLN C 95 -4.32 18.94 -2.56
CA GLN C 95 -4.09 19.64 -1.29
C GLN C 95 -3.72 18.64 -0.20
N GLY C 96 -2.60 18.90 0.48
CA GLY C 96 -2.08 18.05 1.55
C GLY C 96 -1.80 16.63 1.12
N LEU C 97 -1.10 16.44 0.00
CA LEU C 97 -0.75 15.13 -0.51
C LEU C 97 0.25 14.43 0.44
N ILE C 98 1.19 15.20 0.99
CA ILE C 98 2.22 14.69 1.87
C ILE C 98 2.36 15.58 3.10
N GLU C 99 2.85 14.97 4.21
CA GLU C 99 3.23 15.66 5.42
C GLU C 99 4.74 16.02 5.25
N VAL C 100 5.10 17.31 5.34
CA VAL C 100 6.51 17.65 5.21
C VAL C 100 7.14 17.83 6.58
N ASP C 101 8.13 16.98 6.90
CA ASP C 101 8.93 17.09 8.11
C ASP C 101 10.00 18.16 7.79
N GLN C 102 9.76 19.38 8.26
CA GLN C 102 10.62 20.52 8.01
C GLN C 102 12.04 20.38 8.58
N ASP C 103 12.17 19.78 9.79
CA ASP C 103 13.46 19.54 10.46
C ASP C 103 14.31 18.53 9.67
N ASP C 104 13.68 17.43 9.22
CA ASP C 104 14.37 16.40 8.43
C ASP C 104 14.85 17.00 7.11
N LEU C 105 14.01 17.80 6.43
CA LEU C 105 14.32 18.47 5.17
C LEU C 105 15.53 19.41 5.34
N GLY C 106 15.69 19.97 6.54
CA GLY C 106 16.78 20.87 6.87
C GLY C 106 16.68 22.19 6.12
N PRO C 107 17.64 23.12 6.26
CA PRO C 107 17.51 24.39 5.51
C PRO C 107 17.59 24.20 4.00
N THR C 108 16.96 25.14 3.24
CA THR C 108 16.96 25.14 1.80
C THR C 108 18.39 25.46 1.30
N PRO C 109 18.95 24.63 0.39
CA PRO C 109 20.32 24.91 -0.15
C PRO C 109 20.41 26.27 -0.86
N PRO C 110 21.62 26.87 -1.06
CA PRO C 110 21.67 28.20 -1.72
C PRO C 110 21.16 28.24 -3.16
N ASN C 111 21.16 27.06 -3.85
CA ASN C 111 20.69 26.88 -5.23
C ASN C 111 20.26 25.40 -5.43
N TRP C 112 19.71 25.06 -6.62
CA TRP C 112 19.27 23.68 -6.93
C TRP C 112 20.40 22.67 -6.92
N GLN C 113 21.63 23.15 -7.19
CA GLN C 113 22.85 22.35 -7.21
C GLN C 113 23.18 21.74 -5.86
N GLY C 114 22.81 22.40 -4.77
CA GLY C 114 23.07 21.94 -3.41
C GLY C 114 22.01 21.06 -2.78
N ALA C 115 20.99 20.61 -3.57
CA ALA C 115 19.86 19.81 -3.11
C ALA C 115 20.26 18.46 -2.49
N ASP C 116 19.70 18.14 -1.28
CA ASP C 116 19.98 16.90 -0.55
C ASP C 116 19.01 15.81 -0.99
N TYR C 117 19.38 15.09 -2.06
CA TYR C 117 18.56 14.04 -2.64
C TYR C 117 18.25 12.91 -1.67
N GLY C 118 19.07 12.74 -0.64
CA GLY C 118 18.82 11.75 0.39
C GLY C 118 17.50 12.03 1.09
N LYS C 119 17.27 13.32 1.37
CA LYS C 119 16.06 13.84 2.02
C LYS C 119 14.88 14.05 1.06
N LEU C 120 15.09 13.86 -0.27
CA LEU C 120 14.07 14.04 -1.31
C LEU C 120 13.62 12.73 -1.93
N ASN C 121 14.37 11.66 -1.67
CA ASN C 121 14.21 10.34 -2.23
C ASN C 121 12.79 9.77 -2.13
N LYS C 122 12.17 9.83 -0.95
CA LYS C 122 10.80 9.36 -0.71
C LYS C 122 9.80 10.16 -1.54
N TYR C 123 10.00 11.47 -1.66
CA TYR C 123 9.16 12.36 -2.45
C TYR C 123 9.22 12.02 -3.94
N GLY C 124 10.41 11.65 -4.44
CA GLY C 124 10.64 11.23 -5.82
C GLY C 124 9.86 9.98 -6.16
N PHE C 125 9.79 9.04 -5.20
CA PHE C 125 9.00 7.80 -5.31
C PHE C 125 7.51 8.12 -5.39
N ILE C 126 7.01 9.00 -4.50
CA ILE C 126 5.60 9.40 -4.45
C ILE C 126 5.18 10.11 -5.74
N CYS C 127 6.00 11.06 -6.22
CA CYS C 127 5.74 11.79 -7.46
C CYS C 127 5.70 10.87 -8.67
N SER C 128 6.66 9.92 -8.75
CA SER C 128 6.72 8.97 -9.88
C SER C 128 5.50 8.07 -9.92
N LEU C 129 4.93 7.72 -8.74
CA LEU C 129 3.71 6.92 -8.65
C LEU C 129 2.53 7.66 -9.23
N LEU C 130 2.41 8.97 -8.94
CA LEU C 130 1.34 9.80 -9.53
C LEU C 130 1.43 9.81 -11.08
N HIS C 131 2.64 10.03 -11.67
CA HIS C 131 2.86 9.98 -13.12
C HIS C 131 2.51 8.57 -13.67
N GLY C 132 2.94 7.52 -12.95
CA GLY C 132 2.69 6.11 -13.25
C GLY C 132 1.22 5.71 -13.38
N ALA C 133 0.33 6.42 -12.67
CA ALA C 133 -1.13 6.19 -12.65
C ALA C 133 -1.88 6.95 -13.76
N VAL C 134 -1.24 7.87 -14.49
CA VAL C 134 -1.87 8.62 -15.60
C VAL C 134 -2.37 7.67 -16.73
N PRO C 135 -1.63 6.64 -17.26
CA PRO C 135 -0.22 6.26 -17.01
C PRO C 135 0.74 7.11 -17.86
N SER C 136 1.88 7.45 -17.28
CA SER C 136 2.90 8.27 -17.93
C SER C 136 4.25 7.86 -17.32
N LYS C 137 5.33 7.99 -18.08
CA LYS C 137 6.66 7.59 -17.66
C LYS C 137 7.57 8.77 -17.43
N PRO C 138 8.14 8.90 -16.21
CA PRO C 138 9.08 10.01 -15.95
C PRO C 138 10.27 10.01 -16.90
N VAL C 139 10.64 11.21 -17.35
CA VAL C 139 11.73 11.41 -18.31
C VAL C 139 12.63 12.55 -17.85
N GLN C 140 13.84 12.63 -18.44
CA GLN C 140 14.71 13.79 -18.20
C GLN C 140 15.15 14.36 -19.55
N TYR C 141 15.45 15.66 -19.58
CA TYR C 141 15.83 16.39 -20.79
C TYR C 141 17.22 16.93 -20.66
N TYR C 142 18.00 16.78 -21.73
CA TYR C 142 19.33 17.34 -21.76
C TYR C 142 19.23 18.87 -21.74
N ALA C 143 18.12 19.42 -22.31
CA ALA C 143 17.78 20.85 -22.37
C ALA C 143 17.60 21.45 -20.98
N GLN C 144 17.21 20.62 -20.00
CA GLN C 144 16.98 21.01 -18.61
C GLN C 144 18.07 20.43 -17.70
N ARG C 145 19.09 21.25 -17.39
CA ARG C 145 20.23 20.95 -16.50
C ARG C 145 21.05 19.72 -16.93
N LYS C 146 21.26 19.53 -18.27
CA LYS C 146 21.99 18.39 -18.86
C LYS C 146 21.43 17.02 -18.36
N GLY C 147 20.11 16.99 -18.14
CA GLY C 147 19.37 15.87 -17.58
C GLY C 147 18.91 16.26 -16.18
N GLY C 148 19.85 16.22 -15.23
CA GLY C 148 19.63 16.63 -13.84
C GLY C 148 18.77 15.68 -13.02
N GLY C 149 18.46 14.52 -13.60
CA GLY C 149 17.65 13.49 -12.98
C GLY C 149 16.16 13.65 -13.19
N LEU C 150 15.39 12.64 -12.74
CA LEU C 150 13.94 12.63 -12.88
C LEU C 150 13.22 13.59 -11.96
N LEU C 151 13.89 14.05 -10.92
CA LEU C 151 13.30 14.96 -9.96
C LEU C 151 14.20 16.18 -9.80
N HIS C 152 13.62 17.36 -10.04
CA HIS C 152 14.34 18.62 -9.99
C HIS C 152 13.93 19.45 -8.80
N ALA C 153 14.89 19.91 -8.04
CA ALA C 153 14.62 20.81 -6.94
C ALA C 153 14.62 22.21 -7.57
N VAL C 154 13.54 22.96 -7.34
CA VAL C 154 13.33 24.33 -7.85
C VAL C 154 13.49 25.26 -6.62
N ILE C 155 14.68 25.86 -6.51
CA ILE C 155 15.14 26.69 -5.41
C ILE C 155 15.53 28.11 -5.90
N PRO C 156 15.10 29.17 -5.18
CA PRO C 156 15.52 30.53 -5.59
C PRO C 156 17.00 30.79 -5.29
N ASP C 157 17.77 31.08 -6.37
CA ASP C 157 19.20 31.38 -6.32
C ASP C 157 19.33 32.91 -6.26
N GLU C 158 20.09 33.45 -5.27
CA GLU C 158 20.31 34.90 -5.12
C GLU C 158 21.05 35.53 -6.31
N LYS C 159 21.90 34.73 -7.00
CA LYS C 159 22.68 35.08 -8.19
C LYS C 159 21.80 35.13 -9.46
N MET C 160 20.53 34.67 -9.35
CA MET C 160 19.56 34.65 -10.46
C MET C 160 18.20 35.18 -10.02
N ALA C 161 18.19 36.20 -9.11
CA ALA C 161 16.99 36.83 -8.55
C ALA C 161 16.03 37.43 -9.59
N ALA C 162 16.51 38.27 -10.51
CA ALA C 162 15.65 38.88 -11.54
C ALA C 162 15.60 38.12 -12.88
N THR C 163 16.03 36.84 -12.90
CA THR C 163 15.98 36.01 -14.12
C THR C 163 14.61 35.38 -14.35
N GLN C 164 14.29 35.08 -15.62
CA GLN C 164 13.04 34.43 -16.02
C GLN C 164 13.25 32.89 -16.07
N THR C 165 13.54 32.31 -14.87
CA THR C 165 13.79 30.88 -14.65
C THR C 165 13.16 30.42 -13.32
N GLY C 166 13.22 29.10 -13.07
CA GLY C 166 12.77 28.45 -11.85
C GLY C 166 13.60 28.85 -10.65
N SER C 167 14.90 29.19 -10.90
CA SER C 167 15.90 29.66 -9.93
C SER C 167 15.70 31.15 -9.59
N GLY C 168 14.75 31.78 -10.29
CA GLY C 168 14.37 33.18 -10.09
C GLY C 168 13.51 33.39 -8.86
N SER C 169 13.20 34.68 -8.56
CA SER C 169 12.36 35.08 -7.44
C SER C 169 11.75 36.49 -7.59
N LYS C 170 12.62 37.53 -7.64
CA LYS C 170 12.32 38.97 -7.68
C LYS C 170 11.30 39.43 -8.73
N THR C 171 11.23 38.73 -9.87
CA THR C 171 10.32 39.07 -10.97
C THR C 171 9.27 37.98 -11.22
N ASP C 172 8.14 38.38 -11.81
CA ASP C 172 7.03 37.49 -12.16
C ASP C 172 7.50 36.49 -13.20
N LEU C 173 7.22 35.21 -12.97
CA LEU C 173 7.52 34.16 -13.92
C LEU C 173 6.22 33.99 -14.74
N PHE C 174 6.20 34.58 -15.96
CA PHE C 174 5.07 34.58 -16.90
C PHE C 174 4.61 33.17 -17.20
N VAL C 175 3.29 33.02 -17.48
CA VAL C 175 2.69 31.71 -17.82
C VAL C 175 3.36 31.14 -19.08
N HIS C 176 3.67 29.84 -18.99
CA HIS C 176 4.32 29.10 -20.06
C HIS C 176 4.04 27.61 -19.87
N THR C 177 3.97 26.88 -21.00
CA THR C 177 3.92 25.43 -20.99
C THR C 177 5.43 25.09 -20.95
N GLU C 178 5.80 23.97 -20.34
CA GLU C 178 7.19 23.55 -20.22
C GLU C 178 7.79 23.14 -21.55
N ASP C 179 8.98 23.69 -21.86
CA ASP C 179 9.80 23.42 -23.05
C ASP C 179 9.03 23.57 -24.38
N ALA C 180 8.43 24.77 -24.61
CA ALA C 180 7.69 25.13 -25.82
C ALA C 180 8.56 25.06 -27.09
N PHE C 181 9.89 25.11 -26.91
CA PHE C 181 10.91 25.01 -27.96
C PHE C 181 11.22 23.57 -28.42
N LEU C 182 10.68 22.54 -27.70
CA LEU C 182 10.88 21.13 -28.03
C LEU C 182 9.62 20.52 -28.61
N SER C 183 9.76 19.70 -29.67
CA SER C 183 8.66 18.97 -30.30
C SER C 183 8.16 17.85 -29.38
N ASN C 184 9.05 17.36 -28.47
CA ASN C 184 8.75 16.28 -27.52
C ASN C 184 8.76 16.77 -26.08
N GLN C 185 8.12 17.92 -25.82
CA GLN C 185 8.01 18.52 -24.49
C GLN C 185 7.21 17.57 -23.58
N ALA C 186 7.33 17.72 -22.24
CA ALA C 186 6.62 16.86 -21.30
C ALA C 186 5.12 16.83 -21.59
N ASP C 187 4.49 15.67 -21.35
CA ASP C 187 3.06 15.48 -21.49
C ASP C 187 2.41 15.93 -20.17
N PHE C 188 3.04 15.53 -19.03
CA PHE C 188 2.58 15.80 -17.68
C PHE C 188 3.68 16.29 -16.77
N LEU C 189 3.31 17.21 -15.87
CA LEU C 189 4.21 17.79 -14.88
C LEU C 189 3.58 17.70 -13.53
N SER C 190 4.41 17.51 -12.51
CA SER C 190 3.99 17.58 -11.12
C SER C 190 4.91 18.58 -10.43
N PHE C 191 4.33 19.43 -9.58
CA PHE C 191 5.06 20.42 -8.77
C PHE C 191 4.70 20.15 -7.33
N LEU C 192 5.63 19.56 -6.58
CA LEU C 192 5.43 19.27 -5.17
C LEU C 192 6.03 20.40 -4.34
N TYR C 193 5.18 21.10 -3.57
CA TYR C 193 5.65 22.22 -2.73
C TYR C 193 6.07 21.76 -1.38
N LEU C 194 7.36 21.81 -1.12
CA LEU C 194 7.92 21.43 0.19
C LEU C 194 7.82 22.59 1.15
N ARG C 195 8.03 23.81 0.64
CA ARG C 195 8.05 25.07 1.36
C ARG C 195 7.59 26.19 0.46
N ASN C 196 6.68 27.02 0.96
CA ASN C 196 6.17 28.22 0.30
C ASN C 196 5.76 29.20 1.40
N GLU C 197 6.71 29.46 2.31
CA GLU C 197 6.52 30.37 3.46
C GLU C 197 6.48 31.84 3.03
N GLU C 198 6.95 32.15 1.80
CA GLU C 198 6.89 33.50 1.21
C GLU C 198 5.45 33.80 0.69
N ARG C 199 4.58 32.75 0.66
CA ARG C 199 3.17 32.76 0.25
C ARG C 199 3.00 33.19 -1.22
N VAL C 200 3.89 32.67 -2.08
CA VAL C 200 3.95 32.92 -3.52
C VAL C 200 2.77 32.25 -4.21
N PRO C 201 1.94 33.02 -4.95
CA PRO C 201 0.84 32.42 -5.71
C PRO C 201 1.36 31.64 -6.92
N SER C 202 0.74 30.49 -7.20
CA SER C 202 1.06 29.71 -8.39
C SER C 202 0.09 30.17 -9.47
N THR C 203 0.61 30.60 -10.61
CA THR C 203 -0.28 31.07 -11.67
C THR C 203 -0.50 29.93 -12.67
N LEU C 204 -1.76 29.79 -13.12
CA LEU C 204 -2.15 28.77 -14.08
C LEU C 204 -2.95 29.40 -15.19
N TYR C 205 -2.74 28.91 -16.42
CA TYR C 205 -3.48 29.38 -17.58
C TYR C 205 -3.85 28.20 -18.48
N SER C 206 -5.16 27.99 -18.68
CA SER C 206 -5.66 26.91 -19.52
C SER C 206 -6.18 27.41 -20.86
N ILE C 207 -5.84 26.69 -21.94
CA ILE C 207 -6.35 26.97 -23.30
C ILE C 207 -7.90 26.76 -23.32
N ARG C 208 -8.42 25.90 -22.41
CA ARG C 208 -9.84 25.61 -22.27
C ARG C 208 -10.64 26.76 -21.66
N SER C 209 -9.96 27.70 -20.95
CA SER C 209 -10.58 28.89 -20.33
C SER C 209 -11.12 29.87 -21.40
N HIS C 210 -10.69 29.71 -22.67
CA HIS C 210 -11.12 30.50 -23.83
C HIS C 210 -12.48 30.07 -24.33
N GLY C 211 -12.85 28.82 -24.05
CA GLY C 211 -14.09 28.23 -24.54
C GLY C 211 -13.97 27.86 -26.02
N LYS C 212 -15.05 28.08 -26.79
CA LYS C 212 -15.10 27.79 -28.25
C LYS C 212 -14.08 28.64 -29.03
N MET C 213 -13.43 28.03 -30.05
CA MET C 213 -12.38 28.69 -30.85
C MET C 213 -12.91 29.79 -31.76
N ASN C 214 -12.28 30.96 -31.63
CA ASN C 214 -12.56 32.19 -32.37
C ASN C 214 -11.44 32.46 -33.40
N PRO C 215 -11.60 33.43 -34.35
CA PRO C 215 -10.55 33.65 -35.37
C PRO C 215 -9.17 34.11 -34.85
N VAL C 216 -9.10 34.68 -33.63
CA VAL C 216 -7.84 35.07 -33.00
C VAL C 216 -7.05 33.79 -32.67
N MET C 217 -7.71 32.81 -32.00
CA MET C 217 -7.11 31.51 -31.66
C MET C 217 -6.79 30.68 -32.92
N LYS C 218 -7.66 30.75 -33.96
CA LYS C 218 -7.49 30.00 -35.21
C LYS C 218 -6.18 30.28 -35.94
N LYS C 219 -5.67 31.51 -35.84
CA LYS C 219 -4.41 31.89 -36.52
C LYS C 219 -3.19 31.21 -35.88
N LEU C 220 -3.34 30.76 -34.61
CA LEU C 220 -2.27 30.08 -33.85
C LEU C 220 -1.99 28.65 -34.31
N PHE C 221 -2.88 28.08 -35.15
CA PHE C 221 -2.73 26.76 -35.75
C PHE C 221 -1.71 26.82 -36.90
N GLU C 222 -1.39 28.03 -37.42
CA GLU C 222 -0.44 28.23 -38.52
C GLU C 222 1.00 27.97 -38.02
N PRO C 223 1.81 27.13 -38.70
CA PRO C 223 3.17 26.86 -38.17
C PRO C 223 4.19 27.96 -38.47
N ILE C 224 3.80 29.23 -38.21
CA ILE C 224 4.54 30.46 -38.52
C ILE C 224 5.23 31.14 -37.30
N TYR C 225 5.24 30.48 -36.13
CA TYR C 225 5.76 31.07 -34.89
C TYR C 225 7.13 30.56 -34.46
N GLN C 226 7.96 31.48 -33.95
CA GLN C 226 9.26 31.13 -33.37
C GLN C 226 9.04 30.66 -31.91
N CYS C 227 9.68 29.54 -31.54
CA CYS C 227 9.63 29.01 -30.17
C CYS C 227 11.10 29.02 -29.68
N PRO C 228 11.66 30.20 -29.25
CA PRO C 228 13.09 30.24 -28.87
C PRO C 228 13.49 29.32 -27.72
N LYS C 229 14.68 28.68 -27.86
CA LYS C 229 15.27 27.78 -26.86
C LYS C 229 15.90 28.55 -25.70
N GLY C 242 15.74 29.93 -37.94
CA GLY C 242 15.35 28.80 -37.10
C GLY C 242 14.02 28.18 -37.49
N PRO C 243 13.69 26.94 -37.02
CA PRO C 243 12.39 26.34 -37.41
C PRO C 243 11.21 26.97 -36.67
N THR C 244 10.05 27.03 -37.34
CA THR C 244 8.84 27.60 -36.76
C THR C 244 7.84 26.50 -36.42
N ALA C 245 6.91 26.78 -35.50
CA ALA C 245 5.88 25.83 -35.09
C ALA C 245 4.55 26.53 -34.84
N SER C 246 3.47 25.74 -34.71
CA SER C 246 2.13 26.22 -34.39
C SER C 246 2.06 26.37 -32.88
N VAL C 247 1.33 27.38 -32.41
CA VAL C 247 1.09 27.57 -30.98
C VAL C 247 -0.04 26.60 -30.57
N LEU C 248 -1.06 26.45 -31.44
CA LEU C 248 -2.17 25.54 -31.22
C LEU C 248 -2.05 24.35 -32.15
N TYR C 249 -2.32 23.15 -31.65
CA TYR C 249 -2.24 21.90 -32.43
C TYR C 249 -3.24 20.88 -31.87
N GLY C 250 -3.20 19.66 -32.38
CA GLY C 250 -4.14 18.61 -31.99
C GLY C 250 -5.49 18.81 -32.64
N ASN C 251 -6.57 18.58 -31.89
CA ASN C 251 -7.93 18.74 -32.36
C ASN C 251 -8.24 20.23 -32.63
N ARG C 252 -8.88 20.49 -33.78
CA ARG C 252 -9.21 21.83 -34.24
C ARG C 252 -10.18 22.57 -33.34
N GLU C 253 -11.16 21.87 -32.75
CA GLU C 253 -12.16 22.48 -31.89
C GLU C 253 -11.67 22.62 -30.46
N LEU C 254 -10.98 21.58 -29.94
CA LEU C 254 -10.48 21.45 -28.58
C LEU C 254 -8.97 21.25 -28.65
N PRO C 255 -8.19 22.33 -28.92
CA PRO C 255 -6.75 22.15 -29.14
C PRO C 255 -5.83 21.96 -27.92
N PHE C 256 -4.58 21.65 -28.24
CA PHE C 256 -3.45 21.58 -27.34
C PHE C 256 -2.63 22.85 -27.58
N ILE C 257 -1.82 23.26 -26.60
CA ILE C 257 -1.05 24.50 -26.67
C ILE C 257 0.46 24.30 -26.34
N ARG C 258 1.27 25.11 -27.00
CA ARG C 258 2.71 25.23 -26.86
C ARG C 258 2.90 26.75 -26.80
N PHE C 259 3.16 27.29 -25.59
CA PHE C 259 3.24 28.74 -25.40
C PHE C 259 4.18 29.19 -24.29
N ASP C 260 4.98 30.23 -24.57
CA ASP C 260 5.88 30.87 -23.62
C ASP C 260 5.80 32.38 -23.84
N ALA C 261 5.01 33.09 -23.02
CA ALA C 261 4.82 34.55 -23.17
C ALA C 261 6.13 35.35 -23.15
N ALA C 262 7.02 35.04 -22.18
CA ALA C 262 8.31 35.70 -22.00
C ALA C 262 9.25 35.52 -23.19
N GLU C 263 9.36 34.28 -23.67
CA GLU C 263 10.21 33.89 -24.78
C GLU C 263 9.69 34.24 -26.16
N GLN C 264 8.36 34.14 -26.38
CA GLN C 264 7.75 34.39 -27.69
C GLN C 264 7.23 35.81 -27.90
N ILE C 265 6.73 36.47 -26.84
CA ILE C 265 6.16 37.82 -26.96
C ILE C 265 7.09 38.91 -26.40
N PHE C 266 7.39 38.87 -25.09
CA PHE C 266 8.20 39.87 -24.38
C PHE C 266 9.71 39.59 -24.47
N ASN C 267 10.21 39.40 -25.70
CA ASN C 267 11.62 39.13 -25.99
C ASN C 267 11.96 39.72 -27.35
N GLU C 268 12.80 40.78 -27.37
CA GLU C 268 13.26 41.48 -28.57
C GLU C 268 14.00 40.53 -29.54
N ASN C 269 14.63 39.48 -28.99
CA ASN C 269 15.38 38.47 -29.72
C ASN C 269 14.54 37.30 -30.26
N ALA C 270 13.20 37.33 -30.07
CA ALA C 270 12.29 36.26 -30.53
C ALA C 270 12.40 35.96 -32.04
N GLY C 271 12.65 37.00 -32.83
CA GLY C 271 12.81 36.89 -34.28
C GLY C 271 11.53 36.56 -35.02
N GLN C 272 10.38 37.02 -34.47
CA GLN C 272 9.06 36.79 -35.04
C GLN C 272 8.81 37.69 -36.25
N THR C 273 7.98 37.22 -37.19
CA THR C 273 7.55 38.03 -38.35
C THR C 273 6.47 38.97 -37.79
N SER C 274 6.19 40.10 -38.47
CA SER C 274 5.17 41.06 -38.01
C SER C 274 3.79 40.41 -37.90
N GLU C 275 3.46 39.49 -38.85
CA GLU C 275 2.22 38.74 -38.87
C GLU C 275 2.14 37.85 -37.63
N ALA C 276 3.22 37.09 -37.34
CA ALA C 276 3.33 36.17 -36.19
C ALA C 276 3.29 36.91 -34.84
N LEU C 277 3.96 38.09 -34.72
CA LEU C 277 3.95 38.88 -33.50
C LEU C 277 2.56 39.48 -33.20
N GLY C 278 1.90 40.01 -34.24
CA GLY C 278 0.54 40.54 -34.15
C GLY C 278 -0.45 39.50 -33.65
N ASN C 279 -0.37 38.27 -34.23
CA ASN C 279 -1.23 37.15 -33.88
C ASN C 279 -1.04 36.73 -32.41
N LEU C 280 0.23 36.72 -31.92
CA LEU C 280 0.62 36.39 -30.55
C LEU C 280 0.16 37.46 -29.55
N MET C 281 0.18 38.74 -29.94
CA MET C 281 -0.25 39.87 -29.12
C MET C 281 -1.77 39.85 -28.96
N ASP C 282 -2.50 39.62 -30.08
CA ASP C 282 -3.96 39.57 -30.13
C ASP C 282 -4.45 38.47 -29.23
N PHE C 283 -3.76 37.29 -29.30
CA PHE C 283 -4.00 36.10 -28.49
C PHE C 283 -3.73 36.40 -27.02
N TRP C 284 -2.57 37.02 -26.70
CA TRP C 284 -2.17 37.41 -25.33
C TRP C 284 -3.20 38.33 -24.68
N ASP C 285 -3.80 39.26 -25.46
CA ASP C 285 -4.84 40.18 -24.95
C ASP C 285 -6.03 39.42 -24.39
N GLU C 286 -6.36 38.32 -25.06
CA GLU C 286 -7.46 37.44 -24.67
C GLU C 286 -7.04 36.53 -23.53
N ALA C 287 -5.84 35.89 -23.65
CA ALA C 287 -5.29 34.94 -22.67
C ALA C 287 -4.93 35.54 -21.28
N LYS C 288 -4.41 36.79 -21.23
CA LYS C 288 -3.98 37.42 -19.99
C LYS C 288 -5.11 37.63 -18.95
N THR C 289 -6.37 37.74 -19.43
CA THR C 289 -7.55 37.94 -18.57
C THR C 289 -8.03 36.62 -17.95
N LEU C 290 -7.53 35.50 -18.49
CA LEU C 290 -7.90 34.15 -18.09
C LEU C 290 -6.90 33.49 -17.14
N ILE C 291 -5.75 34.14 -16.88
CA ILE C 291 -4.72 33.64 -15.94
C ILE C 291 -5.31 33.59 -14.52
N ASN C 292 -5.19 32.44 -13.85
CA ASN C 292 -5.67 32.20 -12.50
C ASN C 292 -4.49 32.22 -11.51
N SER C 293 -4.46 33.23 -10.63
CA SER C 293 -3.43 33.45 -9.61
C SER C 293 -3.98 33.26 -8.18
N ASP C 294 -5.18 32.66 -8.06
CA ASP C 294 -5.87 32.46 -6.79
C ASP C 294 -5.21 31.50 -5.83
N TYR C 295 -4.59 30.42 -6.37
CA TYR C 295 -4.00 29.40 -5.53
C TYR C 295 -2.59 29.69 -5.02
N ILE C 296 -2.46 29.69 -3.68
CA ILE C 296 -1.19 29.85 -2.95
C ILE C 296 -0.87 28.48 -2.31
N PRO C 297 0.06 27.71 -2.88
CA PRO C 297 0.35 26.37 -2.31
C PRO C 297 0.89 26.38 -0.89
N ASN C 298 0.48 25.37 -0.12
CA ASN C 298 0.97 25.11 1.22
C ASN C 298 1.94 23.95 1.14
N SER C 299 2.78 23.82 2.15
CA SER C 299 3.72 22.73 2.30
C SER C 299 2.94 21.38 2.21
N GLY C 300 3.35 20.53 1.28
CA GLY C 300 2.71 19.24 1.07
C GLY C 300 1.70 19.19 -0.05
N ASP C 301 1.46 20.35 -0.73
CA ASP C 301 0.55 20.40 -1.88
C ASP C 301 1.29 20.03 -3.13
N LEU C 302 0.57 19.38 -4.05
CA LEU C 302 1.10 19.01 -5.33
C LEU C 302 0.17 19.49 -6.44
N ILE C 303 0.72 20.20 -7.42
CA ILE C 303 -0.02 20.64 -8.61
C ILE C 303 0.37 19.66 -9.76
N PHE C 304 -0.65 18.97 -10.32
CA PHE C 304 -0.52 18.00 -11.42
C PHE C 304 -1.11 18.63 -12.70
N VAL C 305 -0.26 18.77 -13.73
CA VAL C 305 -0.56 19.50 -14.97
C VAL C 305 -0.44 18.66 -16.24
N ASN C 306 -1.42 18.81 -17.13
CA ASN C 306 -1.40 18.32 -18.50
C ASN C 306 -0.72 19.48 -19.24
N ASN C 307 0.56 19.31 -19.58
CA ASN C 307 1.42 20.30 -20.22
C ASN C 307 0.99 20.68 -21.66
N HIS C 308 -0.02 19.98 -22.20
CA HIS C 308 -0.62 20.28 -23.51
C HIS C 308 -1.86 21.14 -23.37
N LEU C 309 -2.36 21.33 -22.13
CA LEU C 309 -3.56 22.12 -21.90
C LEU C 309 -3.36 23.34 -21.02
N CYS C 310 -2.44 23.26 -20.08
CA CYS C 310 -2.28 24.26 -19.05
C CYS C 310 -0.84 24.75 -18.93
N ALA C 311 -0.69 26.10 -19.01
CA ALA C 311 0.56 26.82 -18.81
C ALA C 311 0.65 27.19 -17.29
N HIS C 312 1.88 27.31 -16.78
CA HIS C 312 2.13 27.64 -15.38
C HIS C 312 3.17 28.77 -15.26
N GLY C 313 3.20 29.37 -14.09
CA GLY C 313 4.14 30.40 -13.71
C GLY C 313 4.05 30.62 -12.21
N ARG C 314 4.47 31.79 -11.76
CA ARG C 314 4.40 32.21 -10.36
C ARG C 314 4.65 33.70 -10.29
N SER C 315 4.14 34.33 -9.21
CA SER C 315 4.33 35.76 -9.01
C SER C 315 5.73 36.05 -8.45
N ALA C 316 6.10 37.35 -8.42
CA ALA C 316 7.38 37.81 -7.91
C ALA C 316 7.39 37.64 -6.37
N PHE C 317 8.58 37.48 -5.79
CA PHE C 317 8.80 37.34 -4.35
C PHE C 317 10.24 37.55 -3.96
N ILE C 318 10.47 37.84 -2.67
CA ILE C 318 11.82 37.94 -2.13
C ILE C 318 12.01 36.63 -1.38
N ALA C 319 12.98 35.81 -1.81
CA ALA C 319 13.25 34.51 -1.16
C ALA C 319 13.64 34.68 0.31
N GLY C 320 13.05 33.85 1.18
CA GLY C 320 13.34 33.85 2.61
C GLY C 320 12.57 34.85 3.43
N GLN C 321 11.55 35.50 2.81
CA GLN C 321 10.72 36.48 3.50
C GLN C 321 9.30 36.67 2.93
N ARG C 322 8.38 37.12 3.79
CA ARG C 322 7.00 37.47 3.45
C ARG C 322 6.64 38.76 4.24
N ILE C 323 5.83 39.65 3.63
CA ILE C 323 5.39 40.88 4.29
C ILE C 323 3.92 40.69 4.65
N GLU C 324 3.65 40.61 5.95
CA GLU C 324 2.32 40.34 6.48
C GLU C 324 2.04 41.33 7.59
N ASN C 325 0.93 42.09 7.42
CA ASN C 325 0.44 43.12 8.35
C ASN C 325 1.48 44.24 8.60
N GLY C 326 2.22 44.59 7.53
CA GLY C 326 3.25 45.61 7.53
C GLY C 326 4.50 45.29 8.33
N GLU C 327 4.90 44.00 8.36
CA GLU C 327 6.07 43.52 9.10
C GLU C 327 6.82 42.48 8.26
N ILE C 328 8.17 42.62 8.10
CA ILE C 328 8.96 41.63 7.36
C ILE C 328 9.06 40.40 8.26
N ILE C 329 8.60 39.27 7.73
CA ILE C 329 8.65 37.99 8.42
C ILE C 329 9.70 37.13 7.71
N LYS C 330 10.80 36.80 8.41
CA LYS C 330 11.86 35.95 7.88
C LYS C 330 11.41 34.49 7.95
N CYS C 331 11.76 33.72 6.92
CA CYS C 331 11.33 32.32 6.83
C CYS C 331 12.33 31.48 6.05
N GLU C 332 12.10 30.15 6.02
CA GLU C 332 12.90 29.25 5.20
C GLU C 332 12.58 29.50 3.71
N ARG C 333 13.60 29.37 2.84
CA ARG C 333 13.42 29.66 1.42
C ARG C 333 12.59 28.61 0.69
N ARG C 334 11.82 29.07 -0.32
CA ARG C 334 10.92 28.29 -1.18
C ARG C 334 11.64 27.09 -1.76
N GLN C 335 10.95 25.96 -1.72
CA GLN C 335 11.46 24.72 -2.24
C GLN C 335 10.33 23.91 -2.82
N MET C 336 10.42 23.67 -4.12
CA MET C 336 9.44 22.91 -4.89
C MET C 336 10.19 21.82 -5.66
N LEU C 337 9.58 20.64 -5.82
CA LEU C 337 10.16 19.53 -6.57
C LEU C 337 9.35 19.29 -7.84
N ARG C 338 10.01 19.37 -9.00
CA ARG C 338 9.40 19.16 -10.31
C ARG C 338 9.82 17.81 -10.93
N MET C 339 8.82 17.07 -11.43
CA MET C 339 8.96 15.81 -12.14
C MET C 339 8.13 15.95 -13.42
N MET C 340 8.70 15.46 -14.57
CA MET C 340 8.14 15.50 -15.94
C MET C 340 7.98 14.09 -16.52
N SER C 341 6.94 13.87 -17.34
CA SER C 341 6.70 12.54 -17.89
C SER C 341 6.13 12.54 -19.28
N LYS C 342 6.34 11.42 -20.02
CA LYS C 342 5.82 11.17 -21.36
C LYS C 342 5.00 9.88 -21.37
N THR C 343 3.83 9.92 -22.02
CA THR C 343 2.89 8.78 -22.12
C THR C 343 3.36 7.69 -23.10
N SER C 344 4.29 8.02 -24.01
CA SER C 344 4.80 7.10 -24.99
C SER C 344 6.31 7.20 -25.18
N LEU C 345 7.04 6.10 -24.86
CA LEU C 345 8.48 6.00 -25.13
C LEU C 345 8.74 5.75 -26.65
N ILE C 346 7.72 5.26 -27.40
CA ILE C 346 7.80 4.97 -28.83
C ILE C 346 7.97 6.23 -29.67
N HIS C 347 7.05 7.21 -29.50
CA HIS C 347 6.97 8.47 -30.23
C HIS C 347 8.24 9.35 -30.10
N ILE C 348 8.92 9.26 -28.95
CA ILE C 348 10.13 10.02 -28.62
C ILE C 348 11.43 9.27 -28.93
N ARG C 349 11.34 8.02 -29.42
CA ARG C 349 12.51 7.16 -29.60
C ARG C 349 13.62 7.75 -30.51
N SER C 350 13.26 8.52 -31.55
CA SER C 350 14.30 9.12 -32.40
C SER C 350 15.12 10.22 -31.68
N VAL C 351 14.63 10.76 -30.55
CA VAL C 351 15.35 11.81 -29.82
C VAL C 351 15.92 11.37 -28.46
N THR C 352 15.77 10.09 -28.07
CA THR C 352 16.30 9.65 -26.78
C THR C 352 17.67 8.99 -26.95
N ARG C 353 18.44 8.84 -25.83
CA ARG C 353 19.74 8.17 -25.86
C ARG C 353 19.53 6.69 -26.22
N THR C 354 20.46 6.12 -26.98
CA THR C 354 20.40 4.71 -27.42
C THR C 354 20.28 3.76 -26.23
N ASP C 355 21.08 3.97 -25.17
CA ASP C 355 21.08 3.15 -23.96
C ASP C 355 20.09 3.64 -22.87
N ASP C 356 19.37 4.76 -23.12
CA ASP C 356 18.38 5.27 -22.17
C ASP C 356 17.14 5.89 -22.89
N PRO C 357 16.06 5.09 -23.09
CA PRO C 357 14.84 5.61 -23.77
C PRO C 357 14.02 6.62 -22.96
N TYR C 358 14.50 7.00 -21.75
CA TYR C 358 13.84 7.97 -20.88
C TYR C 358 14.61 9.29 -20.87
N PHE C 359 15.73 9.36 -21.62
CA PHE C 359 16.58 10.56 -21.67
C PHE C 359 16.47 11.27 -23.02
N ILE C 360 15.74 12.40 -23.05
CA ILE C 360 15.50 13.17 -24.26
C ILE C 360 16.67 14.11 -24.56
N MET C 361 17.27 13.90 -25.75
CA MET C 361 18.44 14.60 -26.30
C MET C 361 18.09 15.71 -27.28
N GLU C 362 16.79 16.00 -27.44
CA GLU C 362 16.31 17.05 -28.32
C GLU C 362 16.73 18.44 -27.78
N GLU C 363 17.20 19.32 -28.69
CA GLU C 363 17.64 20.68 -28.42
C GLU C 363 16.59 21.73 -28.84
N HIS C 364 16.07 21.64 -30.07
CA HIS C 364 15.12 22.63 -30.59
C HIS C 364 14.31 22.07 -31.75
N LEU C 365 12.98 22.02 -31.60
CA LEU C 365 11.97 21.57 -32.56
C LEU C 365 12.46 20.51 -33.58
N GLY C 366 12.87 19.35 -33.06
CA GLY C 366 13.34 18.22 -33.87
C GLY C 366 14.84 18.02 -33.87
N LYS C 367 15.60 19.13 -33.79
CA LYS C 367 17.07 19.12 -33.78
C LYS C 367 17.56 18.54 -32.44
N ILE C 368 18.53 17.64 -32.50
CA ILE C 368 19.16 16.96 -31.38
C ILE C 368 20.47 17.68 -31.03
N PHE C 369 20.81 17.78 -29.72
CA PHE C 369 22.08 18.35 -29.26
C PHE C 369 23.20 17.57 -29.99
N ASP C 370 24.12 18.28 -30.64
CA ASP C 370 25.20 17.63 -31.39
C ASP C 370 26.24 17.01 -30.45
N LEU C 371 26.74 17.79 -29.47
CA LEU C 371 27.74 17.40 -28.45
C LEU C 371 28.93 16.57 -29.01
N ASP C 372 29.55 17.09 -30.11
CA ASP C 372 30.69 16.52 -30.87
C ASP C 372 30.32 15.24 -31.63
N THR D 18 29.02 -10.29 -27.16
CA THR D 18 28.49 -10.36 -28.53
C THR D 18 26.97 -10.60 -28.56
N LEU D 19 26.27 -9.90 -29.49
CA LEU D 19 24.81 -9.89 -29.74
C LEU D 19 24.12 -11.26 -29.78
N GLU D 20 23.08 -11.39 -28.94
CA GLU D 20 22.15 -12.50 -28.87
C GLU D 20 20.93 -11.99 -29.73
N ILE D 21 21.07 -12.17 -31.06
CA ILE D 21 20.10 -11.77 -32.10
C ILE D 21 18.81 -12.61 -31.95
N PRO D 22 17.63 -11.99 -31.75
CA PRO D 22 16.41 -12.80 -31.63
C PRO D 22 15.92 -13.31 -32.99
N THR D 23 15.69 -14.61 -33.10
CA THR D 23 15.23 -15.18 -34.38
C THR D 23 13.81 -15.74 -34.27
N SER D 24 13.28 -15.78 -33.05
CA SER D 24 11.96 -16.32 -32.74
C SER D 24 11.29 -15.57 -31.57
N PRO D 25 9.94 -15.58 -31.46
CA PRO D 25 9.29 -14.88 -30.35
C PRO D 25 9.47 -15.58 -28.99
N LEU D 26 9.19 -14.87 -27.90
CA LEU D 26 9.19 -15.46 -26.56
C LEU D 26 7.92 -16.33 -26.47
N ILE D 27 8.08 -17.58 -26.01
CA ILE D 27 6.96 -18.52 -25.82
C ILE D 27 6.68 -18.60 -24.32
N ILE D 28 5.45 -18.27 -23.92
CA ILE D 28 4.99 -18.34 -22.55
C ILE D 28 3.94 -19.42 -22.48
N LYS D 29 4.17 -20.46 -21.69
CA LYS D 29 3.19 -21.52 -21.48
C LYS D 29 2.32 -21.09 -20.30
N ILE D 30 1.08 -20.66 -20.58
CA ILE D 30 0.14 -20.24 -19.54
C ILE D 30 -0.26 -21.49 -18.72
N THR D 31 -0.30 -21.36 -17.38
CA THR D 31 -0.64 -22.47 -16.49
C THR D 31 -2.14 -22.56 -16.30
N GLN D 32 -2.62 -23.68 -15.73
CA GLN D 32 -4.02 -23.88 -15.43
C GLN D 32 -4.56 -22.82 -14.45
N GLN D 33 -3.77 -22.50 -13.40
CA GLN D 33 -4.11 -21.48 -12.40
C GLN D 33 -4.29 -20.11 -13.07
N GLU D 34 -3.36 -19.73 -13.95
CA GLU D 34 -3.43 -18.47 -14.69
C GLU D 34 -4.66 -18.38 -15.59
N ARG D 35 -4.95 -19.46 -16.31
CA ARG D 35 -6.09 -19.63 -17.19
C ARG D 35 -7.41 -19.46 -16.37
N ASN D 36 -7.47 -20.05 -15.17
CA ASN D 36 -8.63 -19.97 -14.28
C ASN D 36 -8.83 -18.56 -13.71
N ILE D 37 -7.74 -17.84 -13.41
CA ILE D 37 -7.78 -16.44 -12.96
C ILE D 37 -8.40 -15.58 -14.06
N LEU D 38 -7.85 -15.66 -15.28
CA LEU D 38 -8.32 -14.91 -16.43
C LEU D 38 -9.82 -15.10 -16.70
N SER D 39 -10.28 -16.36 -16.62
CA SER D 39 -11.67 -16.73 -16.80
C SER D 39 -12.58 -16.10 -15.72
N ASN D 40 -12.22 -16.25 -14.43
CA ASN D 40 -13.00 -15.66 -13.34
C ASN D 40 -13.04 -14.14 -13.41
N VAL D 41 -11.90 -13.52 -13.76
CA VAL D 41 -11.77 -12.07 -13.95
C VAL D 41 -12.60 -11.60 -15.16
N GLY D 42 -12.57 -12.37 -16.25
CA GLY D 42 -13.34 -12.12 -17.47
C GLY D 42 -14.83 -12.09 -17.18
N ASN D 43 -15.28 -13.04 -16.37
CA ASN D 43 -16.67 -13.16 -15.93
C ASN D 43 -17.09 -12.01 -15.01
N LEU D 44 -16.23 -11.62 -14.07
CA LEU D 44 -16.44 -10.52 -13.13
C LEU D 44 -16.62 -9.18 -13.88
N LEU D 45 -15.75 -8.92 -14.88
CA LEU D 45 -15.83 -7.70 -15.69
C LEU D 45 -17.11 -7.65 -16.56
N VAL D 46 -17.57 -8.81 -17.06
CA VAL D 46 -18.81 -8.93 -17.85
C VAL D 46 -19.99 -8.52 -16.95
N LYS D 47 -20.05 -9.06 -15.70
CA LYS D 47 -21.08 -8.75 -14.71
C LYS D 47 -21.06 -7.27 -14.32
N ALA D 48 -19.86 -6.74 -14.04
CA ALA D 48 -19.65 -5.37 -13.63
C ALA D 48 -19.91 -4.32 -14.72
N PHE D 49 -19.42 -4.53 -15.96
CA PHE D 49 -19.50 -3.51 -17.00
C PHE D 49 -20.33 -3.84 -18.23
N GLY D 50 -20.88 -5.04 -18.28
CA GLY D 50 -21.69 -5.45 -19.43
C GLY D 50 -20.84 -5.81 -20.62
N ASN D 51 -20.10 -4.84 -21.21
CA ASN D 51 -19.23 -5.05 -22.37
C ASN D 51 -17.91 -4.25 -22.29
N TYR D 52 -16.88 -4.72 -23.02
CA TYR D 52 -15.52 -4.16 -23.01
C TYR D 52 -15.40 -2.77 -23.64
N GLU D 53 -16.46 -2.29 -24.28
CA GLU D 53 -16.50 -0.95 -24.88
C GLU D 53 -17.22 0.05 -23.96
N ASN D 54 -17.54 -0.38 -22.73
CA ASN D 54 -18.18 0.48 -21.73
C ASN D 54 -17.21 1.63 -21.40
N PRO D 55 -17.67 2.90 -21.55
CA PRO D 55 -16.79 4.04 -21.26
C PRO D 55 -16.20 4.06 -19.85
N ASP D 56 -16.93 3.53 -18.84
CA ASP D 56 -16.47 3.45 -17.45
C ASP D 56 -15.31 2.48 -17.32
N TYR D 57 -15.39 1.34 -18.03
CA TYR D 57 -14.36 0.31 -18.04
C TYR D 57 -13.10 0.79 -18.75
N ILE D 58 -13.26 1.42 -19.92
CA ILE D 58 -12.18 1.95 -20.73
C ILE D 58 -11.41 3.06 -19.96
N ALA D 59 -12.15 3.89 -19.22
CA ALA D 59 -11.59 4.97 -18.40
C ALA D 59 -10.72 4.46 -17.25
N SER D 60 -11.01 3.25 -16.74
CA SER D 60 -10.26 2.63 -15.65
C SER D 60 -9.58 1.31 -16.06
N LEU D 61 -9.30 1.11 -17.39
CA LEU D 61 -8.68 -0.10 -17.96
C LEU D 61 -7.38 -0.53 -17.27
N HIS D 62 -6.46 0.40 -17.09
CA HIS D 62 -5.13 0.16 -16.50
C HIS D 62 -5.20 -0.32 -15.06
N LEU D 63 -6.15 0.22 -14.29
CA LEU D 63 -6.41 -0.16 -12.93
C LEU D 63 -6.77 -1.65 -12.87
N HIS D 64 -7.72 -2.08 -13.69
CA HIS D 64 -8.20 -3.44 -13.77
C HIS D 64 -7.13 -4.39 -14.26
N ALA D 65 -6.29 -3.99 -15.23
CA ALA D 65 -5.21 -4.84 -15.78
C ALA D 65 -4.16 -5.15 -14.71
N PHE D 66 -3.60 -4.11 -14.06
CA PHE D 66 -2.57 -4.30 -13.02
C PHE D 66 -3.11 -5.00 -11.76
N GLN D 67 -4.41 -4.84 -11.47
CA GLN D 67 -5.00 -5.46 -10.30
C GLN D 67 -5.55 -6.88 -10.51
N LEU D 68 -6.17 -7.15 -11.68
CA LEU D 68 -6.86 -8.42 -11.89
C LEU D 68 -6.08 -9.50 -12.62
N LEU D 69 -5.16 -9.12 -13.50
CA LEU D 69 -4.40 -10.10 -14.28
C LEU D 69 -3.45 -10.95 -13.43
N PRO D 70 -3.21 -12.25 -13.82
CA PRO D 70 -2.16 -13.04 -13.15
C PRO D 70 -0.84 -12.27 -13.22
N GLU D 71 -0.20 -12.09 -12.07
CA GLU D 71 1.01 -11.28 -11.91
C GLU D 71 2.15 -11.55 -12.89
N ARG D 72 2.33 -12.84 -13.30
CA ARG D 72 3.37 -13.20 -14.25
C ARG D 72 3.09 -12.59 -15.62
N ILE D 73 1.81 -12.54 -16.02
CA ILE D 73 1.34 -11.92 -17.27
C ILE D 73 1.64 -10.41 -17.26
N THR D 74 1.26 -9.71 -16.18
CA THR D 74 1.49 -8.30 -15.94
C THR D 74 2.99 -7.94 -16.05
N ARG D 75 3.87 -8.76 -15.45
CA ARG D 75 5.31 -8.55 -15.47
C ARG D 75 5.86 -8.69 -16.87
N ILE D 76 5.42 -9.71 -17.62
CA ILE D 76 5.82 -9.97 -18.99
C ILE D 76 5.48 -8.79 -19.90
N LEU D 77 4.21 -8.34 -19.87
CA LEU D 77 3.68 -7.25 -20.70
C LEU D 77 4.24 -5.86 -20.38
N SER D 78 4.48 -5.55 -19.07
CA SER D 78 5.09 -4.29 -18.58
C SER D 78 6.52 -4.19 -19.09
N GLN D 79 7.30 -5.29 -18.97
CA GLN D 79 8.69 -5.42 -19.40
C GLN D 79 8.74 -5.22 -20.93
N PHE D 80 7.82 -5.86 -21.65
CA PHE D 80 7.71 -5.83 -23.11
C PHE D 80 7.39 -4.44 -23.68
N GLY D 81 6.51 -3.71 -23.00
CA GLY D 81 6.04 -2.40 -23.44
C GLY D 81 7.10 -1.35 -23.63
N SER D 82 8.15 -1.41 -22.81
CA SER D 82 9.26 -0.44 -22.86
C SER D 82 10.57 -1.08 -23.33
N ASP D 83 10.53 -2.32 -23.87
CA ASP D 83 11.72 -3.02 -24.32
C ASP D 83 11.94 -2.90 -25.81
N PHE D 84 12.92 -2.10 -26.20
CA PHE D 84 13.23 -1.88 -27.62
C PHE D 84 14.70 -2.22 -27.89
N SER D 85 15.29 -3.00 -26.98
CA SER D 85 16.68 -3.44 -27.01
C SER D 85 16.99 -4.38 -28.17
N ALA D 86 18.28 -4.64 -28.39
CA ALA D 86 18.80 -5.53 -29.44
C ALA D 86 18.27 -6.99 -29.32
N GLU D 87 18.02 -7.45 -28.08
CA GLU D 87 17.60 -8.81 -27.76
C GLU D 87 16.09 -9.03 -27.91
N GLN D 88 15.31 -7.94 -28.00
CA GLN D 88 13.85 -7.99 -28.10
C GLN D 88 13.32 -8.32 -29.50
N TYR D 89 12.64 -9.47 -29.64
CA TYR D 89 12.03 -9.89 -30.89
C TYR D 89 10.85 -8.97 -31.32
N GLY D 90 10.01 -8.59 -30.38
CA GLY D 90 8.83 -7.75 -30.63
C GLY D 90 7.54 -8.52 -30.71
N ALA D 91 7.58 -9.82 -30.35
CA ALA D 91 6.41 -10.68 -30.29
C ALA D 91 6.53 -11.66 -29.16
N ILE D 92 5.37 -12.02 -28.57
CA ILE D 92 5.17 -13.01 -27.49
C ILE D 92 4.02 -13.90 -27.85
N VAL D 93 4.23 -15.19 -27.66
CA VAL D 93 3.18 -16.18 -27.84
C VAL D 93 2.77 -16.66 -26.44
N PHE D 94 1.53 -16.38 -26.08
CA PHE D 94 0.94 -16.84 -24.83
C PHE D 94 0.17 -18.12 -25.19
N GLN D 95 0.80 -19.28 -24.97
CA GLN D 95 0.24 -20.61 -25.25
C GLN D 95 -0.81 -20.97 -24.20
N GLY D 96 -1.99 -21.38 -24.66
CA GLY D 96 -3.12 -21.74 -23.80
C GLY D 96 -3.54 -20.65 -22.84
N LEU D 97 -3.70 -19.40 -23.34
CA LEU D 97 -4.14 -18.27 -22.53
C LEU D 97 -5.59 -18.47 -22.05
N ILE D 98 -6.43 -18.99 -22.93
CA ILE D 98 -7.85 -19.23 -22.66
C ILE D 98 -8.26 -20.62 -23.09
N GLU D 99 -9.32 -21.14 -22.45
CA GLU D 99 -9.94 -22.40 -22.84
C GLU D 99 -11.12 -22.04 -23.72
N VAL D 100 -11.11 -22.51 -24.96
CA VAL D 100 -12.21 -22.22 -25.86
C VAL D 100 -13.22 -23.35 -25.84
N ASP D 101 -14.46 -23.03 -25.44
CA ASP D 101 -15.57 -23.99 -25.47
C ASP D 101 -16.06 -23.92 -26.93
N GLN D 102 -15.69 -24.92 -27.73
CA GLN D 102 -16.02 -24.99 -29.14
C GLN D 102 -17.52 -25.04 -29.43
N ASP D 103 -18.30 -25.77 -28.60
CA ASP D 103 -19.76 -25.89 -28.73
C ASP D 103 -20.47 -24.57 -28.47
N ASP D 104 -20.04 -23.84 -27.42
CA ASP D 104 -20.59 -22.52 -27.07
C ASP D 104 -20.31 -21.53 -28.19
N LEU D 105 -19.07 -21.53 -28.74
CA LEU D 105 -18.64 -20.67 -29.85
C LEU D 105 -19.50 -20.93 -31.10
N GLY D 106 -19.96 -22.17 -31.26
CA GLY D 106 -20.77 -22.63 -32.38
C GLY D 106 -20.01 -22.58 -33.69
N PRO D 107 -20.65 -22.83 -34.86
CA PRO D 107 -19.89 -22.75 -36.12
C PRO D 107 -19.37 -21.34 -36.43
N THR D 108 -18.26 -21.26 -37.19
CA THR D 108 -17.66 -19.99 -37.62
C THR D 108 -18.61 -19.30 -38.62
N PRO D 109 -18.94 -18.00 -38.41
CA PRO D 109 -19.84 -17.28 -39.35
C PRO D 109 -19.27 -17.23 -40.78
N PRO D 110 -20.08 -17.01 -41.85
CA PRO D 110 -19.48 -16.95 -43.21
C PRO D 110 -18.33 -15.94 -43.30
N ASN D 111 -18.57 -14.73 -42.79
CA ASN D 111 -17.60 -13.64 -42.79
C ASN D 111 -17.63 -12.89 -41.45
N TRP D 112 -16.85 -11.80 -41.33
CA TRP D 112 -16.77 -11.01 -40.11
C TRP D 112 -18.05 -10.22 -39.80
N GLN D 113 -18.87 -9.91 -40.84
CA GLN D 113 -20.15 -9.18 -40.73
C GLN D 113 -21.21 -10.04 -40.03
N GLY D 114 -21.04 -11.36 -40.12
CA GLY D 114 -21.91 -12.36 -39.52
C GLY D 114 -21.70 -12.59 -38.03
N ALA D 115 -20.50 -12.22 -37.54
CA ALA D 115 -20.06 -12.39 -36.15
C ALA D 115 -21.02 -11.79 -35.14
N ASP D 116 -21.21 -12.50 -34.03
CA ASP D 116 -22.04 -12.08 -32.92
C ASP D 116 -21.10 -11.70 -31.80
N TYR D 117 -20.72 -10.40 -31.73
CA TYR D 117 -19.78 -9.84 -30.73
C TYR D 117 -20.30 -9.91 -29.28
N GLY D 118 -21.51 -10.45 -29.09
CA GLY D 118 -22.13 -10.70 -27.79
C GLY D 118 -21.61 -12.02 -27.26
N LYS D 119 -21.24 -12.95 -28.19
CA LYS D 119 -20.69 -14.28 -27.88
C LYS D 119 -19.17 -14.25 -27.64
N LEU D 120 -18.52 -13.09 -27.94
CA LEU D 120 -17.08 -12.89 -27.78
C LEU D 120 -16.74 -11.79 -26.78
N ASN D 121 -17.70 -11.46 -25.91
CA ASN D 121 -17.64 -10.39 -24.91
C ASN D 121 -16.56 -10.61 -23.83
N LYS D 122 -16.52 -11.82 -23.23
CA LYS D 122 -15.52 -12.21 -22.22
C LYS D 122 -14.10 -12.16 -22.81
N TYR D 123 -13.92 -12.61 -24.06
CA TYR D 123 -12.63 -12.58 -24.78
C TYR D 123 -12.13 -11.15 -25.00
N GLY D 124 -13.05 -10.24 -25.34
CA GLY D 124 -12.77 -8.82 -25.53
C GLY D 124 -12.24 -8.18 -24.26
N PHE D 125 -12.81 -8.56 -23.11
CA PHE D 125 -12.37 -8.09 -21.80
C PHE D 125 -10.97 -8.60 -21.49
N ILE D 126 -10.69 -9.88 -21.73
CA ILE D 126 -9.38 -10.50 -21.50
C ILE D 126 -8.31 -9.84 -22.36
N CYS D 127 -8.58 -9.64 -23.65
CA CYS D 127 -7.65 -9.00 -24.59
C CYS D 127 -7.34 -7.57 -24.21
N SER D 128 -8.37 -6.80 -23.83
CA SER D 128 -8.20 -5.39 -23.44
C SER D 128 -7.36 -5.25 -22.19
N LEU D 129 -7.43 -6.24 -21.26
CA LEU D 129 -6.61 -6.26 -20.03
C LEU D 129 -5.15 -6.45 -20.38
N LEU D 130 -4.84 -7.34 -21.35
CA LEU D 130 -3.46 -7.54 -21.80
C LEU D 130 -2.87 -6.22 -22.37
N HIS D 131 -3.62 -5.49 -23.24
CA HIS D 131 -3.20 -4.17 -23.76
C HIS D 131 -3.02 -3.15 -22.61
N GLY D 132 -3.98 -3.11 -21.69
CA GLY D 132 -3.95 -2.23 -20.53
C GLY D 132 -2.76 -2.38 -19.60
N ALA D 133 -2.09 -3.57 -19.61
CA ALA D 133 -0.91 -3.88 -18.78
C ALA D 133 0.40 -3.46 -19.39
N VAL D 134 0.42 -3.16 -20.69
CA VAL D 134 1.63 -2.75 -21.43
C VAL D 134 2.30 -1.49 -20.78
N PRO D 135 1.62 -0.36 -20.40
CA PRO D 135 0.18 -0.01 -20.60
C PRO D 135 -0.09 0.58 -21.98
N SER D 136 -1.23 0.26 -22.56
CA SER D 136 -1.60 0.70 -23.90
C SER D 136 -3.12 0.76 -23.95
N LYS D 137 -3.65 1.58 -24.83
CA LYS D 137 -5.08 1.80 -24.91
C LYS D 137 -5.69 1.30 -26.16
N PRO D 138 -6.70 0.40 -26.07
CA PRO D 138 -7.36 -0.10 -27.31
C PRO D 138 -7.99 1.04 -28.12
N VAL D 139 -7.81 0.98 -29.43
CA VAL D 139 -8.29 2.00 -30.36
C VAL D 139 -8.96 1.32 -31.56
N GLN D 140 -9.73 2.11 -32.34
CA GLN D 140 -10.29 1.63 -33.58
C GLN D 140 -9.96 2.60 -34.70
N TYR D 141 -9.89 2.09 -35.94
CA TYR D 141 -9.51 2.85 -37.13
C TYR D 141 -10.61 2.89 -38.12
N TYR D 142 -10.90 4.08 -38.70
CA TYR D 142 -11.89 4.17 -39.76
C TYR D 142 -11.38 3.41 -40.99
N ALA D 143 -10.04 3.35 -41.17
CA ALA D 143 -9.35 2.64 -42.26
C ALA D 143 -9.64 1.13 -42.21
N GLN D 144 -9.90 0.59 -41.01
CA GLN D 144 -10.22 -0.82 -40.80
C GLN D 144 -11.69 -1.01 -40.46
N ARG D 145 -12.50 -1.35 -41.50
CA ARG D 145 -13.96 -1.59 -41.45
C ARG D 145 -14.77 -0.39 -40.93
N LYS D 146 -14.29 0.85 -41.15
CA LYS D 146 -14.93 2.09 -40.67
C LYS D 146 -14.99 2.08 -39.13
N GLY D 147 -13.95 1.53 -38.51
CA GLY D 147 -13.84 1.35 -37.07
C GLY D 147 -14.04 -0.11 -36.74
N GLY D 148 -15.30 -0.56 -36.75
CA GLY D 148 -15.68 -1.95 -36.51
C GLY D 148 -15.50 -2.46 -35.09
N GLY D 149 -15.29 -1.54 -34.14
CA GLY D 149 -15.11 -1.85 -32.73
C GLY D 149 -13.67 -2.12 -32.35
N LEU D 150 -13.41 -2.20 -31.04
CA LEU D 150 -12.08 -2.44 -30.49
C LEU D 150 -11.59 -3.90 -30.68
N LEU D 151 -12.52 -4.85 -30.94
CA LEU D 151 -12.25 -6.27 -31.17
C LEU D 151 -12.80 -6.69 -32.50
N HIS D 152 -11.95 -7.23 -33.37
CA HIS D 152 -12.36 -7.65 -34.72
C HIS D 152 -12.25 -9.14 -34.86
N ALA D 153 -13.31 -9.77 -35.37
CA ALA D 153 -13.29 -11.19 -35.69
C ALA D 153 -12.67 -11.26 -37.11
N VAL D 154 -11.56 -12.03 -37.26
CA VAL D 154 -10.82 -12.21 -38.52
C VAL D 154 -11.16 -13.63 -38.99
N ILE D 155 -12.09 -13.73 -39.96
CA ILE D 155 -12.69 -14.97 -40.50
C ILE D 155 -12.46 -15.11 -42.02
N PRO D 156 -12.08 -16.32 -42.53
CA PRO D 156 -11.93 -16.47 -43.99
C PRO D 156 -13.27 -16.43 -44.71
N ASP D 157 -13.40 -15.44 -45.60
CA ASP D 157 -14.56 -15.24 -46.44
C ASP D 157 -14.28 -15.90 -47.78
N GLU D 158 -15.24 -16.71 -48.28
CA GLU D 158 -15.17 -17.46 -49.55
C GLU D 158 -15.07 -16.51 -50.77
N LYS D 159 -15.82 -15.40 -50.73
CA LYS D 159 -15.86 -14.36 -51.76
C LYS D 159 -14.53 -13.56 -51.86
N MET D 160 -13.61 -13.80 -50.91
CA MET D 160 -12.30 -13.13 -50.86
C MET D 160 -11.16 -14.11 -50.59
N ALA D 161 -11.27 -15.34 -51.16
CA ALA D 161 -10.30 -16.43 -51.01
C ALA D 161 -8.87 -16.10 -51.45
N ALA D 162 -8.68 -15.55 -52.67
CA ALA D 162 -7.33 -15.21 -53.16
C ALA D 162 -6.91 -13.74 -52.90
N THR D 163 -7.60 -13.03 -51.99
CA THR D 163 -7.25 -11.63 -51.65
C THR D 163 -6.15 -11.53 -50.61
N GLN D 164 -5.40 -10.41 -50.63
CA GLN D 164 -4.33 -10.11 -49.67
C GLN D 164 -4.90 -9.32 -48.47
N THR D 165 -5.81 -9.99 -47.72
CA THR D 165 -6.51 -9.46 -46.54
C THR D 165 -6.65 -10.54 -45.45
N GLY D 166 -7.18 -10.13 -44.29
CA GLY D 166 -7.48 -11.00 -43.16
C GLY D 166 -8.60 -11.97 -43.48
N SER D 167 -9.53 -11.56 -44.39
CA SER D 167 -10.67 -12.31 -44.90
C SER D 167 -10.26 -13.34 -45.98
N GLY D 168 -9.00 -13.30 -46.41
CA GLY D 168 -8.43 -14.20 -47.42
C GLY D 168 -8.10 -15.58 -46.90
N SER D 169 -7.68 -16.49 -47.81
CA SER D 169 -7.36 -17.87 -47.44
C SER D 169 -6.36 -18.56 -48.38
N LYS D 170 -6.77 -18.75 -49.66
CA LYS D 170 -6.08 -19.47 -50.75
C LYS D 170 -4.65 -19.00 -51.07
N THR D 171 -4.24 -17.78 -50.65
CA THR D 171 -2.90 -17.24 -50.91
C THR D 171 -2.19 -16.82 -49.61
N ASP D 172 -0.83 -16.80 -49.67
CA ASP D 172 0.05 -16.41 -48.58
C ASP D 172 -0.18 -14.94 -48.24
N LEU D 173 -0.36 -14.65 -46.95
CA LEU D 173 -0.47 -13.28 -46.47
C LEU D 173 0.98 -12.89 -46.07
N PHE D 174 1.67 -12.14 -46.96
CA PHE D 174 3.07 -11.69 -46.79
C PHE D 174 3.24 -10.91 -45.50
N VAL D 175 4.45 -10.98 -44.91
CA VAL D 175 4.76 -10.26 -43.67
C VAL D 175 4.55 -8.75 -43.85
N HIS D 176 3.89 -8.16 -42.87
CA HIS D 176 3.59 -6.74 -42.83
C HIS D 176 3.36 -6.29 -41.39
N THR D 177 3.69 -5.02 -41.11
CA THR D 177 3.35 -4.37 -39.86
C THR D 177 1.94 -3.84 -40.20
N GLU D 178 1.05 -3.74 -39.20
CA GLU D 178 -0.32 -3.27 -39.40
C GLU D 178 -0.38 -1.79 -39.76
N ASP D 179 -1.13 -1.46 -40.82
CA ASP D 179 -1.41 -0.12 -41.36
C ASP D 179 -0.16 0.72 -41.60
N ALA D 180 0.77 0.21 -42.45
CA ALA D 180 2.04 0.86 -42.82
C ALA D 180 1.83 2.21 -43.52
N PHE D 181 0.63 2.40 -44.08
CA PHE D 181 0.16 3.60 -44.79
C PHE D 181 -0.32 4.73 -43.84
N LEU D 182 -0.43 4.45 -42.52
CA LEU D 182 -0.86 5.43 -41.51
C LEU D 182 0.33 5.87 -40.66
N SER D 183 0.42 7.17 -40.38
CA SER D 183 1.46 7.74 -39.52
C SER D 183 1.21 7.34 -38.06
N ASN D 184 -0.06 7.03 -37.71
CA ASN D 184 -0.49 6.66 -36.35
C ASN D 184 -1.02 5.22 -36.30
N GLN D 185 -0.29 4.29 -36.93
CA GLN D 185 -0.59 2.86 -36.94
C GLN D 185 -0.53 2.33 -35.50
N ALA D 186 -1.18 1.18 -35.23
CA ALA D 186 -1.17 0.60 -33.86
C ALA D 186 0.24 0.44 -33.33
N ASP D 187 0.38 0.59 -32.01
CA ASP D 187 1.61 0.39 -31.28
C ASP D 187 1.74 -1.10 -30.95
N PHE D 188 0.60 -1.71 -30.51
CA PHE D 188 0.50 -3.10 -30.08
C PHE D 188 -0.69 -3.78 -30.69
N LEU D 189 -0.52 -5.06 -31.00
CA LEU D 189 -1.55 -5.94 -31.54
C LEU D 189 -1.63 -7.20 -30.75
N SER D 190 -2.83 -7.73 -30.58
CA SER D 190 -3.07 -9.05 -30.02
C SER D 190 -3.88 -9.84 -31.04
N PHE D 191 -3.52 -11.11 -31.23
CA PHE D 191 -4.23 -12.05 -32.11
C PHE D 191 -4.60 -13.25 -31.27
N LEU D 192 -5.89 -13.36 -30.91
CA LEU D 192 -6.40 -14.48 -30.14
C LEU D 192 -6.97 -15.55 -31.08
N TYR D 193 -6.38 -16.75 -31.09
CA TYR D 193 -6.83 -17.83 -31.96
C TYR D 193 -7.90 -18.67 -31.28
N LEU D 194 -9.13 -18.56 -31.77
CA LEU D 194 -10.25 -19.33 -31.24
C LEU D 194 -10.25 -20.70 -31.90
N ARG D 195 -9.88 -20.75 -33.20
CA ARG D 195 -9.84 -21.93 -34.05
C ARG D 195 -8.73 -21.82 -35.10
N ASN D 196 -7.98 -22.91 -35.30
CA ASN D 196 -6.92 -23.04 -36.32
C ASN D 196 -6.74 -24.52 -36.63
N GLU D 197 -7.87 -25.17 -36.97
CA GLU D 197 -7.95 -26.59 -37.27
C GLU D 197 -7.32 -26.91 -38.65
N GLU D 198 -7.12 -25.87 -39.51
CA GLU D 198 -6.46 -25.98 -40.82
C GLU D 198 -4.93 -26.07 -40.62
N ARG D 199 -4.45 -25.82 -39.37
CA ARG D 199 -3.05 -25.86 -38.94
C ARG D 199 -2.18 -24.82 -39.70
N VAL D 200 -2.74 -23.61 -39.90
CA VAL D 200 -2.13 -22.49 -40.61
C VAL D 200 -0.99 -21.91 -39.78
N PRO D 201 0.24 -21.88 -40.33
CA PRO D 201 1.36 -21.26 -39.58
C PRO D 201 1.21 -19.74 -39.52
N SER D 202 1.56 -19.16 -38.38
CA SER D 202 1.59 -17.71 -38.23
C SER D 202 3.02 -17.28 -38.57
N THR D 203 3.18 -16.37 -39.53
CA THR D 203 4.52 -15.95 -39.90
C THR D 203 4.86 -14.64 -39.17
N LEU D 204 6.09 -14.56 -38.68
CA LEU D 204 6.58 -13.40 -37.93
C LEU D 204 7.92 -12.95 -38.50
N TYR D 205 8.13 -11.65 -38.55
CA TYR D 205 9.38 -11.09 -39.03
C TYR D 205 9.78 -9.88 -38.17
N SER D 206 10.93 -9.98 -37.51
CA SER D 206 11.43 -8.91 -36.63
C SER D 206 12.59 -8.16 -37.26
N ILE D 207 12.56 -6.81 -37.16
CA ILE D 207 13.65 -5.93 -37.60
C ILE D 207 14.95 -6.23 -36.77
N ARG D 208 14.77 -6.75 -35.54
CA ARG D 208 15.86 -7.14 -34.65
C ARG D 208 16.60 -8.43 -35.06
N SER D 209 15.96 -9.27 -35.91
CA SER D 209 16.55 -10.50 -36.44
C SER D 209 17.74 -10.22 -37.38
N HIS D 210 17.89 -8.96 -37.84
CA HIS D 210 18.97 -8.48 -38.70
C HIS D 210 20.24 -8.25 -37.90
N GLY D 211 20.10 -8.04 -36.60
CA GLY D 211 21.23 -7.77 -35.72
C GLY D 211 21.65 -6.33 -35.83
N LYS D 212 22.97 -6.10 -35.79
CA LYS D 212 23.57 -4.77 -35.88
C LYS D 212 23.14 -4.03 -37.16
N MET D 213 22.87 -2.74 -37.03
CA MET D 213 22.55 -1.80 -38.10
C MET D 213 23.60 -1.93 -39.23
N ASN D 214 23.14 -2.06 -40.47
CA ASN D 214 24.01 -2.27 -41.62
C ASN D 214 23.68 -1.33 -42.82
N PRO D 215 24.54 -1.25 -43.87
CA PRO D 215 24.27 -0.31 -44.99
C PRO D 215 22.96 -0.52 -45.75
N VAL D 216 22.46 -1.77 -45.81
CA VAL D 216 21.19 -2.09 -46.49
C VAL D 216 20.03 -1.47 -45.71
N MET D 217 20.04 -1.65 -44.38
CA MET D 217 19.03 -1.11 -43.48
C MET D 217 19.08 0.43 -43.40
N LYS D 218 20.29 1.05 -43.40
CA LYS D 218 20.45 2.52 -43.31
C LYS D 218 19.71 3.31 -44.39
N LYS D 219 19.59 2.77 -45.61
CA LYS D 219 18.90 3.44 -46.72
C LYS D 219 17.41 3.56 -46.49
N LEU D 220 16.85 2.71 -45.61
CA LEU D 220 15.42 2.67 -45.28
C LEU D 220 14.97 3.81 -44.36
N PHE D 221 15.93 4.55 -43.76
CA PHE D 221 15.66 5.73 -42.93
C PHE D 221 15.30 6.95 -43.79
N GLU D 222 15.60 6.89 -45.11
CA GLU D 222 15.31 7.97 -46.07
C GLU D 222 13.81 8.04 -46.32
N PRO D 223 13.15 9.23 -46.20
CA PRO D 223 11.69 9.27 -46.39
C PRO D 223 11.26 9.29 -47.86
N ILE D 224 11.84 8.37 -48.67
CA ILE D 224 11.69 8.25 -50.12
C ILE D 224 10.78 7.09 -50.59
N TYR D 225 10.08 6.41 -49.67
CA TYR D 225 9.26 5.23 -49.98
C TYR D 225 7.77 5.46 -49.99
N GLN D 226 7.08 4.82 -50.93
CA GLN D 226 5.63 4.84 -51.01
C GLN D 226 5.05 3.82 -50.03
N CYS D 227 4.02 4.21 -49.26
CA CYS D 227 3.33 3.30 -48.32
C CYS D 227 1.87 3.26 -48.82
N PRO D 228 1.53 2.49 -49.91
CA PRO D 228 0.15 2.52 -50.44
C PRO D 228 -0.95 2.08 -49.45
N LYS D 229 -2.10 2.79 -49.47
CA LYS D 229 -3.26 2.51 -48.62
C LYS D 229 -4.05 1.29 -49.15
N ASP D 230 -4.04 1.09 -50.50
CA ASP D 230 -4.70 -0.03 -51.19
C ASP D 230 -4.02 -0.40 -52.51
N GLY D 242 1.58 10.77 -54.45
CA GLY D 242 1.27 10.54 -53.03
C GLY D 242 2.42 10.84 -52.09
N PRO D 243 2.19 10.99 -50.76
CA PRO D 243 3.32 11.27 -49.86
C PRO D 243 4.17 10.03 -49.63
N THR D 244 5.44 10.27 -49.30
CA THR D 244 6.43 9.22 -49.04
C THR D 244 6.82 9.20 -47.56
N ALA D 245 7.31 8.06 -47.08
CA ALA D 245 7.77 7.91 -45.70
C ALA D 245 8.99 6.98 -45.62
N SER D 246 9.64 6.94 -44.45
CA SER D 246 10.78 6.10 -44.16
C SER D 246 10.24 4.74 -43.78
N VAL D 247 10.96 3.67 -44.15
CA VAL D 247 10.59 2.32 -43.72
C VAL D 247 11.11 2.14 -42.28
N LEU D 248 12.31 2.66 -42.00
CA LEU D 248 12.92 2.60 -40.68
C LEU D 248 12.88 3.97 -40.04
N TYR D 249 12.60 4.01 -38.73
CA TYR D 249 12.51 5.25 -37.96
C TYR D 249 12.88 4.97 -36.48
N GLY D 250 12.77 5.98 -35.62
CA GLY D 250 13.12 5.81 -34.23
C GLY D 250 14.61 5.92 -34.04
N ASN D 251 15.18 5.08 -33.16
CA ASN D 251 16.60 5.07 -32.89
C ASN D 251 17.37 4.57 -34.10
N ARG D 252 18.47 5.26 -34.42
CA ARG D 252 19.31 4.97 -35.59
C ARG D 252 20.01 3.60 -35.54
N GLU D 253 20.41 3.17 -34.34
N GLU D 253 20.40 3.15 -34.35
CA GLU D 253 21.12 1.92 -34.07
CA GLU D 253 21.09 1.87 -34.17
C GLU D 253 20.15 0.73 -33.96
C GLU D 253 20.12 0.71 -34.00
N LEU D 254 19.01 0.93 -33.25
CA LEU D 254 17.96 -0.05 -32.93
C LEU D 254 16.63 0.52 -33.39
N PRO D 255 16.33 0.46 -34.71
CA PRO D 255 15.13 1.12 -35.23
C PRO D 255 13.78 0.42 -35.07
N PHE D 256 12.73 1.18 -35.44
CA PHE D 256 11.35 0.76 -35.56
C PHE D 256 11.09 0.61 -37.05
N ILE D 257 10.08 -0.19 -37.42
CA ILE D 257 9.78 -0.50 -38.82
C ILE D 257 8.28 -0.27 -39.17
N ARG D 258 8.08 0.15 -40.41
CA ARG D 258 6.81 0.38 -41.08
C ARG D 258 7.04 -0.34 -42.42
N PHE D 259 6.46 -1.56 -42.57
CA PHE D 259 6.70 -2.35 -43.77
C PHE D 259 5.55 -3.24 -44.20
N ASP D 260 5.29 -3.28 -45.52
CA ASP D 260 4.30 -4.12 -46.15
C ASP D 260 4.90 -4.64 -47.46
N ALA D 261 5.44 -5.89 -47.45
CA ALA D 261 6.09 -6.47 -48.65
C ALA D 261 5.18 -6.52 -49.88
N ALA D 262 3.92 -6.94 -49.71
CA ALA D 262 2.92 -7.06 -50.77
C ALA D 262 2.58 -5.71 -51.39
N GLU D 263 2.33 -4.71 -50.56
CA GLU D 263 1.95 -3.36 -50.95
C GLU D 263 3.12 -2.49 -51.44
N GLN D 264 4.32 -2.62 -50.84
CA GLN D 264 5.47 -1.78 -51.20
C GLN D 264 6.42 -2.39 -52.23
N ILE D 265 6.59 -3.72 -52.22
CA ILE D 265 7.50 -4.38 -53.15
C ILE D 265 6.77 -5.09 -54.32
N PHE D 266 5.95 -6.10 -54.00
CA PHE D 266 5.23 -6.94 -54.98
C PHE D 266 3.90 -6.34 -55.42
N ASN D 267 3.95 -5.09 -55.89
CA ASN D 267 2.81 -4.32 -56.33
C ASN D 267 3.28 -3.48 -57.50
N GLU D 268 2.71 -3.72 -58.70
CA GLU D 268 3.03 -3.00 -59.93
C GLU D 268 2.65 -1.52 -59.79
N ASN D 269 1.56 -1.24 -59.03
CA ASN D 269 1.02 0.10 -58.78
C ASN D 269 1.63 0.82 -57.58
N ALA D 270 2.67 0.24 -56.92
CA ALA D 270 3.32 0.85 -55.74
C ALA D 270 3.86 2.26 -56.03
N GLY D 271 4.33 2.49 -57.25
CA GLY D 271 4.84 3.78 -57.72
C GLY D 271 6.16 4.17 -57.11
N GLN D 272 7.05 3.18 -56.93
CA GLN D 272 8.36 3.39 -56.31
C GLN D 272 9.35 3.93 -57.31
N THR D 273 10.27 4.79 -56.84
CA THR D 273 11.35 5.30 -57.69
C THR D 273 12.31 4.10 -57.84
N SER D 274 13.15 4.08 -58.90
CA SER D 274 14.09 2.98 -59.08
C SER D 274 15.05 2.85 -57.88
N GLU D 275 15.48 3.98 -57.31
CA GLU D 275 16.34 4.02 -56.14
C GLU D 275 15.63 3.36 -54.96
N ALA D 276 14.34 3.73 -54.72
CA ALA D 276 13.54 3.18 -53.63
C ALA D 276 13.33 1.68 -53.80
N LEU D 277 12.88 1.24 -54.99
CA LEU D 277 12.66 -0.18 -55.27
C LEU D 277 13.91 -1.03 -55.08
N GLY D 278 15.07 -0.57 -55.58
CA GLY D 278 16.36 -1.22 -55.40
C GLY D 278 16.71 -1.44 -53.93
N ASN D 279 16.51 -0.37 -53.07
CA ASN D 279 16.76 -0.40 -51.62
C ASN D 279 15.85 -1.41 -50.93
N LEU D 280 14.57 -1.49 -51.37
CA LEU D 280 13.56 -2.38 -50.81
C LEU D 280 13.83 -3.84 -51.19
N MET D 281 14.37 -4.06 -52.38
CA MET D 281 14.74 -5.37 -52.88
C MET D 281 15.98 -5.88 -52.16
N ASP D 282 17.01 -5.01 -51.99
CA ASP D 282 18.24 -5.34 -51.25
C ASP D 282 17.86 -5.69 -49.83
N PHE D 283 16.91 -4.93 -49.23
CA PHE D 283 16.39 -5.16 -47.89
C PHE D 283 15.64 -6.49 -47.80
N TRP D 284 14.72 -6.72 -48.77
CA TRP D 284 13.94 -7.94 -48.85
C TRP D 284 14.81 -9.20 -48.99
N ASP D 285 15.94 -9.14 -49.76
CA ASP D 285 16.87 -10.26 -49.91
C ASP D 285 17.44 -10.71 -48.55
N GLU D 286 17.67 -9.75 -47.68
CA GLU D 286 18.19 -9.93 -46.34
C GLU D 286 17.06 -10.38 -45.40
N ALA D 287 15.89 -9.65 -45.43
CA ALA D 287 14.72 -9.89 -44.57
C ALA D 287 13.99 -11.23 -44.79
N LYS D 288 13.87 -11.69 -46.06
CA LYS D 288 13.15 -12.92 -46.40
C LYS D 288 13.72 -14.19 -45.75
N THR D 289 15.03 -14.21 -45.44
CA THR D 289 15.70 -15.36 -44.81
C THR D 289 15.46 -15.39 -43.29
N LEU D 290 14.95 -14.28 -42.75
CA LEU D 290 14.71 -14.08 -41.33
C LEU D 290 13.25 -14.31 -40.90
N ILE D 291 12.34 -14.53 -41.86
CA ILE D 291 10.92 -14.80 -41.59
C ILE D 291 10.80 -16.14 -40.84
N ASN D 292 10.07 -16.11 -39.71
CA ASN D 292 9.85 -17.27 -38.85
C ASN D 292 8.40 -17.77 -39.05
N SER D 293 8.25 -18.96 -39.61
CA SER D 293 6.98 -19.63 -39.90
C SER D 293 6.80 -20.90 -39.06
N ASP D 294 7.63 -21.08 -38.02
CA ASP D 294 7.64 -22.25 -37.14
C ASP D 294 6.39 -22.42 -36.28
N TYR D 295 5.80 -21.32 -35.82
CA TYR D 295 4.66 -21.39 -34.92
C TYR D 295 3.31 -21.57 -35.60
N ILE D 296 2.61 -22.67 -35.23
CA ILE D 296 1.26 -22.99 -35.67
C ILE D 296 0.34 -22.82 -34.43
N PRO D 297 -0.44 -21.72 -34.35
CA PRO D 297 -1.28 -21.52 -33.16
C PRO D 297 -2.35 -22.57 -32.94
N ASN D 298 -2.61 -22.88 -31.66
CA ASN D 298 -3.69 -23.78 -31.25
C ASN D 298 -4.79 -22.93 -30.65
N SER D 299 -5.98 -23.51 -30.54
CA SER D 299 -7.15 -22.87 -29.94
C SER D 299 -6.78 -22.39 -28.51
N GLY D 300 -6.98 -21.09 -28.27
CA GLY D 300 -6.71 -20.47 -26.98
C GLY D 300 -5.36 -19.80 -26.88
N ASP D 301 -4.57 -19.82 -27.97
CA ASP D 301 -3.27 -19.14 -28.02
C ASP D 301 -3.48 -17.71 -28.40
N LEU D 302 -2.63 -16.83 -27.87
CA LEU D 302 -2.66 -15.42 -28.19
C LEU D 302 -1.26 -14.95 -28.56
N ILE D 303 -1.12 -14.27 -29.69
CA ILE D 303 0.15 -13.67 -30.11
C ILE D 303 0.04 -12.15 -29.83
N PHE D 304 0.98 -11.65 -29.00
CA PHE D 304 1.07 -10.23 -28.64
C PHE D 304 2.29 -9.63 -29.36
N VAL D 305 2.05 -8.57 -30.13
CA VAL D 305 3.05 -7.96 -31.03
C VAL D 305 3.27 -6.48 -30.77
N ASN D 306 4.55 -6.04 -30.78
CA ASN D 306 4.96 -4.66 -30.82
C ASN D 306 5.01 -4.39 -32.34
N ASN D 307 4.00 -3.66 -32.83
CA ASN D 307 3.80 -3.34 -34.24
C ASN D 307 4.88 -2.41 -34.84
N HIS D 308 5.80 -1.92 -34.02
CA HIS D 308 6.94 -1.10 -34.43
C HIS D 308 8.20 -1.96 -34.60
N LEU D 309 8.16 -3.24 -34.17
CA LEU D 309 9.32 -4.13 -34.24
C LEU D 309 9.12 -5.37 -35.08
N CYS D 310 7.90 -5.88 -35.10
CA CYS D 310 7.59 -7.16 -35.67
C CYS D 310 6.43 -7.10 -36.65
N ALA D 311 6.69 -7.61 -37.88
CA ALA D 311 5.72 -7.79 -38.95
C ALA D 311 5.08 -9.18 -38.79
N HIS D 312 3.83 -9.32 -39.21
CA HIS D 312 3.09 -10.57 -39.13
C HIS D 312 2.45 -10.94 -40.48
N GLY D 313 2.03 -12.19 -40.58
CA GLY D 313 1.35 -12.75 -41.73
C GLY D 313 0.91 -14.17 -41.43
N ARG D 314 0.41 -14.87 -42.45
CA ARG D 314 -0.04 -16.27 -42.34
C ARG D 314 0.11 -16.96 -43.70
N SER D 315 0.50 -18.24 -43.70
CA SER D 315 0.63 -19.01 -44.96
C SER D 315 -0.74 -19.24 -45.62
N ALA D 316 -0.74 -19.76 -46.86
CA ALA D 316 -1.94 -20.06 -47.60
C ALA D 316 -2.65 -21.27 -46.96
N PHE D 317 -3.98 -21.33 -47.12
CA PHE D 317 -4.79 -22.44 -46.63
C PHE D 317 -6.17 -22.51 -47.29
N ILE D 318 -6.81 -23.68 -47.21
CA ILE D 318 -8.17 -23.84 -47.70
C ILE D 318 -8.98 -23.84 -46.43
N ALA D 319 -9.88 -22.85 -46.28
CA ALA D 319 -10.73 -22.70 -45.09
C ALA D 319 -11.62 -23.93 -44.87
N GLY D 320 -11.63 -24.44 -43.64
CA GLY D 320 -12.41 -25.60 -43.27
C GLY D 320 -11.82 -26.97 -43.57
N GLN D 321 -10.53 -27.04 -43.98
CA GLN D 321 -9.84 -28.31 -44.26
C GLN D 321 -8.33 -28.28 -43.97
N ARG D 322 -7.75 -29.46 -43.67
CA ARG D 322 -6.32 -29.69 -43.45
C ARG D 322 -5.90 -31.01 -44.09
N ILE D 323 -4.65 -31.10 -44.60
CA ILE D 323 -4.12 -32.33 -45.23
C ILE D 323 -2.92 -32.85 -44.41
N GLU D 324 -2.89 -34.16 -44.12
CA GLU D 324 -1.79 -34.84 -43.43
C GLU D 324 -1.56 -36.23 -44.04
N ASN D 325 -0.30 -36.50 -44.45
CA ASN D 325 0.17 -37.76 -45.08
C ASN D 325 -0.42 -38.01 -46.49
N GLY D 326 -1.51 -37.32 -46.84
CA GLY D 326 -2.17 -37.43 -48.14
C GLY D 326 -3.67 -37.21 -48.10
N GLU D 327 -4.31 -37.47 -46.93
CA GLU D 327 -5.75 -37.40 -46.70
C GLU D 327 -6.27 -35.98 -46.38
N ILE D 328 -7.52 -35.67 -46.81
CA ILE D 328 -8.21 -34.40 -46.55
C ILE D 328 -9.06 -34.58 -45.30
N ILE D 329 -8.84 -33.73 -44.30
CA ILE D 329 -9.59 -33.74 -43.06
C ILE D 329 -10.45 -32.48 -43.02
N LYS D 330 -11.79 -32.65 -43.02
CA LYS D 330 -12.74 -31.53 -42.93
C LYS D 330 -12.79 -31.02 -41.47
N CYS D 331 -12.93 -29.70 -41.29
CA CYS D 331 -12.94 -29.09 -39.95
C CYS D 331 -13.71 -27.77 -39.92
N GLU D 332 -13.88 -27.18 -38.71
CA GLU D 332 -14.48 -25.87 -38.53
C GLU D 332 -13.52 -24.80 -39.05
N ARG D 333 -14.06 -23.70 -39.60
CA ARG D 333 -13.24 -22.66 -40.20
C ARG D 333 -12.49 -21.80 -39.16
N ARG D 334 -11.29 -21.33 -39.57
CA ARG D 334 -10.37 -20.49 -38.81
C ARG D 334 -11.07 -19.27 -38.27
N GLN D 335 -10.79 -18.96 -37.00
CA GLN D 335 -11.35 -17.82 -36.33
C GLN D 335 -10.36 -17.26 -35.36
N MET D 336 -9.98 -16.00 -35.59
CA MET D 336 -9.03 -15.26 -34.79
C MET D 336 -9.67 -13.91 -34.41
N LEU D 337 -9.36 -13.40 -33.20
CA LEU D 337 -9.84 -12.10 -32.72
C LEU D 337 -8.68 -11.14 -32.61
N ARG D 338 -8.82 -9.95 -33.22
CA ARG D 338 -7.78 -8.92 -33.24
C ARG D 338 -8.15 -7.63 -32.49
N MET D 339 -7.24 -7.19 -31.66
CA MET D 339 -7.33 -5.95 -30.89
C MET D 339 -6.03 -5.17 -31.11
N MET D 340 -6.17 -3.86 -31.37
CA MET D 340 -5.10 -2.90 -31.60
C MET D 340 -5.11 -1.82 -30.53
N SER D 341 -3.92 -1.31 -30.16
CA SER D 341 -3.82 -0.29 -29.13
C SER D 341 -2.74 0.74 -29.35
N LYS D 342 -2.90 1.93 -28.73
CA LYS D 342 -1.97 3.05 -28.76
C LYS D 342 -1.59 3.43 -27.33
N THR D 343 -0.30 3.66 -27.06
CA THR D 343 0.24 4.00 -25.73
C THR D 343 -0.04 5.45 -25.34
N SER D 344 -0.35 6.32 -26.33
CA SER D 344 -0.64 7.74 -26.11
C SER D 344 -1.86 8.25 -26.93
N LEU D 345 -2.88 8.79 -26.20
CA LEU D 345 -4.04 9.43 -26.85
C LEU D 345 -3.69 10.85 -27.27
N ILE D 346 -2.62 11.43 -26.69
CA ILE D 346 -2.16 12.79 -26.96
C ILE D 346 -1.59 12.95 -28.38
N HIS D 347 -0.60 12.11 -28.77
CA HIS D 347 0.11 12.26 -30.04
C HIS D 347 -0.77 11.90 -31.27
N ILE D 348 -1.89 11.19 -31.06
CA ILE D 348 -2.88 10.86 -32.11
C ILE D 348 -4.07 11.83 -32.15
N ARG D 349 -4.10 12.82 -31.24
CA ARG D 349 -5.23 13.74 -31.09
C ARG D 349 -5.62 14.49 -32.35
N SER D 350 -4.66 14.83 -33.24
CA SER D 350 -5.03 15.56 -34.46
C SER D 350 -5.82 14.68 -35.47
N VAL D 351 -5.77 13.33 -35.32
CA VAL D 351 -6.43 12.39 -36.24
C VAL D 351 -7.61 11.62 -35.58
N THR D 352 -7.98 11.93 -34.34
CA THR D 352 -9.11 11.23 -33.72
C THR D 352 -10.40 12.06 -33.79
N ARG D 353 -11.57 11.40 -33.59
CA ARG D 353 -12.87 12.06 -33.56
C ARG D 353 -12.89 13.01 -32.35
N THR D 354 -13.53 14.18 -32.50
CA THR D 354 -13.64 15.20 -31.46
C THR D 354 -14.27 14.62 -30.19
N ASP D 355 -15.37 13.85 -30.33
CA ASP D 355 -16.07 13.22 -29.20
C ASP D 355 -15.55 11.82 -28.84
N ASP D 356 -14.54 11.30 -29.56
CA ASP D 356 -13.93 9.99 -29.26
C ASP D 356 -12.41 9.98 -29.51
N PRO D 357 -11.56 10.24 -28.47
CA PRO D 357 -10.10 10.22 -28.66
C PRO D 357 -9.48 8.83 -28.87
N TYR D 358 -10.31 7.77 -28.97
CA TYR D 358 -9.86 6.39 -29.22
C TYR D 358 -10.21 5.97 -30.65
N PHE D 359 -10.85 6.87 -31.44
CA PHE D 359 -11.26 6.57 -32.80
C PHE D 359 -10.43 7.34 -33.83
N ILE D 360 -9.48 6.63 -34.49
CA ILE D 360 -8.56 7.22 -35.47
C ILE D 360 -9.21 7.34 -36.85
N MET D 361 -9.28 8.59 -37.34
CA MET D 361 -9.88 9.01 -38.61
C MET D 361 -8.87 9.22 -39.74
N GLU D 362 -7.60 8.87 -39.50
CA GLU D 362 -6.53 9.00 -40.48
C GLU D 362 -6.72 8.02 -41.64
N GLU D 363 -6.52 8.50 -42.88
CA GLU D 363 -6.63 7.74 -44.11
C GLU D 363 -5.28 7.34 -44.72
N HIS D 364 -4.33 8.29 -44.82
CA HIS D 364 -3.02 8.02 -45.43
C HIS D 364 -1.99 9.05 -45.00
N LEU D 365 -0.92 8.59 -44.35
CA LEU D 365 0.24 9.35 -43.84
C LEU D 365 -0.06 10.83 -43.48
N GLY D 366 -0.95 11.04 -42.52
CA GLY D 366 -1.33 12.35 -42.04
C GLY D 366 -2.67 12.87 -42.53
N LYS D 367 -3.07 12.45 -43.74
CA LYS D 367 -4.35 12.84 -44.35
C LYS D 367 -5.48 12.11 -43.63
N ILE D 368 -6.54 12.86 -43.30
CA ILE D 368 -7.74 12.38 -42.61
C ILE D 368 -8.81 12.09 -43.66
N PHE D 369 -9.66 11.07 -43.40
CA PHE D 369 -10.78 10.73 -44.27
C PHE D 369 -11.74 11.90 -44.41
N ASP D 370 -12.24 12.13 -45.64
CA ASP D 370 -13.23 13.17 -45.87
C ASP D 370 -14.60 12.50 -45.93
N LEU D 371 -15.38 12.63 -44.84
CA LEU D 371 -16.71 12.03 -44.67
C LEU D 371 -17.88 12.92 -45.13
N ASP D 372 -17.72 14.26 -45.03
CA ASP D 372 -18.73 15.26 -45.42
C ASP D 372 -19.00 15.27 -46.93
#